data_2XE5
#
_entry.id   2XE5
#
_cell.length_a   74.180
_cell.length_b   93.680
_cell.length_c   115.910
_cell.angle_alpha   98.74
_cell.angle_beta   108.79
_cell.angle_gamma   109.71
#
_symmetry.space_group_name_H-M   'P 1'
#
loop_
_entity.id
_entity.type
_entity.pdbx_description
1 polymer 'OUTER MEMBRANE PORIN C'
2 non-polymer (HYDROXYETHYLOXY)TRI(ETHYLOXY)OCTANE
3 non-polymer HEXANE
4 non-polymer DODECANE
5 non-polymer N-OCTANE
6 non-polymer 'SULFATE ION'
7 non-polymer DECANE
8 non-polymer '2-(DIMETHYLAMINO)ETHANESULFONIC ACID'
9 non-polymer 'N-OCTYL-2-HYDROXYETHYL SULFOXIDE'
10 non-polymer HEPTANE
11 water water
#
_entity_poly.entity_id   1
_entity_poly.type   'polypeptide(L)'
_entity_poly.pdbx_seq_one_letter_code
;AEIYNKDGNKLDLYGKVEGLHYFSDNDSKDGDKTYMRLGFKGETQVTDQLTGYGQWEYQIQGNEPESDNSSWTRVAFAGL
KFQDVGSFDYGRNYGVVYDVTSWTDVLPEFGGDTYDSDNFMQQRGNGFATYRNTDFFGLVDGLDFAVQYQGKNGSAHGEG
MTTNGRDDVFEQNGDGVGGSITYNYEGFGIGAAVSSSKRTWDQNNTGLIGTGDRAETYTGGLKYDANNIYLAAQYTQTYN
ATRVGSLGWANKAQNFEAVAQYQFDFGLRPSLAYLQSKGKNLGRGYDDEDILKYVDVGATYYFNKNMSTYVDYKINLLDD
NRFTRDAGINTDDIVALGLVYQF
;
_entity_poly.pdbx_strand_id   A,B,C,D,E,F
#
# COMPACT_ATOMS: atom_id res chain seq x y z
N ALA A 1 -43.89 10.91 7.17
CA ALA A 1 -45.38 11.00 7.32
C ALA A 1 -46.06 9.70 6.95
N GLU A 2 -47.07 9.32 7.73
CA GLU A 2 -47.82 8.09 7.48
C GLU A 2 -48.75 8.32 6.31
N ILE A 3 -48.46 7.68 5.17
CA ILE A 3 -49.24 7.91 3.94
C ILE A 3 -50.11 6.72 3.59
N TYR A 4 -50.04 5.69 4.42
CA TYR A 4 -50.79 4.47 4.20
C TYR A 4 -50.93 3.73 5.51
N ASN A 5 -52.16 3.36 5.82
CA ASN A 5 -52.48 2.55 7.00
C ASN A 5 -53.77 1.86 6.69
N LYS A 6 -53.71 0.56 6.41
CA LYS A 6 -54.83 -0.18 5.82
C LYS A 6 -54.63 -1.68 5.93
N ASP A 7 -55.69 -2.40 6.26
CA ASP A 7 -55.68 -3.87 6.15
C ASP A 7 -54.36 -4.49 6.65
N GLY A 8 -53.90 -4.07 7.83
CA GLY A 8 -52.73 -4.67 8.50
C GLY A 8 -51.35 -4.14 8.14
N ASN A 9 -51.25 -3.24 7.17
CA ASN A 9 -49.96 -2.63 6.82
C ASN A 9 -49.97 -1.14 6.98
N LYS A 10 -48.86 -0.58 7.45
CA LYS A 10 -48.68 0.88 7.44
C LYS A 10 -47.32 1.29 6.89
N LEU A 11 -47.29 2.49 6.33
CA LEU A 11 -46.13 2.99 5.64
C LEU A 11 -45.92 4.45 5.94
N ASP A 12 -44.73 4.78 6.43
CA ASP A 12 -44.33 6.14 6.67
C ASP A 12 -43.30 6.52 5.61
N LEU A 13 -43.66 7.47 4.76
CA LEU A 13 -42.73 8.03 3.81
C LEU A 13 -42.24 9.29 4.50
N TYR A 14 -40.94 9.35 4.75
CA TYR A 14 -40.38 10.48 5.49
C TYR A 14 -39.19 11.06 4.74
N GLY A 15 -38.80 12.28 5.11
CA GLY A 15 -37.77 12.97 4.38
C GLY A 15 -37.53 14.39 4.84
N LYS A 16 -36.43 14.96 4.37
CA LYS A 16 -36.15 16.36 4.64
C LYS A 16 -35.28 16.93 3.56
N VAL A 17 -35.36 18.26 3.46
CA VAL A 17 -34.45 19.06 2.65
C VAL A 17 -33.77 20.01 3.60
N GLU A 18 -32.47 19.97 3.57
CA GLU A 18 -31.63 20.77 4.42
C GLU A 18 -30.92 21.74 3.50
N GLY A 19 -31.39 22.98 3.49
CA GLY A 19 -30.65 24.08 2.88
C GLY A 19 -29.53 24.41 3.84
N LEU A 20 -28.31 24.12 3.42
CA LEU A 20 -27.19 24.10 4.33
C LEU A 20 -25.96 24.76 3.68
N HIS A 21 -25.33 25.67 4.41
CA HIS A 21 -24.09 26.33 3.98
C HIS A 21 -23.02 26.28 5.06
N TYR A 22 -21.81 25.92 4.66
CA TYR A 22 -20.63 25.87 5.56
C TYR A 22 -19.77 27.08 5.30
N PHE A 23 -19.27 27.69 6.38
CA PHE A 23 -18.30 28.78 6.27
C PHE A 23 -17.01 28.35 6.94
N SER A 24 -15.90 28.40 6.23
CA SER A 24 -14.60 27.97 6.78
C SER A 24 -13.43 28.59 6.03
N ASP A 25 -12.32 28.76 6.73
CA ASP A 25 -11.07 29.19 6.10
C ASP A 25 -10.49 28.03 5.30
N ASN A 26 -10.87 26.80 5.67
CA ASN A 26 -10.53 25.61 4.87
C ASN A 26 -11.49 25.54 3.67
N ASP A 27 -10.95 25.75 2.47
CA ASP A 27 -11.77 25.89 1.28
C ASP A 27 -12.54 24.62 0.95
N SER A 28 -12.01 23.49 1.35
CA SER A 28 -12.65 22.19 1.11
C SER A 28 -13.83 21.96 2.05
N LYS A 29 -14.02 22.88 2.99
CA LYS A 29 -15.14 22.80 3.91
C LYS A 29 -16.06 23.99 3.79
N ASP A 30 -15.81 24.82 2.78
CA ASP A 30 -16.48 26.11 2.65
C ASP A 30 -17.43 26.09 1.48
N GLY A 31 -18.69 26.43 1.73
CA GLY A 31 -19.68 26.54 0.67
C GLY A 31 -20.93 25.69 0.88
N ASP A 32 -21.65 25.49 -0.21
CA ASP A 32 -22.96 24.86 -0.23
C ASP A 32 -22.90 23.39 0.14
N LYS A 33 -23.73 23.03 1.11
CA LYS A 33 -23.83 21.66 1.56
C LYS A 33 -25.27 21.15 1.53
N THR A 34 -26.12 21.81 0.78
CA THR A 34 -27.50 21.41 0.68
C THR A 34 -27.65 19.93 0.32
N TYR A 35 -28.58 19.27 0.99
CA TYR A 35 -28.92 17.89 0.68
C TYR A 35 -30.35 17.51 1.08
N MET A 36 -30.73 16.35 0.61
CA MET A 36 -32.06 15.81 0.78
C MET A 36 -31.92 14.41 1.38
N ARG A 37 -32.84 14.05 2.27
CA ARG A 37 -32.96 12.66 2.73
C ARG A 37 -34.38 12.23 2.62
N LEU A 38 -34.54 10.95 2.36
CA LEU A 38 -35.80 10.38 2.00
C LEU A 38 -35.78 8.94 2.46
N GLY A 39 -36.87 8.48 3.04
CA GLY A 39 -37.00 7.08 3.37
C GLY A 39 -38.41 6.56 3.53
N PHE A 40 -38.48 5.25 3.73
CA PHE A 40 -39.72 4.63 4.11
C PHE A 40 -39.56 3.68 5.27
N LYS A 41 -40.60 3.61 6.08
CA LYS A 41 -40.62 2.77 7.23
C LYS A 41 -41.96 2.09 7.21
N GLY A 42 -41.91 0.76 7.16
CA GLY A 42 -43.08 -0.07 6.92
C GLY A 42 -43.18 -1.08 8.03
N GLU A 43 -44.40 -1.28 8.49
CA GLU A 43 -44.71 -2.19 9.57
C GLU A 43 -45.99 -2.92 9.21
N THR A 44 -45.95 -4.24 9.27
CA THR A 44 -47.13 -5.10 9.03
C THR A 44 -47.45 -5.99 10.24
N GLN A 45 -48.71 -6.00 10.67
CA GLN A 45 -49.16 -6.93 11.73
C GLN A 45 -49.48 -8.30 11.13
N VAL A 46 -48.71 -9.32 11.51
CA VAL A 46 -48.94 -10.67 11.01
C VAL A 46 -49.95 -11.37 11.90
N THR A 47 -49.62 -11.42 13.19
CA THR A 47 -50.53 -11.86 14.25
C THR A 47 -50.52 -10.78 15.33
N ASP A 48 -51.24 -11.01 16.43
CA ASP A 48 -51.28 -10.04 17.54
C ASP A 48 -49.95 -9.83 18.20
N GLN A 49 -49.06 -10.80 18.05
CA GLN A 49 -47.73 -10.75 18.67
C GLN A 49 -46.59 -10.54 17.65
N LEU A 50 -46.84 -10.86 16.40
CA LEU A 50 -45.78 -10.86 15.38
C LEU A 50 -45.98 -9.72 14.39
N THR A 51 -45.03 -8.81 14.32
CA THR A 51 -45.01 -7.81 13.27
C THR A 51 -43.82 -8.07 12.32
N GLY A 52 -44.04 -7.76 11.06
CA GLY A 52 -42.98 -7.74 10.06
C GLY A 52 -42.71 -6.28 9.74
N TYR A 53 -41.46 -5.98 9.40
CA TYR A 53 -41.08 -4.60 9.10
C TYR A 53 -39.93 -4.49 8.13
N GLY A 54 -39.82 -3.30 7.55
CA GLY A 54 -38.74 -2.95 6.66
C GLY A 54 -38.52 -1.47 6.63
N GLN A 55 -37.29 -1.07 6.36
CA GLN A 55 -36.94 0.31 6.33
C GLN A 55 -35.77 0.52 5.37
N TRP A 56 -35.85 1.65 4.69
CA TRP A 56 -34.97 2.07 3.62
C TRP A 56 -34.81 3.59 3.78
N GLU A 57 -33.59 4.07 3.73
CA GLU A 57 -33.33 5.51 3.81
C GLU A 57 -32.16 5.82 2.88
N TYR A 58 -32.30 6.92 2.17
CA TYR A 58 -31.49 7.31 1.05
C TYR A 58 -31.10 8.76 1.27
N GLN A 59 -29.89 9.11 0.89
CA GLN A 59 -29.44 10.51 0.89
C GLN A 59 -29.05 10.95 -0.51
N ILE A 60 -29.42 12.15 -0.85
CA ILE A 60 -29.21 12.69 -2.18
C ILE A 60 -28.67 14.10 -2.00
N GLN A 61 -27.47 14.28 -2.48
CA GLN A 61 -26.79 15.55 -2.37
C GLN A 61 -27.54 16.57 -3.24
N GLY A 62 -27.68 17.79 -2.74
CA GLY A 62 -28.33 18.87 -3.50
C GLY A 62 -27.39 20.02 -3.79
N ASN A 63 -26.10 19.78 -3.65
CA ASN A 63 -25.08 20.83 -3.82
C ASN A 63 -24.22 20.58 -5.02
N GLU A 64 -24.65 19.71 -5.90
CA GLU A 64 -23.88 19.31 -7.09
C GLU A 64 -24.54 19.77 -8.37
N PRO A 65 -23.74 19.89 -9.44
CA PRO A 65 -24.35 20.18 -10.71
C PRO A 65 -25.06 18.93 -11.21
N GLU A 66 -25.89 19.13 -12.21
CA GLU A 66 -26.78 18.13 -12.74
C GLU A 66 -26.07 17.08 -13.60
N SER A 67 -24.84 17.34 -13.99
CA SER A 67 -24.07 16.38 -14.80
C SER A 67 -23.43 15.28 -13.97
N ASP A 68 -23.37 15.47 -12.66
CA ASP A 68 -22.64 14.59 -11.74
C ASP A 68 -23.19 14.69 -10.31
N ASN A 69 -24.34 14.06 -10.08
CA ASN A 69 -25.00 14.12 -8.76
C ASN A 69 -24.94 12.75 -8.05
N SER A 70 -24.56 12.78 -6.78
CA SER A 70 -24.31 11.61 -5.95
C SER A 70 -25.37 11.39 -4.84
N SER A 71 -25.64 10.11 -4.62
CA SER A 71 -26.63 9.65 -3.67
C SER A 71 -26.21 8.30 -3.09
N TRP A 72 -26.86 7.88 -2.04
CA TRP A 72 -26.50 6.64 -1.40
C TRP A 72 -27.57 6.19 -0.42
N THR A 73 -27.60 4.88 -0.21
CA THR A 73 -28.45 4.23 0.76
C THR A 73 -27.79 4.26 2.08
N ARG A 74 -28.49 4.79 3.06
CA ARG A 74 -28.04 4.80 4.45
C ARG A 74 -28.41 3.50 5.19
N VAL A 75 -29.68 3.13 5.13
CA VAL A 75 -30.16 1.88 5.71
C VAL A 75 -31.10 1.16 4.76
N ALA A 76 -31.14 -0.16 4.88
CA ALA A 76 -32.01 -0.98 4.05
C ALA A 76 -32.06 -2.35 4.66
N PHE A 77 -33.12 -2.60 5.43
CA PHE A 77 -33.26 -3.84 6.19
C PHE A 77 -34.72 -4.29 6.35
N ALA A 78 -34.88 -5.61 6.50
CA ALA A 78 -36.15 -6.29 6.75
C ALA A 78 -36.03 -7.02 8.06
N GLY A 79 -37.13 -7.12 8.78
CA GLY A 79 -37.12 -7.88 10.04
C GLY A 79 -38.47 -8.32 10.56
N LEU A 80 -38.41 -9.10 11.62
CA LEU A 80 -39.56 -9.62 12.33
C LEU A 80 -39.43 -9.27 13.81
N LYS A 81 -40.56 -8.99 14.45
CA LYS A 81 -40.60 -8.66 15.87
C LYS A 81 -41.69 -9.48 16.54
N PHE A 82 -41.32 -10.28 17.53
CA PHE A 82 -42.31 -11.01 18.32
C PHE A 82 -42.40 -10.45 19.74
N GLN A 83 -43.60 -10.29 20.24
CA GLN A 83 -43.84 -9.58 21.51
C GLN A 83 -43.20 -10.30 22.70
N ASP A 84 -42.51 -9.55 23.56
CA ASP A 84 -41.84 -10.09 24.74
C ASP A 84 -40.78 -11.16 24.40
N VAL A 85 -40.34 -11.22 23.16
CA VAL A 85 -39.32 -12.21 22.75
C VAL A 85 -38.14 -11.53 22.05
N GLY A 86 -38.46 -10.54 21.23
CA GLY A 86 -37.48 -9.65 20.63
C GLY A 86 -37.67 -9.54 19.13
N SER A 87 -36.72 -8.87 18.48
CA SER A 87 -36.75 -8.69 17.03
C SER A 87 -35.47 -9.18 16.39
N PHE A 88 -35.58 -9.50 15.11
CA PHE A 88 -34.42 -9.80 14.27
C PHE A 88 -34.59 -9.05 12.95
N ASP A 89 -33.51 -8.43 12.51
CA ASP A 89 -33.48 -7.82 11.19
C ASP A 89 -32.11 -7.96 10.54
N TYR A 90 -32.14 -8.00 9.23
CA TYR A 90 -30.95 -8.14 8.42
C TYR A 90 -30.95 -7.13 7.29
N GLY A 91 -29.79 -6.55 7.05
CA GLY A 91 -29.53 -5.67 5.92
C GLY A 91 -28.42 -4.70 6.24
N ARG A 92 -28.49 -3.55 5.61
CA ARG A 92 -27.62 -2.45 5.90
C ARG A 92 -28.26 -1.73 7.05
N ASN A 93 -27.48 -1.47 8.09
CA ASN A 93 -28.07 -0.94 9.31
C ASN A 93 -27.00 -0.32 10.16
N TYR A 94 -27.37 0.00 11.40
CA TYR A 94 -26.48 0.58 12.39
C TYR A 94 -25.80 -0.50 13.24
N GLY A 95 -24.49 -0.41 13.34
CA GLY A 95 -23.76 -1.26 14.25
C GLY A 95 -24.21 -1.03 15.67
N VAL A 96 -24.19 -2.10 16.44
CA VAL A 96 -24.68 -2.11 17.81
C VAL A 96 -23.93 -1.14 18.74
N VAL A 97 -22.65 -0.88 18.47
CA VAL A 97 -21.91 0.19 19.14
C VAL A 97 -22.68 1.53 19.16
N TYR A 98 -23.29 1.88 18.03
CA TYR A 98 -24.09 3.09 17.91
C TYR A 98 -25.33 3.12 18.87
N ASP A 99 -25.71 1.97 19.46
CA ASP A 99 -26.78 1.96 20.45
C ASP A 99 -26.39 2.86 21.63
N VAL A 100 -25.08 3.03 21.85
CA VAL A 100 -24.61 3.93 22.91
C VAL A 100 -23.96 5.23 22.38
N THR A 101 -23.10 5.12 21.36
CA THR A 101 -22.41 6.32 20.88
C THR A 101 -23.43 7.31 20.35
N SER A 102 -24.57 6.82 19.89
CA SER A 102 -25.65 7.69 19.38
C SER A 102 -26.14 8.75 20.36
N TRP A 103 -26.00 8.49 21.65
CA TRP A 103 -26.46 9.42 22.71
C TRP A 103 -25.83 10.83 22.68
N THR A 104 -24.63 10.94 22.11
CA THR A 104 -23.95 12.21 21.91
C THR A 104 -24.04 12.74 20.48
N ASP A 105 -24.59 11.93 19.57
CA ASP A 105 -24.79 12.31 18.17
C ASP A 105 -26.09 13.10 17.94
N VAL A 106 -26.19 14.25 18.62
CA VAL A 106 -27.43 15.04 18.62
C VAL A 106 -27.18 16.52 18.32
N LEU A 107 -26.04 16.84 17.72
CA LEU A 107 -25.70 18.24 17.43
C LEU A 107 -26.46 18.66 16.17
N PRO A 108 -26.61 19.98 15.94
CA PRO A 108 -27.35 20.41 14.73
C PRO A 108 -26.76 19.91 13.41
N GLU A 109 -25.45 19.98 13.26
CA GLU A 109 -24.80 19.50 12.03
C GLU A 109 -23.53 18.67 12.27
N PHE A 110 -22.69 19.10 13.20
CA PHE A 110 -21.42 18.41 13.47
C PHE A 110 -21.64 17.23 14.40
N GLY A 111 -20.58 16.74 15.02
CA GLY A 111 -20.69 15.66 15.99
C GLY A 111 -20.69 14.29 15.33
N GLY A 112 -20.67 13.26 16.14
CA GLY A 112 -20.79 11.89 15.67
C GLY A 112 -19.63 11.45 14.81
N ASP A 113 -18.48 12.08 14.97
CA ASP A 113 -17.38 11.85 14.03
C ASP A 113 -16.06 11.41 14.67
N THR A 114 -16.15 10.73 15.81
CA THR A 114 -15.02 9.93 16.32
C THR A 114 -15.05 8.51 15.68
N TYR A 115 -15.91 8.35 14.68
CA TYR A 115 -16.06 7.11 13.92
C TYR A 115 -16.70 7.49 12.59
N ASP A 116 -16.85 6.50 11.71
CA ASP A 116 -17.34 6.72 10.36
C ASP A 116 -18.44 5.72 10.03
N SER A 117 -19.11 5.98 8.93
CA SER A 117 -19.86 4.94 8.20
C SER A 117 -18.92 3.87 7.59
N ASP A 118 -19.43 2.66 7.49
CA ASP A 118 -18.70 1.53 6.90
C ASP A 118 -17.36 1.36 7.60
N ASN A 119 -17.43 1.42 8.92
CA ASN A 119 -16.27 1.49 9.81
C ASN A 119 -16.46 0.42 10.86
N PHE A 120 -16.37 -0.82 10.43
CA PHE A 120 -16.68 -1.99 11.27
C PHE A 120 -18.08 -1.84 11.86
N MET A 121 -18.27 -2.12 13.13
CA MET A 121 -19.64 -2.17 13.68
C MET A 121 -19.97 -0.91 14.48
N GLN A 122 -19.26 0.18 14.17
CA GLN A 122 -19.39 1.45 14.90
C GLN A 122 -20.56 2.33 14.45
N GLN A 123 -20.93 2.25 13.18
CA GLN A 123 -22.06 3.02 12.68
C GLN A 123 -22.76 2.27 11.54
N ARG A 124 -23.20 2.96 10.50
CA ARG A 124 -23.92 2.28 9.43
C ARG A 124 -22.93 1.36 8.69
N GLY A 125 -23.44 0.25 8.20
CA GLY A 125 -22.60 -0.75 7.54
C GLY A 125 -23.44 -1.82 6.90
N ASN A 126 -22.80 -2.59 6.01
CA ASN A 126 -23.49 -3.69 5.27
C ASN A 126 -23.51 -5.02 6.02
N GLY A 127 -24.63 -5.71 5.89
CA GLY A 127 -24.70 -7.10 6.29
C GLY A 127 -24.74 -7.35 7.78
N PHE A 128 -25.53 -6.55 8.49
CA PHE A 128 -25.76 -6.73 9.91
C PHE A 128 -26.97 -7.65 10.13
N ALA A 129 -26.73 -8.73 10.87
CA ALA A 129 -27.77 -9.57 11.43
C ALA A 129 -27.89 -9.17 12.90
N THR A 130 -29.01 -8.57 13.27
CA THR A 130 -29.17 -7.97 14.59
C THR A 130 -30.37 -8.56 15.32
N TYR A 131 -30.11 -9.10 16.50
CA TYR A 131 -31.14 -9.51 17.42
C TYR A 131 -31.26 -8.46 18.50
N ARG A 132 -32.49 -8.11 18.85
CA ARG A 132 -32.76 -7.11 19.88
C ARG A 132 -33.85 -7.59 20.81
N ASN A 133 -33.67 -7.29 22.09
CA ASN A 133 -34.63 -7.61 23.13
C ASN A 133 -34.90 -6.38 23.96
N THR A 134 -36.17 -6.00 24.05
CA THR A 134 -36.55 -4.78 24.73
C THR A 134 -37.35 -5.11 25.97
N ASP A 135 -37.01 -4.44 27.07
CA ASP A 135 -37.62 -4.67 28.39
C ASP A 135 -37.35 -6.08 28.94
N PHE A 136 -36.22 -6.65 28.52
CA PHE A 136 -35.82 -8.02 28.89
C PHE A 136 -37.00 -9.01 28.92
N PHE A 137 -37.41 -9.46 27.74
CA PHE A 137 -38.52 -10.42 27.62
C PHE A 137 -39.80 -9.93 28.33
N GLY A 138 -39.96 -8.62 28.44
CA GLY A 138 -41.10 -8.00 29.15
C GLY A 138 -41.02 -7.96 30.67
N LEU A 139 -39.86 -8.35 31.21
CA LEU A 139 -39.67 -8.51 32.66
C LEU A 139 -39.06 -7.31 33.39
N VAL A 140 -38.22 -6.53 32.69
CA VAL A 140 -37.52 -5.39 33.31
C VAL A 140 -37.67 -4.13 32.46
N ASP A 141 -38.60 -3.25 32.83
CA ASP A 141 -38.91 -2.07 32.03
C ASP A 141 -37.65 -1.20 31.87
N GLY A 142 -37.26 -0.94 30.64
CA GLY A 142 -36.09 -0.09 30.35
C GLY A 142 -34.79 -0.84 30.10
N LEU A 143 -34.80 -2.16 30.30
CA LEU A 143 -33.59 -2.94 30.04
C LEU A 143 -33.65 -3.50 28.62
N ASP A 144 -32.80 -2.96 27.76
CA ASP A 144 -32.70 -3.40 26.37
C ASP A 144 -31.31 -3.97 26.10
N PHE A 145 -31.24 -4.93 25.19
CA PHE A 145 -29.94 -5.43 24.77
C PHE A 145 -30.01 -5.98 23.35
N ALA A 146 -28.84 -6.10 22.74
CA ALA A 146 -28.68 -6.49 21.35
C ALA A 146 -27.45 -7.37 21.15
N VAL A 147 -27.61 -8.41 20.35
CA VAL A 147 -26.50 -9.22 19.85
C VAL A 147 -26.49 -9.06 18.33
N GLN A 148 -25.31 -8.82 17.78
CA GLN A 148 -25.18 -8.51 16.37
C GLN A 148 -23.99 -9.23 15.76
N TYR A 149 -24.21 -9.77 14.56
CA TYR A 149 -23.15 -10.33 13.70
C TYR A 149 -23.11 -9.52 12.40
N GLN A 150 -21.90 -9.23 11.93
CA GLN A 150 -21.69 -8.55 10.64
C GLN A 150 -20.84 -9.45 9.81
N GLY A 151 -21.36 -9.79 8.65
CA GLY A 151 -20.63 -10.67 7.76
C GLY A 151 -19.56 -9.92 7.02
N LYS A 152 -18.47 -10.63 6.73
CA LYS A 152 -17.39 -10.14 5.89
C LYS A 152 -17.89 -9.35 4.67
N ASN A 153 -17.39 -8.12 4.52
CA ASN A 153 -17.48 -7.31 3.31
C ASN A 153 -16.09 -7.03 2.79
N GLY A 154 -15.73 -7.67 1.71
CA GLY A 154 -14.32 -7.80 1.37
C GLY A 154 -13.97 -6.99 0.15
N SER A 155 -12.96 -7.43 -0.57
CA SER A 155 -12.49 -6.70 -1.75
C SER A 155 -13.33 -7.01 -2.97
N ALA A 156 -13.20 -6.17 -3.98
CA ALA A 156 -13.87 -6.38 -5.29
C ALA A 156 -13.15 -7.39 -6.15
N HIS A 157 -11.89 -7.68 -5.85
CA HIS A 157 -11.05 -8.54 -6.70
C HIS A 157 -10.09 -9.42 -5.90
N GLY A 158 -9.83 -10.61 -6.42
CA GLY A 158 -8.79 -11.51 -5.88
C GLY A 158 -9.10 -12.19 -4.56
N GLU A 159 -8.05 -12.39 -3.77
CA GLU A 159 -8.18 -12.99 -2.44
C GLU A 159 -9.05 -12.08 -1.57
N GLY A 160 -9.91 -12.71 -0.77
CA GLY A 160 -10.76 -11.97 0.16
C GLY A 160 -11.97 -11.31 -0.49
N MET A 161 -12.29 -11.71 -1.71
CA MET A 161 -13.41 -11.17 -2.45
C MET A 161 -14.76 -11.56 -1.83
N THR A 162 -15.68 -10.62 -1.75
CA THR A 162 -17.11 -10.93 -1.55
C THR A 162 -17.90 -10.38 -2.71
N THR A 163 -19.12 -10.89 -2.84
CA THR A 163 -20.01 -10.49 -3.95
C THR A 163 -20.27 -8.98 -3.94
N ASN A 164 -20.25 -8.40 -2.74
CA ASN A 164 -20.38 -6.94 -2.59
C ASN A 164 -19.06 -6.26 -2.23
N GLY A 165 -17.96 -6.76 -2.77
CA GLY A 165 -16.63 -6.28 -2.42
C GLY A 165 -16.44 -4.82 -2.75
N ARG A 166 -15.60 -4.15 -1.99
CA ARG A 166 -15.29 -2.77 -2.25
C ARG A 166 -13.79 -2.58 -2.09
N ASP A 167 -13.22 -1.80 -2.97
CA ASP A 167 -11.77 -1.66 -2.99
C ASP A 167 -11.26 -0.66 -1.95
N ASP A 168 -12.12 0.21 -1.45
CA ASP A 168 -11.71 1.10 -0.40
C ASP A 168 -11.62 0.29 0.90
N VAL A 169 -10.37 0.10 1.29
CA VAL A 169 -9.92 -0.65 2.45
C VAL A 169 -10.55 -0.12 3.76
N PHE A 170 -10.81 1.17 3.81
CA PHE A 170 -11.48 1.76 4.99
C PHE A 170 -12.97 1.36 5.10
N GLU A 171 -13.52 0.81 4.03
CA GLU A 171 -14.90 0.34 4.02
C GLU A 171 -15.09 -1.19 4.05
N GLN A 172 -14.00 -1.92 4.23
CA GLN A 172 -14.03 -3.40 4.28
C GLN A 172 -14.14 -3.86 5.73
N ASN A 173 -14.50 -5.12 5.92
CA ASN A 173 -14.43 -5.73 7.23
C ASN A 173 -14.49 -7.21 7.08
N GLY A 174 -13.97 -7.93 8.05
CA GLY A 174 -14.20 -9.36 8.19
C GLY A 174 -15.43 -9.62 9.05
N ASP A 175 -15.68 -10.87 9.34
CA ASP A 175 -16.72 -11.29 10.25
C ASP A 175 -16.55 -10.61 11.62
N GLY A 176 -17.65 -10.12 12.17
CA GLY A 176 -17.59 -9.39 13.43
C GLY A 176 -18.78 -9.74 14.29
N VAL A 177 -18.63 -9.48 15.58
CA VAL A 177 -19.65 -9.78 16.56
C VAL A 177 -19.66 -8.66 17.54
N GLY A 178 -20.84 -8.32 18.02
CA GLY A 178 -20.97 -7.25 19.00
C GLY A 178 -22.22 -7.38 19.81
N GLY A 179 -22.23 -6.64 20.92
CA GLY A 179 -23.37 -6.61 21.80
C GLY A 179 -23.54 -5.27 22.46
N SER A 180 -24.74 -5.00 22.95
CA SER A 180 -25.02 -3.75 23.65
C SER A 180 -26.06 -3.98 24.71
N ILE A 181 -25.95 -3.22 25.79
CA ILE A 181 -26.91 -3.23 26.91
C ILE A 181 -27.19 -1.81 27.29
N THR A 182 -28.45 -1.48 27.54
CA THR A 182 -28.83 -0.14 27.95
C THR A 182 -29.96 -0.23 28.95
N TYR A 183 -29.86 0.63 29.96
CA TYR A 183 -30.88 0.73 31.01
C TYR A 183 -31.30 2.20 31.13
N ASN A 184 -32.59 2.42 30.98
CA ASN A 184 -33.18 3.75 31.06
C ASN A 184 -34.23 3.72 32.15
N TYR A 185 -34.15 4.67 33.08
CA TYR A 185 -35.15 4.83 34.13
C TYR A 185 -35.36 6.32 34.43
N GLU A 186 -36.62 6.77 34.33
CA GLU A 186 -36.99 8.16 34.69
C GLU A 186 -36.06 9.23 34.10
N GLY A 187 -35.68 9.05 32.84
CA GLY A 187 -34.86 10.03 32.13
C GLY A 187 -33.36 9.81 32.21
N PHE A 188 -32.93 9.00 33.18
CA PHE A 188 -31.53 8.61 33.31
C PHE A 188 -31.22 7.39 32.44
N GLY A 189 -30.04 7.39 31.85
CA GLY A 189 -29.57 6.29 30.98
C GLY A 189 -28.11 5.93 31.21
N ILE A 190 -27.87 4.62 31.38
CA ILE A 190 -26.56 4.01 31.43
C ILE A 190 -26.51 2.93 30.34
N GLY A 191 -25.34 2.73 29.76
CA GLY A 191 -25.20 1.78 28.65
C GLY A 191 -23.77 1.39 28.32
N ALA A 192 -23.63 0.25 27.68
CA ALA A 192 -22.35 -0.32 27.32
C ALA A 192 -22.48 -1.09 26.00
N ALA A 193 -21.41 -1.09 25.22
CA ALA A 193 -21.35 -1.82 23.97
C ALA A 193 -19.92 -2.28 23.68
N VAL A 194 -19.82 -3.47 23.13
CA VAL A 194 -18.57 -4.07 22.72
C VAL A 194 -18.72 -4.62 21.29
N SER A 195 -17.67 -4.50 20.50
CA SER A 195 -17.61 -5.15 19.20
C SER A 195 -16.21 -5.63 18.93
N SER A 196 -16.15 -6.64 18.06
CA SER A 196 -14.92 -7.29 17.66
C SER A 196 -15.08 -7.80 16.23
N SER A 197 -14.34 -7.20 15.31
CA SER A 197 -14.40 -7.59 13.92
C SER A 197 -13.02 -8.02 13.48
N LYS A 198 -12.99 -9.08 12.70
CA LYS A 198 -11.78 -9.51 12.05
C LYS A 198 -11.45 -8.47 10.97
N ARG A 199 -10.15 -8.23 10.78
CA ARG A 199 -9.68 -7.31 9.75
C ARG A 199 -9.35 -8.09 8.50
N THR A 200 -9.51 -7.49 7.33
CA THR A 200 -9.25 -8.21 6.06
C THR A 200 -7.77 -8.17 5.68
N TRP A 201 -7.39 -9.02 4.73
CA TRP A 201 -5.99 -9.07 4.32
C TRP A 201 -5.55 -7.73 3.73
N ASP A 202 -6.40 -7.16 2.87
CA ASP A 202 -6.15 -5.87 2.22
C ASP A 202 -5.90 -4.78 3.25
N GLN A 203 -6.70 -4.82 4.32
CA GLN A 203 -6.61 -3.82 5.38
C GLN A 203 -5.29 -3.89 6.12
N ASN A 204 -4.75 -5.09 6.24
CA ASN A 204 -3.49 -5.32 6.96
C ASN A 204 -2.25 -5.35 6.07
N ASN A 205 -2.43 -5.24 4.76
CA ASN A 205 -1.32 -5.44 3.81
C ASN A 205 -1.19 -4.42 2.69
N THR A 206 -1.66 -3.19 2.92
CA THR A 206 -1.45 -2.08 1.98
C THR A 206 -0.62 -0.96 2.61
N GLY A 207 0.20 -1.30 3.61
CA GLY A 207 1.14 -0.34 4.21
C GLY A 207 0.56 0.79 5.06
N LEU A 208 -0.64 0.64 5.58
CA LEU A 208 -1.25 1.65 6.47
C LEU A 208 -0.90 1.42 7.94
N ILE A 209 -1.06 2.47 8.74
CA ILE A 209 -0.87 2.34 10.18
C ILE A 209 -2.11 1.71 10.81
N GLY A 210 -1.91 1.15 11.98
CA GLY A 210 -2.99 0.53 12.75
C GLY A 210 -3.49 -0.79 12.20
N THR A 211 -2.55 -1.65 11.89
CA THR A 211 -2.89 -2.99 11.50
C THR A 211 -2.89 -3.96 12.69
N GLY A 212 -3.48 -5.13 12.42
CA GLY A 212 -3.61 -6.24 13.37
C GLY A 212 -4.79 -7.10 12.94
N ASP A 213 -4.98 -8.20 13.66
CA ASP A 213 -5.95 -9.23 13.35
C ASP A 213 -7.40 -8.75 13.44
N ARG A 214 -7.65 -7.85 14.37
CA ARG A 214 -9.01 -7.52 14.76
C ARG A 214 -9.12 -6.06 15.06
N ALA A 215 -10.30 -5.53 14.73
CA ALA A 215 -10.71 -4.19 15.08
C ALA A 215 -11.66 -4.37 16.26
N GLU A 216 -11.42 -3.66 17.35
CA GLU A 216 -12.17 -3.86 18.59
C GLU A 216 -12.61 -2.56 19.21
N THR A 217 -13.79 -2.56 19.80
CA THR A 217 -14.32 -1.36 20.48
C THR A 217 -15.03 -1.70 21.79
N TYR A 218 -14.80 -0.83 22.76
CA TYR A 218 -15.45 -0.88 24.06
C TYR A 218 -15.95 0.52 24.39
N THR A 219 -17.24 0.62 24.69
CA THR A 219 -17.94 1.90 24.84
C THR A 219 -18.75 1.89 26.12
N GLY A 220 -18.62 2.96 26.89
CA GLY A 220 -19.49 3.22 28.04
C GLY A 220 -20.16 4.55 27.81
N GLY A 221 -21.39 4.70 28.33
CA GLY A 221 -22.18 5.90 28.07
C GLY A 221 -23.22 6.19 29.12
N LEU A 222 -23.54 7.48 29.25
CA LEU A 222 -24.49 7.97 30.26
C LEU A 222 -25.32 9.10 29.64
N LYS A 223 -26.58 9.23 30.07
CA LYS A 223 -27.43 10.32 29.59
C LYS A 223 -28.55 10.67 30.54
N TYR A 224 -28.89 11.94 30.54
CA TYR A 224 -30.06 12.44 31.22
C TYR A 224 -30.89 13.15 30.16
N ASP A 225 -32.16 12.76 30.07
CA ASP A 225 -33.08 13.25 29.03
C ASP A 225 -34.49 13.41 29.62
N ALA A 226 -34.72 14.55 30.28
CA ALA A 226 -36.03 14.89 30.84
C ALA A 226 -36.06 16.37 31.19
N ASN A 227 -37.23 16.86 31.59
CA ASN A 227 -37.42 18.27 31.97
C ASN A 227 -36.72 19.28 31.05
N ASN A 228 -36.86 19.06 29.74
CA ASN A 228 -36.25 19.93 28.70
C ASN A 228 -34.71 19.94 28.67
N ILE A 229 -34.09 19.18 29.55
CA ILE A 229 -32.63 19.09 29.64
C ILE A 229 -32.14 17.80 29.00
N TYR A 230 -31.11 17.91 28.18
CA TYR A 230 -30.42 16.75 27.61
C TYR A 230 -28.92 16.79 27.90
N LEU A 231 -28.47 15.83 28.70
CA LEU A 231 -27.04 15.66 29.00
C LEU A 231 -26.64 14.26 28.55
N ALA A 232 -25.48 14.14 27.92
CA ALA A 232 -24.98 12.83 27.54
C ALA A 232 -23.48 12.83 27.36
N ALA A 233 -22.89 11.68 27.62
CA ALA A 233 -21.44 11.49 27.48
C ALA A 233 -21.18 10.07 27.07
N GLN A 234 -20.21 9.88 26.18
CA GLN A 234 -19.72 8.54 25.84
C GLN A 234 -18.22 8.46 25.78
N TYR A 235 -17.69 7.39 26.32
CA TYR A 235 -16.26 7.08 26.23
C TYR A 235 -16.12 5.75 25.52
N THR A 236 -15.27 5.75 24.49
CA THR A 236 -14.99 4.55 23.69
C THR A 236 -13.47 4.35 23.54
N GLN A 237 -13.04 3.12 23.76
CA GLN A 237 -11.64 2.75 23.57
C GLN A 237 -11.61 1.79 22.40
N THR A 238 -10.79 2.12 21.39
CA THR A 238 -10.76 1.33 20.15
C THR A 238 -9.35 0.84 19.84
N TYR A 239 -9.29 -0.31 19.17
CA TYR A 239 -8.04 -0.88 18.68
C TYR A 239 -8.18 -1.24 17.21
N ASN A 240 -7.30 -0.70 16.38
CA ASN A 240 -7.29 -0.93 14.93
C ASN A 240 -8.64 -0.62 14.27
N ALA A 241 -9.34 0.36 14.81
CA ALA A 241 -10.77 0.55 14.48
C ALA A 241 -11.10 1.97 14.05
N THR A 242 -10.36 2.92 14.62
CA THR A 242 -10.63 4.34 14.45
C THR A 242 -9.75 4.86 13.33
N ARG A 243 -10.38 5.44 12.33
CA ARG A 243 -9.66 5.96 11.17
C ARG A 243 -8.91 7.26 11.53
N VAL A 244 -7.70 7.34 11.01
CA VAL A 244 -6.77 8.45 11.21
C VAL A 244 -6.51 9.07 9.83
N GLY A 245 -7.48 9.84 9.36
CA GLY A 245 -7.36 10.49 8.04
C GLY A 245 -7.09 9.47 6.95
N SER A 246 -6.09 9.77 6.11
CA SER A 246 -5.66 8.88 5.02
C SER A 246 -4.58 7.86 5.43
N LEU A 247 -4.13 7.95 6.68
CA LEU A 247 -2.96 7.21 7.13
C LEU A 247 -3.24 5.76 7.46
N GLY A 248 -4.46 5.48 7.88
CA GLY A 248 -4.83 4.14 8.33
C GLY A 248 -5.71 4.21 9.54
N TRP A 249 -5.46 3.35 10.51
CA TRP A 249 -6.26 3.35 11.73
C TRP A 249 -5.37 3.55 12.95
N ALA A 250 -5.97 3.77 14.13
CA ALA A 250 -5.18 3.97 15.35
C ALA A 250 -4.96 2.64 16.08
N ASN A 251 -3.71 2.32 16.37
CA ASN A 251 -3.41 1.09 17.13
C ASN A 251 -4.29 1.06 18.37
N LYS A 252 -4.36 2.19 19.03
CA LYS A 252 -5.30 2.40 20.10
C LYS A 252 -5.76 3.84 19.98
N ALA A 253 -7.06 4.05 20.20
CA ALA A 253 -7.62 5.37 20.24
C ALA A 253 -8.53 5.48 21.45
N GLN A 254 -8.48 6.64 22.08
CA GLN A 254 -9.38 6.93 23.20
C GLN A 254 -10.30 8.06 22.77
N ASN A 255 -11.59 7.74 22.68
CA ASN A 255 -12.59 8.67 22.14
C ASN A 255 -13.57 9.10 23.21
N PHE A 256 -13.83 10.40 23.27
CA PHE A 256 -14.75 10.96 24.25
C PHE A 256 -15.60 12.05 23.63
N GLU A 257 -16.88 12.02 23.97
CA GLU A 257 -17.86 12.98 23.49
C GLU A 257 -18.78 13.32 24.65
N ALA A 258 -19.05 14.60 24.83
CA ALA A 258 -19.98 15.06 25.85
C ALA A 258 -20.82 16.17 25.27
N VAL A 259 -22.07 16.24 25.73
CA VAL A 259 -23.08 17.16 25.19
C VAL A 259 -24.06 17.66 26.24
N ALA A 260 -24.35 18.96 26.19
CA ALA A 260 -25.39 19.57 27.03
C ALA A 260 -26.31 20.41 26.17
N GLN A 261 -27.61 20.24 26.39
CA GLN A 261 -28.62 20.91 25.60
C GLN A 261 -29.81 21.28 26.44
N TYR A 262 -30.47 22.36 26.06
CA TYR A 262 -31.69 22.81 26.70
C TYR A 262 -32.70 23.26 25.66
N GLN A 263 -33.96 22.96 25.92
CA GLN A 263 -35.06 23.28 25.01
C GLN A 263 -36.00 24.27 25.70
N PHE A 264 -35.92 25.53 25.31
CA PHE A 264 -36.87 26.55 25.73
C PHE A 264 -38.25 26.31 25.12
N ASP A 265 -39.29 26.45 25.93
CA ASP A 265 -40.70 26.34 25.48
C ASP A 265 -40.99 27.03 24.13
N PHE A 266 -40.45 28.23 23.94
CA PHE A 266 -40.70 28.97 22.69
C PHE A 266 -40.00 28.43 21.40
N GLY A 267 -39.12 27.46 21.53
CA GLY A 267 -38.57 26.78 20.34
C GLY A 267 -37.06 26.70 20.19
N LEU A 268 -36.34 27.59 20.86
CA LEU A 268 -34.87 27.63 20.77
C LEU A 268 -34.25 26.54 21.62
N ARG A 269 -33.28 25.87 21.04
CA ARG A 269 -32.57 24.79 21.70
C ARG A 269 -31.06 24.99 21.60
N PRO A 270 -30.44 25.68 22.58
CA PRO A 270 -28.98 25.82 22.59
C PRO A 270 -28.26 24.50 22.84
N SER A 271 -27.03 24.43 22.36
CA SER A 271 -26.24 23.21 22.40
C SER A 271 -24.76 23.51 22.62
N LEU A 272 -24.16 22.77 23.53
CA LEU A 272 -22.74 22.86 23.81
C LEU A 272 -22.18 21.45 23.85
N ALA A 273 -21.10 21.21 23.12
CA ALA A 273 -20.53 19.86 23.05
C ALA A 273 -19.04 19.86 22.94
N TYR A 274 -18.45 18.74 23.34
CA TYR A 274 -16.99 18.55 23.29
C TYR A 274 -16.70 17.14 22.74
N LEU A 275 -15.82 17.07 21.77
CA LEU A 275 -15.44 15.81 21.19
C LEU A 275 -13.93 15.68 21.08
N GLN A 276 -13.44 14.47 21.32
CA GLN A 276 -12.02 14.21 21.29
C GLN A 276 -11.71 12.79 20.91
N SER A 277 -10.76 12.61 20.01
CA SER A 277 -10.22 11.30 19.69
C SER A 277 -8.71 11.36 19.82
N LYS A 278 -8.19 10.60 20.79
CA LYS A 278 -6.76 10.60 21.14
C LYS A 278 -6.08 9.34 20.63
N GLY A 279 -5.21 9.49 19.64
CA GLY A 279 -4.45 8.37 19.12
C GLY A 279 -3.20 8.05 19.91
N LYS A 280 -3.02 6.78 20.24
CA LYS A 280 -1.85 6.32 21.01
C LYS A 280 -0.93 5.45 20.18
N ASN A 281 0.37 5.65 20.37
CA ASN A 281 1.42 4.85 19.70
C ASN A 281 1.07 4.47 18.27
N LEU A 282 0.86 5.50 17.45
CA LEU A 282 0.27 5.37 16.11
C LEU A 282 1.22 4.71 15.09
N GLY A 283 2.51 4.90 15.27
CA GLY A 283 3.47 4.37 14.33
C GLY A 283 3.90 5.45 13.37
N ARG A 284 4.88 5.12 12.55
CA ARG A 284 5.35 5.99 11.48
C ARG A 284 5.93 7.31 12.01
N GLY A 285 6.53 7.22 13.19
CA GLY A 285 7.13 8.39 13.86
C GLY A 285 6.20 9.34 14.57
N TYR A 286 4.92 9.00 14.68
CA TYR A 286 3.91 9.92 15.23
C TYR A 286 3.63 9.82 16.72
N ASP A 287 3.81 8.64 17.29
CA ASP A 287 3.56 8.42 18.75
C ASP A 287 2.10 8.74 19.17
N ASP A 288 1.87 9.69 20.08
CA ASP A 288 0.51 10.06 20.48
C ASP A 288 0.10 11.37 19.81
N GLU A 289 -1.04 11.37 19.15
CA GLU A 289 -1.57 12.57 18.51
C GLU A 289 -3.09 12.61 18.66
N ASP A 290 -3.62 13.82 18.72
CA ASP A 290 -5.07 14.03 18.64
C ASP A 290 -5.53 13.80 17.20
N ILE A 291 -6.52 12.96 17.02
CA ILE A 291 -7.11 12.70 15.69
C ILE A 291 -8.24 13.68 15.45
N LEU A 292 -8.84 14.09 16.55
CA LEU A 292 -9.99 14.96 16.54
C LEU A 292 -10.01 15.64 17.92
N LYS A 293 -10.36 16.92 17.94
CA LYS A 293 -10.51 17.68 19.16
C LYS A 293 -11.22 18.98 18.85
N TYR A 294 -12.47 19.07 19.25
CA TYR A 294 -13.19 20.33 19.06
C TYR A 294 -14.31 20.54 20.02
N VAL A 295 -14.61 21.82 20.22
CA VAL A 295 -15.75 22.24 21.00
C VAL A 295 -16.81 22.68 20.02
N ASP A 296 -18.06 22.39 20.34
CA ASP A 296 -19.16 22.71 19.44
C ASP A 296 -20.20 23.54 20.16
N VAL A 297 -20.51 24.69 19.59
CA VAL A 297 -21.56 25.58 20.09
C VAL A 297 -22.60 25.79 18.99
N GLY A 298 -23.86 25.62 19.33
CA GLY A 298 -24.91 25.80 18.34
C GLY A 298 -26.26 26.02 18.96
N ALA A 299 -27.22 26.30 18.08
CA ALA A 299 -28.60 26.55 18.47
C ALA A 299 -29.48 26.15 17.30
N THR A 300 -30.58 25.49 17.62
CA THR A 300 -31.60 25.15 16.64
C THR A 300 -32.86 25.89 17.08
N TYR A 301 -33.53 26.53 16.15
CA TYR A 301 -34.85 27.09 16.43
C TYR A 301 -35.88 26.25 15.68
N TYR A 302 -36.82 25.70 16.43
CA TYR A 302 -37.86 24.82 15.88
C TYR A 302 -39.14 25.62 15.70
N PHE A 303 -39.47 25.95 14.46
CA PHE A 303 -40.72 26.66 14.18
C PHE A 303 -41.92 25.75 14.56
N ASN A 304 -41.80 24.47 14.22
CA ASN A 304 -42.78 23.42 14.57
C ASN A 304 -42.15 22.05 14.22
N LYS A 305 -42.93 20.99 14.07
CA LYS A 305 -42.35 19.64 13.82
C LYS A 305 -41.74 19.48 12.44
N ASN A 306 -42.09 20.38 11.53
CA ASN A 306 -41.72 20.25 10.12
C ASN A 306 -40.69 21.27 9.64
N MET A 307 -40.39 22.27 10.46
CA MET A 307 -39.54 23.39 10.01
C MET A 307 -38.62 23.84 11.13
N SER A 308 -37.35 24.00 10.80
CA SER A 308 -36.38 24.45 11.78
C SER A 308 -35.21 25.11 11.10
N THR A 309 -34.50 25.91 11.87
CA THR A 309 -33.27 26.55 11.42
C THR A 309 -32.21 26.50 12.51
N TYR A 310 -30.96 26.44 12.09
CA TYR A 310 -29.86 26.29 13.04
C TYR A 310 -28.53 26.87 12.61
N VAL A 311 -27.74 27.19 13.61
CA VAL A 311 -26.33 27.54 13.44
C VAL A 311 -25.56 26.55 14.31
N ASP A 312 -24.48 26.01 13.75
CA ASP A 312 -23.56 25.11 14.46
C ASP A 312 -22.14 25.66 14.27
N TYR A 313 -21.44 25.87 15.38
CA TYR A 313 -20.08 26.43 15.34
C TYR A 313 -19.08 25.44 15.92
N LYS A 314 -18.27 24.88 15.04
CA LYS A 314 -17.21 23.93 15.42
C LYS A 314 -15.95 24.73 15.65
N ILE A 315 -15.56 24.81 16.91
CA ILE A 315 -14.32 25.45 17.33
C ILE A 315 -13.26 24.38 17.34
N ASN A 316 -12.46 24.36 16.30
CA ASN A 316 -11.54 23.25 16.05
C ASN A 316 -10.29 23.47 16.86
N LEU A 317 -10.02 22.57 17.79
CA LEU A 317 -8.88 22.78 18.71
C LEU A 317 -7.60 22.07 18.27
N LEU A 318 -7.64 21.37 17.14
CA LEU A 318 -6.42 20.71 16.62
C LEU A 318 -5.44 21.77 16.15
N ASP A 319 -4.16 21.50 16.38
CA ASP A 319 -3.10 22.35 15.88
C ASP A 319 -2.71 21.83 14.53
N ASP A 320 -2.42 22.76 13.63
CA ASP A 320 -1.85 22.44 12.33
C ASP A 320 -0.40 22.03 12.58
N ASN A 321 -0.11 20.77 12.29
CA ASN A 321 1.23 20.19 12.48
C ASN A 321 1.49 19.11 11.41
N ARG A 322 2.63 18.43 11.50
CA ARG A 322 3.04 17.43 10.52
C ARG A 322 1.99 16.33 10.38
N PHE A 323 1.54 15.86 11.52
CA PHE A 323 0.57 14.76 11.58
C PHE A 323 -0.73 15.10 10.88
N THR A 324 -1.30 16.26 11.17
CA THR A 324 -2.63 16.59 10.61
C THR A 324 -2.57 16.83 9.10
N ARG A 325 -1.43 17.37 8.66
CA ARG A 325 -1.21 17.60 7.23
C ARG A 325 -1.00 16.31 6.47
N ASP A 326 -0.18 15.44 7.03
CA ASP A 326 0.02 14.11 6.49
C ASP A 326 -1.27 13.30 6.44
N ALA A 327 -2.03 13.36 7.53
CA ALA A 327 -3.31 12.64 7.64
C ALA A 327 -4.43 13.29 6.80
N GLY A 328 -4.26 14.57 6.44
CA GLY A 328 -5.31 15.30 5.73
C GLY A 328 -6.49 15.68 6.64
N ILE A 329 -6.23 15.84 7.92
CA ILE A 329 -7.27 16.20 8.89
C ILE A 329 -7.45 17.72 8.97
N ASN A 330 -8.70 18.14 8.96
CA ASN A 330 -9.08 19.55 9.05
C ASN A 330 -8.80 20.07 10.44
N THR A 331 -8.04 21.16 10.50
CA THR A 331 -7.75 21.81 11.77
C THR A 331 -8.47 23.17 11.89
N ASP A 332 -9.22 23.55 10.86
CA ASP A 332 -9.94 24.84 10.84
C ASP A 332 -11.36 24.76 11.42
N ASP A 333 -11.84 25.92 11.85
CA ASP A 333 -13.19 26.10 12.37
C ASP A 333 -14.19 26.03 11.20
N ILE A 334 -15.41 25.60 11.51
CA ILE A 334 -16.50 25.61 10.54
C ILE A 334 -17.76 26.15 11.21
N VAL A 335 -18.49 27.02 10.53
CA VAL A 335 -19.84 27.43 10.93
C VAL A 335 -20.80 26.86 9.90
N ALA A 336 -21.88 26.25 10.37
CA ALA A 336 -22.88 25.68 9.49
C ALA A 336 -24.15 26.45 9.74
N LEU A 337 -24.80 26.82 8.65
CA LEU A 337 -26.07 27.54 8.70
C LEU A 337 -27.07 26.76 7.87
N GLY A 338 -28.17 26.39 8.51
CA GLY A 338 -29.16 25.52 7.92
C GLY A 338 -30.60 25.96 8.11
N LEU A 339 -31.41 25.61 7.11
CA LEU A 339 -32.85 25.81 7.10
C LEU A 339 -33.42 24.49 6.59
N VAL A 340 -34.30 23.87 7.38
CA VAL A 340 -34.66 22.46 7.25
C VAL A 340 -36.18 22.23 7.21
N TYR A 341 -36.68 21.74 6.08
CA TYR A 341 -38.05 21.29 5.96
C TYR A 341 -38.05 19.77 6.04
N GLN A 342 -38.86 19.22 6.93
CA GLN A 342 -39.05 17.77 7.01
C GLN A 342 -40.52 17.41 7.13
N PHE A 343 -40.80 16.19 6.70
CA PHE A 343 -42.12 15.58 6.76
C PHE A 343 -41.96 14.14 7.25
N ALA B 1 -49.26 14.98 -6.90
CA ALA B 1 -50.54 14.69 -6.17
C ALA B 1 -50.37 14.85 -4.68
N GLU B 2 -51.38 15.44 -4.04
CA GLU B 2 -51.36 15.65 -2.59
C GLU B 2 -51.63 14.33 -1.90
N ILE B 3 -50.62 13.77 -1.25
CA ILE B 3 -50.76 12.44 -0.62
C ILE B 3 -50.81 12.53 0.90
N TYR B 4 -50.72 13.74 1.41
CA TYR B 4 -50.71 13.97 2.83
C TYR B 4 -51.13 15.41 3.10
N ASN B 5 -52.10 15.56 4.00
CA ASN B 5 -52.55 16.85 4.46
C ASN B 5 -53.17 16.63 5.82
N LYS B 6 -52.46 17.06 6.86
CA LYS B 6 -52.76 16.67 8.23
C LYS B 6 -52.05 17.54 9.25
N ASP B 7 -52.74 17.91 10.32
CA ASP B 7 -52.07 18.54 11.48
C ASP B 7 -51.00 19.58 11.07
N GLY B 8 -51.36 20.47 10.14
CA GLY B 8 -50.51 21.62 9.75
C GLY B 8 -49.47 21.38 8.64
N ASN B 9 -49.33 20.15 8.17
CA ASN B 9 -48.40 19.88 7.08
C ASN B 9 -49.09 19.27 5.88
N LYS B 10 -48.66 19.64 4.69
CA LYS B 10 -49.10 18.95 3.48
C LYS B 10 -47.94 18.62 2.55
N LEU B 11 -48.13 17.57 1.77
CA LEU B 11 -47.10 17.04 0.92
C LEU B 11 -47.69 16.62 -0.42
N ASP B 12 -47.10 17.16 -1.47
CA ASP B 12 -47.45 16.78 -2.83
C ASP B 12 -46.29 15.97 -3.40
N LEU B 13 -46.56 14.70 -3.69
CA LEU B 13 -45.62 13.85 -4.38
C LEU B 13 -46.05 13.94 -5.83
N TYR B 14 -45.18 14.43 -6.68
CA TYR B 14 -45.54 14.64 -8.09
C TYR B 14 -44.49 14.01 -8.99
N GLY B 15 -44.84 13.82 -10.25
CA GLY B 15 -43.98 13.13 -11.16
C GLY B 15 -44.57 12.88 -12.51
N LYS B 16 -43.72 12.45 -13.43
CA LYS B 16 -44.17 12.06 -14.76
C LYS B 16 -43.22 11.07 -15.36
N VAL B 17 -43.77 10.31 -16.30
CA VAL B 17 -43.02 9.43 -17.19
C VAL B 17 -43.31 9.92 -18.59
N GLU B 18 -42.23 10.22 -19.28
CA GLU B 18 -42.27 10.73 -20.62
C GLU B 18 -41.67 9.64 -21.48
N GLY B 19 -42.53 8.91 -22.19
CA GLY B 19 -42.11 8.04 -23.27
C GLY B 19 -41.78 8.95 -24.44
N LEU B 20 -40.52 9.02 -24.77
CA LEU B 20 -40.02 10.06 -25.65
C LEU B 20 -39.01 9.48 -26.64
N HIS B 21 -39.20 9.79 -27.92
CA HIS B 21 -38.25 9.40 -28.99
C HIS B 21 -37.87 10.58 -29.85
N TYR B 22 -36.57 10.72 -30.12
CA TYR B 22 -36.02 11.76 -30.99
C TYR B 22 -35.68 11.16 -32.33
N PHE B 23 -36.00 11.87 -33.41
CA PHE B 23 -35.58 11.47 -34.75
C PHE B 23 -34.69 12.55 -35.33
N SER B 24 -33.49 12.18 -35.73
CA SER B 24 -32.54 13.16 -36.28
C SER B 24 -31.49 12.50 -37.17
N ASP B 25 -30.99 13.23 -38.13
CA ASP B 25 -29.86 12.77 -38.97
C ASP B 25 -28.59 12.84 -38.14
N ASN B 26 -28.57 13.68 -37.10
CA ASN B 26 -27.49 13.70 -36.11
C ASN B 26 -27.67 12.52 -35.15
N ASP B 27 -26.78 11.55 -35.23
CA ASP B 27 -26.93 10.28 -34.50
C ASP B 27 -26.92 10.48 -33.00
N SER B 28 -26.24 11.52 -32.54
CA SER B 28 -26.15 11.83 -31.11
C SER B 28 -27.43 12.44 -30.59
N LYS B 29 -28.37 12.71 -31.49
CA LYS B 29 -29.66 13.26 -31.10
C LYS B 29 -30.79 12.32 -31.48
N ASP B 30 -30.46 11.13 -31.92
CA ASP B 30 -31.43 10.22 -32.52
C ASP B 30 -31.66 9.02 -31.63
N GLY B 31 -32.91 8.77 -31.31
CA GLY B 31 -33.29 7.57 -30.56
C GLY B 31 -34.05 7.86 -29.29
N ASP B 32 -34.06 6.87 -28.41
CA ASP B 32 -34.87 6.85 -27.21
C ASP B 32 -34.42 7.89 -26.21
N LYS B 33 -35.38 8.69 -25.77
CA LYS B 33 -35.12 9.70 -24.78
C LYS B 33 -36.04 9.59 -23.58
N THR B 34 -36.65 8.43 -23.40
CA THR B 34 -37.56 8.22 -22.29
C THR B 34 -36.92 8.62 -20.97
N TYR B 35 -37.69 9.30 -20.13
CA TYR B 35 -37.26 9.63 -18.79
C TYR B 35 -38.42 9.83 -17.83
N MET B 36 -38.03 9.92 -16.57
CA MET B 36 -38.95 10.04 -15.47
C MET B 36 -38.55 11.27 -14.65
N ARG B 37 -39.53 11.97 -14.14
CA ARG B 37 -39.29 13.02 -13.15
C ARG B 37 -40.17 12.81 -11.97
N LEU B 38 -39.66 13.20 -10.83
CA LEU B 38 -40.27 12.87 -9.57
C LEU B 38 -39.88 13.98 -8.60
N GLY B 39 -40.84 14.41 -7.81
CA GLY B 39 -40.51 15.34 -6.74
C GLY B 39 -41.48 15.40 -5.60
N PHE B 40 -41.10 16.18 -4.61
CA PHE B 40 -42.01 16.51 -3.54
C PHE B 40 -42.03 18.00 -3.24
N LYS B 41 -43.20 18.45 -2.84
CA LYS B 41 -43.41 19.83 -2.51
C LYS B 41 -44.20 19.82 -1.21
N GLY B 42 -43.60 20.44 -0.20
CA GLY B 42 -44.06 20.35 1.16
C GLY B 42 -44.23 21.75 1.70
N GLU B 43 -45.33 21.94 2.41
CA GLU B 43 -45.71 23.22 2.97
C GLU B 43 -46.26 22.96 4.36
N THR B 44 -45.70 23.68 5.33
CA THR B 44 -46.17 23.62 6.72
C THR B 44 -46.62 24.99 7.24
N GLN B 45 -47.80 25.06 7.87
CA GLN B 45 -48.25 26.31 8.52
C GLN B 45 -47.65 26.42 9.92
N VAL B 46 -46.81 27.44 10.13
CA VAL B 46 -46.20 27.66 11.44
C VAL B 46 -47.13 28.51 12.28
N THR B 47 -47.46 29.68 11.75
CA THR B 47 -48.50 30.56 12.29
C THR B 47 -49.43 30.93 11.15
N ASP B 48 -50.42 31.79 11.41
CA ASP B 48 -51.38 32.21 10.36
C ASP B 48 -50.72 32.96 9.22
N GLN B 49 -49.57 33.54 9.50
CA GLN B 49 -48.85 34.34 8.52
C GLN B 49 -47.56 33.68 8.01
N LEU B 50 -47.03 32.73 8.76
CA LEU B 50 -45.73 32.13 8.45
C LEU B 50 -45.89 30.69 8.01
N THR B 51 -45.48 30.41 6.78
CA THR B 51 -45.39 29.03 6.32
C THR B 51 -43.91 28.66 6.12
N GLY B 52 -43.63 27.40 6.40
CA GLY B 52 -42.33 26.81 6.06
C GLY B 52 -42.55 25.89 4.88
N TYR B 53 -41.54 25.74 4.05
CA TYR B 53 -41.66 24.91 2.86
C TYR B 53 -40.34 24.32 2.41
N GLY B 54 -40.47 23.26 1.62
CA GLY B 54 -39.34 22.60 1.00
C GLY B 54 -39.77 21.92 -0.28
N GLN B 55 -38.83 21.79 -1.19
CA GLN B 55 -39.10 21.19 -2.46
C GLN B 55 -37.82 20.55 -3.00
N TRP B 56 -38.03 19.40 -3.63
CA TRP B 56 -37.00 18.51 -4.14
C TRP B 56 -37.56 17.93 -5.44
N GLU B 57 -36.76 17.94 -6.48
CA GLU B 57 -37.18 17.37 -7.74
C GLU B 57 -35.95 16.71 -8.37
N TYR B 58 -36.18 15.54 -8.93
CA TYR B 58 -35.17 14.61 -9.35
C TYR B 58 -35.56 14.17 -10.75
N GLN B 59 -34.57 13.96 -11.60
CA GLN B 59 -34.78 13.36 -12.92
C GLN B 59 -34.01 12.06 -13.05
N ILE B 60 -34.63 11.08 -13.67
CA ILE B 60 -34.07 9.76 -13.80
C ILE B 60 -34.30 9.34 -15.23
N GLN B 61 -33.19 9.11 -15.91
CA GLN B 61 -33.23 8.72 -17.30
C GLN B 61 -33.83 7.33 -17.38
N GLY B 62 -34.67 7.10 -18.39
CA GLY B 62 -35.28 5.79 -18.62
C GLY B 62 -34.88 5.18 -19.94
N ASN B 63 -33.83 5.73 -20.54
CA ASN B 63 -33.37 5.29 -21.87
C ASN B 63 -32.05 4.59 -21.81
N GLU B 64 -31.63 4.20 -20.63
CA GLU B 64 -30.32 3.58 -20.41
C GLU B 64 -30.42 2.13 -20.01
N PRO B 65 -29.37 1.36 -20.24
CA PRO B 65 -29.39 0.02 -19.74
C PRO B 65 -29.20 0.05 -18.23
N GLU B 66 -29.47 -1.07 -17.62
CA GLU B 66 -29.51 -1.23 -16.17
C GLU B 66 -28.12 -1.26 -15.54
N SER B 67 -27.09 -1.45 -16.34
CA SER B 67 -25.71 -1.46 -15.82
C SER B 67 -25.13 -0.07 -15.59
N ASP B 68 -25.76 0.95 -16.15
CA ASP B 68 -25.26 2.32 -16.17
C ASP B 68 -26.39 3.34 -16.35
N ASN B 69 -27.14 3.59 -15.28
CA ASN B 69 -28.29 4.51 -15.32
C ASN B 69 -28.00 5.81 -14.53
N SER B 70 -28.30 6.94 -15.15
CA SER B 70 -28.01 8.28 -14.65
C SER B 70 -29.27 9.07 -14.20
N SER B 71 -29.07 9.84 -13.14
CA SER B 71 -30.10 10.63 -12.50
C SER B 71 -29.49 11.88 -11.87
N TRP B 72 -30.33 12.83 -11.50
CA TRP B 72 -29.84 14.06 -10.94
C TRP B 72 -30.96 14.86 -10.28
N THR B 73 -30.54 15.67 -9.32
CA THR B 73 -31.40 16.60 -8.61
C THR B 73 -31.49 17.85 -9.41
N ARG B 74 -32.71 18.24 -9.71
CA ARG B 74 -32.99 19.50 -10.39
C ARG B 74 -33.10 20.68 -9.39
N VAL B 75 -33.94 20.51 -8.38
CA VAL B 75 -34.09 21.51 -7.33
C VAL B 75 -34.11 20.84 -5.95
N ALA B 76 -33.66 21.58 -4.95
CA ALA B 76 -33.63 21.07 -3.58
C ALA B 76 -33.40 22.26 -2.68
N PHE B 77 -34.49 22.77 -2.11
CA PHE B 77 -34.45 23.98 -1.30
C PHE B 77 -35.49 23.98 -0.18
N ALA B 78 -35.16 24.73 0.88
CA ALA B 78 -36.00 24.96 2.05
C ALA B 78 -36.21 26.46 2.15
N GLY B 79 -37.38 26.86 2.64
CA GLY B 79 -37.65 28.27 2.84
C GLY B 79 -38.78 28.61 3.80
N LEU B 80 -38.90 29.90 4.05
CA LEU B 80 -39.94 30.47 4.89
C LEU B 80 -40.68 31.55 4.08
N LYS B 81 -41.97 31.67 4.33
CA LYS B 81 -42.78 32.69 3.68
C LYS B 81 -43.63 33.39 4.73
N PHE B 82 -43.47 34.71 4.83
CA PHE B 82 -44.32 35.50 5.73
C PHE B 82 -45.28 36.39 4.93
N GLN B 83 -46.53 36.43 5.34
CA GLN B 83 -47.60 37.09 4.56
C GLN B 83 -47.34 38.59 4.39
N ASP B 84 -47.50 39.08 3.16
CA ASP B 84 -47.30 40.51 2.82
C ASP B 84 -45.88 41.01 3.16
N VAL B 85 -44.94 40.10 3.33
CA VAL B 85 -43.56 40.50 3.63
C VAL B 85 -42.57 39.86 2.65
N GLY B 86 -42.84 38.61 2.31
CA GLY B 86 -42.14 37.90 1.24
C GLY B 86 -41.65 36.55 1.71
N SER B 87 -40.87 35.90 0.84
CA SER B 87 -40.30 34.60 1.16
C SER B 87 -38.78 34.61 1.00
N PHE B 88 -38.14 33.67 1.69
CA PHE B 88 -36.73 33.40 1.53
C PHE B 88 -36.54 31.89 1.45
N ASP B 89 -35.73 31.47 0.49
CA ASP B 89 -35.34 30.08 0.41
C ASP B 89 -33.90 29.93 -0.09
N TYR B 90 -33.30 28.84 0.36
CA TYR B 90 -31.93 28.53 0.04
C TYR B 90 -31.82 27.08 -0.39
N GLY B 91 -30.99 26.87 -1.41
CA GLY B 91 -30.64 25.54 -1.90
C GLY B 91 -30.30 25.59 -3.38
N ARG B 92 -30.52 24.48 -4.03
CA ARG B 92 -30.42 24.40 -5.46
C ARG B 92 -31.75 24.86 -6.00
N ASN B 93 -31.71 25.79 -6.93
CA ASN B 93 -32.95 26.41 -7.36
C ASN B 93 -32.74 27.08 -8.70
N TYR B 94 -33.73 27.86 -9.11
CA TYR B 94 -33.71 28.62 -10.35
C TYR B 94 -33.13 30.01 -10.16
N GLY B 95 -32.17 30.36 -11.00
CA GLY B 95 -31.67 31.72 -11.03
C GLY B 95 -32.77 32.69 -11.38
N VAL B 96 -32.68 33.87 -10.80
CA VAL B 96 -33.70 34.89 -10.91
C VAL B 96 -33.91 35.38 -12.37
N VAL B 97 -32.87 35.33 -13.19
CA VAL B 97 -33.02 35.55 -14.64
C VAL B 97 -34.18 34.71 -15.25
N TYR B 98 -34.29 33.46 -14.83
CA TYR B 98 -35.35 32.57 -15.29
C TYR B 98 -36.79 33.07 -14.89
N ASP B 99 -36.91 34.03 -13.97
CA ASP B 99 -38.22 34.63 -13.67
C ASP B 99 -38.80 35.26 -14.92
N VAL B 100 -37.94 35.66 -15.86
CA VAL B 100 -38.41 36.21 -17.13
C VAL B 100 -38.16 35.27 -18.32
N THR B 101 -36.97 34.69 -18.44
CA THR B 101 -36.69 33.86 -19.61
C THR B 101 -37.64 32.68 -19.63
N SER B 102 -38.14 32.27 -18.47
CA SER B 102 -39.10 31.16 -18.39
C SER B 102 -40.38 31.34 -19.22
N TRP B 103 -40.76 32.58 -19.49
CA TRP B 103 -41.98 32.89 -20.27
C TRP B 103 -42.02 32.32 -21.69
N THR B 104 -40.85 32.08 -22.27
CA THR B 104 -40.73 31.43 -23.59
C THR B 104 -40.35 29.95 -23.51
N ASP B 105 -40.05 29.46 -22.31
CA ASP B 105 -39.71 28.06 -22.06
C ASP B 105 -40.96 27.18 -21.87
N VAL B 106 -41.80 27.14 -22.89
CA VAL B 106 -43.10 26.46 -22.81
C VAL B 106 -43.37 25.53 -24.00
N LEU B 107 -42.31 25.15 -24.71
CA LEU B 107 -42.46 24.30 -25.89
C LEU B 107 -42.65 22.85 -25.41
N PRO B 108 -43.19 21.97 -26.26
CA PRO B 108 -43.40 20.58 -25.83
C PRO B 108 -42.14 19.86 -25.37
N GLU B 109 -41.05 20.00 -26.12
CA GLU B 109 -39.77 19.37 -25.72
C GLU B 109 -38.56 20.28 -25.86
N PHE B 110 -38.48 21.04 -26.95
CA PHE B 110 -37.31 21.90 -27.20
C PHE B 110 -37.44 23.23 -26.46
N GLY B 111 -36.69 24.23 -26.88
CA GLY B 111 -36.79 25.56 -26.28
C GLY B 111 -35.93 25.69 -25.03
N GLY B 112 -35.88 26.89 -24.50
CA GLY B 112 -35.21 27.13 -23.24
C GLY B 112 -33.71 26.91 -23.29
N ASP B 113 -33.12 27.00 -24.48
CA ASP B 113 -31.73 26.59 -24.64
C ASP B 113 -30.82 27.64 -25.23
N THR B 114 -31.13 28.91 -25.01
CA THR B 114 -30.14 29.99 -25.17
C THR B 114 -29.31 30.16 -23.87
N TYR B 115 -29.47 29.21 -22.97
CA TYR B 115 -28.75 29.13 -21.71
C TYR B 115 -28.78 27.69 -21.24
N ASP B 116 -28.10 27.40 -20.14
CA ASP B 116 -27.95 26.04 -19.62
C ASP B 116 -28.29 26.00 -18.15
N SER B 117 -28.41 24.79 -17.64
CA SER B 117 -28.26 24.51 -16.21
C SER B 117 -26.82 24.76 -15.72
N ASP B 118 -26.70 25.16 -14.48
CA ASP B 118 -25.40 25.40 -13.83
C ASP B 118 -24.59 26.39 -14.66
N ASN B 119 -25.28 27.44 -15.06
CA ASN B 119 -24.78 28.41 -16.03
C ASN B 119 -24.98 29.79 -15.43
N PHE B 120 -24.21 30.07 -14.38
CA PHE B 120 -24.37 31.26 -13.56
C PHE B 120 -25.83 31.35 -13.08
N MET B 121 -26.45 32.51 -13.12
CA MET B 121 -27.77 32.66 -12.48
C MET B 121 -28.91 32.62 -13.49
N GLN B 122 -28.65 32.00 -14.64
CA GLN B 122 -29.59 31.95 -15.77
C GLN B 122 -30.65 30.85 -15.66
N GLN B 123 -30.32 29.75 -15.01
CA GLN B 123 -31.32 28.68 -14.81
C GLN B 123 -31.04 27.94 -13.50
N ARG B 124 -31.20 26.62 -13.48
CA ARG B 124 -31.00 25.89 -12.23
C ARG B 124 -29.52 25.97 -11.86
N GLY B 125 -29.26 25.97 -10.57
CA GLY B 125 -27.88 26.11 -10.08
C GLY B 125 -27.82 25.91 -8.59
N ASN B 126 -26.60 25.72 -8.09
CA ASN B 126 -26.36 25.48 -6.64
C ASN B 126 -26.18 26.74 -5.83
N GLY B 127 -26.73 26.71 -4.62
CA GLY B 127 -26.40 27.74 -3.65
C GLY B 127 -27.03 29.07 -3.86
N PHE B 128 -28.31 29.08 -4.26
CA PHE B 128 -29.07 30.31 -4.40
C PHE B 128 -29.75 30.67 -3.07
N ALA B 129 -29.47 31.87 -2.59
CA ALA B 129 -30.23 32.50 -1.53
C ALA B 129 -31.16 33.50 -2.22
N THR B 130 -32.46 33.25 -2.16
CA THR B 130 -33.44 34.02 -2.91
C THR B 130 -34.50 34.64 -2.00
N TYR B 131 -34.61 35.95 -2.09
CA TYR B 131 -35.69 36.68 -1.46
C TYR B 131 -36.70 37.04 -2.52
N ARG B 132 -37.98 36.87 -2.21
CA ARG B 132 -39.06 37.17 -3.14
C ARG B 132 -40.16 37.94 -2.44
N ASN B 133 -40.72 38.91 -3.15
CA ASN B 133 -41.83 39.70 -2.66
C ASN B 133 -42.92 39.72 -3.72
N THR B 134 -44.12 39.33 -3.34
CA THR B 134 -45.22 39.20 -4.28
C THR B 134 -46.29 40.22 -3.94
N ASP B 135 -46.78 40.90 -4.98
CA ASP B 135 -47.78 41.97 -4.84
C ASP B 135 -47.27 43.18 -4.06
N PHE B 136 -45.95 43.38 -4.10
CA PHE B 136 -45.26 44.47 -3.37
C PHE B 136 -45.81 44.67 -1.96
N PHE B 137 -45.43 43.81 -1.04
CA PHE B 137 -45.86 43.90 0.37
C PHE B 137 -47.40 43.95 0.49
N GLY B 138 -48.09 43.36 -0.47
CA GLY B 138 -49.57 43.38 -0.52
C GLY B 138 -50.22 44.66 -1.05
N LEU B 139 -49.40 45.58 -1.54
CA LEU B 139 -49.86 46.91 -1.94
C LEU B 139 -50.17 47.10 -3.43
N VAL B 140 -49.49 46.34 -4.30
CA VAL B 140 -49.67 46.47 -5.76
C VAL B 140 -49.90 45.12 -6.42
N ASP B 141 -51.16 44.80 -6.70
CA ASP B 141 -51.51 43.47 -7.22
C ASP B 141 -50.78 43.23 -8.55
N GLY B 142 -50.01 42.14 -8.60
CA GLY B 142 -49.30 41.78 -9.83
C GLY B 142 -47.85 42.22 -9.90
N LEU B 143 -47.41 43.03 -8.94
CA LEU B 143 -46.02 43.47 -8.93
C LEU B 143 -45.21 42.54 -8.04
N ASP B 144 -44.35 41.75 -8.67
CA ASP B 144 -43.45 40.84 -7.97
C ASP B 144 -42.01 41.22 -8.23
N PHE B 145 -41.15 40.95 -7.25
CA PHE B 145 -39.72 41.14 -7.46
C PHE B 145 -38.92 40.20 -6.58
N ALA B 146 -37.66 40.02 -6.96
CA ALA B 146 -36.73 39.08 -6.35
C ALA B 146 -35.32 39.65 -6.29
N VAL B 147 -34.66 39.44 -5.16
CA VAL B 147 -33.23 39.67 -5.01
C VAL B 147 -32.60 38.33 -4.70
N GLN B 148 -31.50 38.02 -5.38
CA GLN B 148 -30.87 36.73 -5.27
C GLN B 148 -29.36 36.85 -5.21
N TYR B 149 -28.76 36.07 -4.31
CA TYR B 149 -27.31 35.88 -4.22
C TYR B 149 -27.00 34.40 -4.48
N GLN B 150 -25.93 34.15 -5.24
CA GLN B 150 -25.46 32.80 -5.49
C GLN B 150 -24.04 32.75 -5.03
N GLY B 151 -23.77 31.83 -4.12
CA GLY B 151 -22.43 31.68 -3.60
C GLY B 151 -21.53 30.96 -4.56
N LYS B 152 -20.27 31.33 -4.54
CA LYS B 152 -19.21 30.63 -5.27
C LYS B 152 -19.36 29.10 -5.23
N ASN B 153 -19.39 28.50 -6.41
CA ASN B 153 -19.24 27.06 -6.64
C ASN B 153 -18.00 26.81 -7.48
N GLY B 154 -16.95 26.32 -6.86
CA GLY B 154 -15.63 26.43 -7.45
C GLY B 154 -15.13 25.09 -7.92
N SER B 155 -13.81 24.95 -7.94
CA SER B 155 -13.19 23.70 -8.42
C SER B 155 -13.17 22.64 -7.33
N ALA B 156 -12.93 21.41 -7.75
CA ALA B 156 -12.78 20.27 -6.83
C ALA B 156 -11.40 20.22 -6.19
N HIS B 157 -10.43 20.91 -6.78
CA HIS B 157 -9.04 20.83 -6.33
C HIS B 157 -8.28 22.16 -6.45
N GLY B 158 -7.36 22.38 -5.50
CA GLY B 158 -6.43 23.51 -5.55
C GLY B 158 -7.00 24.88 -5.24
N GLU B 159 -6.46 25.89 -5.92
CA GLU B 159 -6.94 27.26 -5.77
C GLU B 159 -8.38 27.34 -6.24
N GLY B 160 -9.18 28.11 -5.51
CA GLY B 160 -10.58 28.33 -5.87
C GLY B 160 -11.50 27.17 -5.52
N MET B 161 -11.03 26.28 -4.66
CA MET B 161 -11.81 25.11 -4.23
C MET B 161 -13.00 25.52 -3.35
N THR B 162 -14.14 24.89 -3.59
CA THR B 162 -15.24 24.88 -2.61
C THR B 162 -15.56 23.44 -2.24
N THR B 163 -16.27 23.27 -1.13
CA THR B 163 -16.62 21.96 -0.62
C THR B 163 -17.43 21.16 -1.65
N ASN B 164 -18.20 21.87 -2.46
CA ASN B 164 -18.96 21.26 -3.56
C ASN B 164 -18.36 21.55 -4.93
N GLY B 165 -17.04 21.61 -4.99
CA GLY B 165 -16.33 21.97 -6.22
C GLY B 165 -16.62 21.02 -7.35
N ARG B 166 -16.55 21.53 -8.57
CA ARG B 166 -16.75 20.69 -9.73
C ARG B 166 -15.71 21.08 -10.76
N ASP B 167 -15.17 20.08 -11.42
CA ASP B 167 -14.07 20.32 -12.34
C ASP B 167 -14.53 20.83 -13.70
N ASP B 168 -15.80 20.63 -14.03
CA ASP B 168 -16.32 21.18 -15.26
C ASP B 168 -16.51 22.67 -15.07
N VAL B 169 -15.63 23.38 -15.74
CA VAL B 169 -15.50 24.84 -15.77
C VAL B 169 -16.81 25.53 -16.19
N PHE B 170 -17.57 24.87 -17.06
CA PHE B 170 -18.87 25.40 -17.49
C PHE B 170 -19.93 25.35 -16.40
N GLU B 171 -19.66 24.60 -15.33
CA GLU B 171 -20.58 24.49 -14.19
C GLU B 171 -20.13 25.23 -12.92
N GLN B 172 -19.05 26.01 -13.02
CA GLN B 172 -18.50 26.76 -11.89
C GLN B 172 -19.06 28.17 -11.89
N ASN B 173 -18.92 28.87 -10.78
CA ASN B 173 -19.24 30.27 -10.73
C ASN B 173 -18.62 30.87 -9.50
N GLY B 174 -18.37 32.16 -9.54
CA GLY B 174 -18.04 32.92 -8.35
C GLY B 174 -19.32 33.47 -7.72
N ASP B 175 -19.14 34.29 -6.70
CA ASP B 175 -20.24 35.00 -6.06
C ASP B 175 -21.00 35.84 -7.09
N GLY B 176 -22.31 35.79 -7.02
CA GLY B 176 -23.14 36.50 -7.99
C GLY B 176 -24.35 37.12 -7.30
N VAL B 177 -24.92 38.11 -7.98
CA VAL B 177 -26.06 38.83 -7.45
C VAL B 177 -26.96 39.08 -8.62
N GLY B 178 -28.26 39.04 -8.36
CA GLY B 178 -29.23 39.28 -9.40
C GLY B 178 -30.56 39.76 -8.84
N GLY B 179 -31.35 40.31 -9.73
CA GLY B 179 -32.68 40.77 -9.37
C GLY B 179 -33.65 40.63 -10.51
N SER B 180 -34.93 40.62 -10.18
CA SER B 180 -35.97 40.52 -11.20
C SER B 180 -37.19 41.28 -10.75
N ILE B 181 -37.90 41.84 -11.72
CA ILE B 181 -39.16 42.56 -11.51
C ILE B 181 -40.13 42.10 -12.57
N THR B 182 -41.38 41.86 -12.17
CA THR B 182 -42.41 41.45 -13.13
C THR B 182 -43.72 42.09 -12.73
N TYR B 183 -44.45 42.53 -13.74
CA TYR B 183 -45.78 43.13 -13.57
C TYR B 183 -46.76 42.43 -14.51
N ASN B 184 -47.82 41.90 -13.92
CA ASN B 184 -48.85 41.18 -14.64
C ASN B 184 -50.18 41.86 -14.36
N TYR B 185 -50.90 42.20 -15.43
CA TYR B 185 -52.24 42.79 -15.31
C TYR B 185 -53.13 42.27 -16.44
N GLU B 186 -54.28 41.70 -16.08
CA GLU B 186 -55.29 41.25 -17.05
C GLU B 186 -54.72 40.41 -18.21
N GLY B 187 -53.79 39.52 -17.89
CA GLY B 187 -53.21 38.62 -18.89
C GLY B 187 -51.95 39.13 -19.59
N PHE B 188 -51.71 40.44 -19.49
CA PHE B 188 -50.50 41.05 -20.02
C PHE B 188 -49.38 41.00 -18.98
N GLY B 189 -48.16 40.76 -19.45
CA GLY B 189 -46.96 40.67 -18.61
C GLY B 189 -45.75 41.38 -19.20
N ILE B 190 -45.13 42.21 -18.37
CA ILE B 190 -43.84 42.87 -18.65
C ILE B 190 -42.89 42.49 -17.51
N GLY B 191 -41.61 42.37 -17.84
CA GLY B 191 -40.61 41.93 -16.86
C GLY B 191 -39.17 42.18 -17.26
N ALA B 192 -38.32 42.26 -16.25
CA ALA B 192 -36.91 42.55 -16.43
C ALA B 192 -36.10 41.83 -15.38
N ALA B 193 -34.89 41.43 -15.74
CA ALA B 193 -33.98 40.72 -14.84
C ALA B 193 -32.53 41.04 -15.21
N VAL B 194 -31.72 41.16 -14.18
CA VAL B 194 -30.29 41.40 -14.31
C VAL B 194 -29.55 40.42 -13.39
N SER B 195 -28.40 39.95 -13.84
CA SER B 195 -27.51 39.19 -12.97
C SER B 195 -26.08 39.54 -13.29
N SER B 196 -25.24 39.34 -12.29
CA SER B 196 -23.81 39.63 -12.37
C SER B 196 -23.07 38.66 -11.45
N SER B 197 -22.30 37.77 -12.06
CA SER B 197 -21.54 36.78 -11.31
C SER B 197 -20.08 36.95 -11.62
N LYS B 198 -19.28 36.84 -10.58
CA LYS B 198 -17.85 36.79 -10.72
C LYS B 198 -17.50 35.46 -11.39
N ARG B 199 -16.49 35.49 -12.26
CA ARG B 199 -16.01 34.29 -12.93
C ARG B 199 -14.84 33.71 -12.13
N THR B 200 -14.67 32.40 -12.14
CA THR B 200 -13.59 31.77 -11.35
C THR B 200 -12.27 31.78 -12.09
N TRP B 201 -11.19 31.48 -11.39
CA TRP B 201 -9.87 31.49 -12.00
C TRP B 201 -9.79 30.44 -13.10
N ASP B 202 -10.29 29.24 -12.80
CA ASP B 202 -10.31 28.11 -13.75
C ASP B 202 -11.02 28.51 -15.04
N GLN B 203 -12.13 29.23 -14.88
CA GLN B 203 -12.95 29.64 -16.04
C GLN B 203 -12.20 30.60 -16.94
N ASN B 204 -11.35 31.43 -16.34
CA ASN B 204 -10.58 32.44 -17.08
C ASN B 204 -9.17 31.98 -17.49
N ASN B 205 -8.76 30.80 -17.08
CA ASN B 205 -7.38 30.37 -17.25
C ASN B 205 -7.17 28.93 -17.78
N THR B 206 -8.14 28.42 -18.53
CA THR B 206 -8.00 27.12 -19.23
C THR B 206 -8.06 27.28 -20.75
N GLY B 207 -7.72 28.48 -21.24
CA GLY B 207 -7.62 28.74 -22.68
C GLY B 207 -8.91 28.78 -23.49
N LEU B 208 -10.05 29.02 -22.85
CA LEU B 208 -11.34 29.12 -23.56
C LEU B 208 -11.65 30.55 -24.04
N ILE B 209 -12.56 30.66 -25.00
CA ILE B 209 -13.01 31.98 -25.43
C ILE B 209 -14.02 32.51 -24.44
N GLY B 210 -14.19 33.84 -24.46
CA GLY B 210 -15.17 34.51 -23.62
C GLY B 210 -14.80 34.59 -22.16
N THR B 211 -13.57 34.98 -21.92
CA THR B 211 -13.10 35.23 -20.58
C THR B 211 -13.27 36.70 -20.18
N GLY B 212 -13.15 36.91 -18.87
CA GLY B 212 -13.26 38.22 -18.22
C GLY B 212 -13.66 38.01 -16.77
N ASP B 213 -13.70 39.11 -16.03
CA ASP B 213 -13.93 39.13 -14.58
C ASP B 213 -15.31 38.62 -14.18
N ARG B 214 -16.31 38.89 -15.02
CA ARG B 214 -17.69 38.74 -14.63
C ARG B 214 -18.50 38.23 -15.78
N ALA B 215 -19.49 37.41 -15.43
CA ALA B 215 -20.51 36.95 -16.35
C ALA B 215 -21.74 37.78 -16.03
N GLU B 216 -22.33 38.41 -17.04
CA GLU B 216 -23.42 39.37 -16.83
C GLU B 216 -24.56 39.13 -17.78
N THR B 217 -25.77 39.34 -17.29
CA THR B 217 -26.97 39.19 -18.12
C THR B 217 -28.02 40.28 -17.84
N TYR B 218 -28.64 40.72 -18.93
CA TYR B 218 -29.73 41.68 -18.91
C TYR B 218 -30.83 41.14 -19.81
N THR B 219 -32.03 41.04 -19.25
CA THR B 219 -33.18 40.39 -19.89
C THR B 219 -34.39 41.30 -19.82
N GLY B 220 -35.06 41.44 -20.94
CA GLY B 220 -36.39 42.07 -21.00
C GLY B 220 -37.35 41.06 -21.59
N GLY B 221 -38.61 41.13 -21.17
CA GLY B 221 -39.60 40.13 -21.56
C GLY B 221 -41.03 40.63 -21.53
N LEU B 222 -41.86 40.04 -22.37
CA LEU B 222 -43.27 40.42 -22.53
C LEU B 222 -44.10 39.14 -22.75
N LYS B 223 -45.33 39.14 -22.27
CA LYS B 223 -46.24 38.01 -22.50
C LYS B 223 -47.70 38.38 -22.42
N TYR B 224 -48.48 37.67 -23.22
CA TYR B 224 -49.92 37.73 -23.15
C TYR B 224 -50.38 36.29 -22.91
N ASP B 225 -51.19 36.12 -21.88
CA ASP B 225 -51.65 34.80 -21.42
C ASP B 225 -53.12 34.90 -20.95
N ALA B 226 -54.04 34.83 -21.89
CA ALA B 226 -55.48 34.82 -21.60
C ALA B 226 -56.25 34.37 -22.83
N ASN B 227 -57.56 34.18 -22.68
CA ASN B 227 -58.45 33.76 -23.78
C ASN B 227 -57.86 32.64 -24.65
N ASN B 228 -57.29 31.63 -24.01
CA ASN B 228 -56.67 30.47 -24.70
C ASN B 228 -55.44 30.78 -25.55
N ILE B 229 -55.05 32.05 -25.59
CA ILE B 229 -53.89 32.50 -26.36
C ILE B 229 -52.69 32.72 -25.45
N TYR B 230 -51.54 32.21 -25.85
CA TYR B 230 -50.27 32.47 -25.17
C TYR B 230 -49.23 33.03 -26.13
N LEU B 231 -48.84 34.28 -25.89
CA LEU B 231 -47.79 34.95 -26.64
C LEU B 231 -46.69 35.37 -25.66
N ALA B 232 -45.45 35.18 -26.04
CA ALA B 232 -44.34 35.60 -25.18
C ALA B 232 -43.08 35.80 -25.97
N ALA B 233 -42.27 36.75 -25.50
CA ALA B 233 -41.00 37.07 -26.13
C ALA B 233 -40.03 37.47 -25.03
N GLN B 234 -38.78 37.03 -25.17
CA GLN B 234 -37.70 37.53 -24.31
C GLN B 234 -36.44 37.88 -25.09
N TYR B 235 -35.85 39.00 -24.73
CA TYR B 235 -34.55 39.41 -25.27
C TYR B 235 -33.57 39.52 -24.11
N THR B 236 -32.43 38.86 -24.28
CA THR B 236 -31.37 38.84 -23.27
C THR B 236 -30.01 39.16 -23.91
N GLN B 237 -29.27 40.04 -23.26
CA GLN B 237 -27.93 40.40 -23.70
C GLN B 237 -26.99 39.89 -22.65
N THR B 238 -26.00 39.09 -23.05
CA THR B 238 -25.09 38.46 -22.10
C THR B 238 -23.62 38.77 -22.41
N TYR B 239 -22.81 38.78 -21.35
CA TYR B 239 -21.37 38.95 -21.48
C TYR B 239 -20.65 37.87 -20.67
N ASN B 240 -19.79 37.13 -21.34
CA ASN B 240 -19.02 36.04 -20.72
C ASN B 240 -19.92 35.00 -20.03
N ALA B 241 -21.11 34.81 -20.55
CA ALA B 241 -22.16 34.09 -19.80
C ALA B 241 -22.79 32.97 -20.59
N THR B 242 -22.84 33.14 -21.89
CA THR B 242 -23.54 32.23 -22.80
C THR B 242 -22.54 31.26 -23.37
N ARG B 243 -22.81 29.98 -23.18
CA ARG B 243 -21.91 28.92 -23.62
C ARG B 243 -21.99 28.74 -25.14
N VAL B 244 -20.82 28.56 -25.73
CA VAL B 244 -20.62 28.40 -27.17
C VAL B 244 -20.01 27.01 -27.36
N GLY B 245 -20.86 25.99 -27.27
CA GLY B 245 -20.42 24.60 -27.44
C GLY B 245 -19.29 24.26 -26.48
N SER B 246 -18.24 23.65 -27.01
CA SER B 246 -17.04 23.29 -26.24
C SER B 246 -15.97 24.39 -26.20
N LEU B 247 -16.22 25.50 -26.90
CA LEU B 247 -15.21 26.52 -27.12
C LEU B 247 -15.01 27.45 -25.94
N GLY B 248 -16.06 27.65 -25.17
CA GLY B 248 -16.02 28.60 -24.07
C GLY B 248 -17.33 29.36 -24.00
N TRP B 249 -17.22 30.67 -23.75
CA TRP B 249 -18.42 31.50 -23.67
C TRP B 249 -18.36 32.63 -24.69
N ALA B 250 -19.46 33.35 -24.87
CA ALA B 250 -19.49 34.47 -25.82
C ALA B 250 -19.12 35.78 -25.13
N ASN B 251 -18.13 36.49 -25.67
CA ASN B 251 -17.76 37.80 -25.12
C ASN B 251 -19.02 38.64 -24.97
N LYS B 252 -19.84 38.61 -26.01
CA LYS B 252 -21.16 39.18 -25.95
C LYS B 252 -22.05 38.26 -26.77
N ALA B 253 -23.25 38.04 -26.27
CA ALA B 253 -24.26 37.28 -26.99
C ALA B 253 -25.58 38.02 -26.93
N GLN B 254 -26.29 38.00 -28.04
CA GLN B 254 -27.64 38.57 -28.09
C GLN B 254 -28.62 37.45 -28.32
N ASN B 255 -29.48 37.22 -27.34
CA ASN B 255 -30.39 36.07 -27.31
C ASN B 255 -31.83 36.51 -27.43
N PHE B 256 -32.59 35.86 -28.29
CA PHE B 256 -33.98 36.19 -28.51
C PHE B 256 -34.81 34.93 -28.68
N GLU B 257 -35.96 34.92 -28.03
CA GLU B 257 -36.90 33.81 -28.07
C GLU B 257 -38.31 34.39 -28.16
N ALA B 258 -39.11 33.86 -29.07
CA ALA B 258 -40.50 34.28 -29.22
C ALA B 258 -41.33 33.02 -29.41
N VAL B 259 -42.56 33.07 -28.88
CA VAL B 259 -43.49 31.92 -28.85
C VAL B 259 -44.95 32.35 -29.03
N ALA B 260 -45.67 31.61 -29.88
CA ALA B 260 -47.13 31.75 -30.01
C ALA B 260 -47.79 30.40 -29.87
N GLN B 261 -48.85 30.37 -29.07
CA GLN B 261 -49.58 29.13 -28.78
C GLN B 261 -51.06 29.39 -28.66
N TYR B 262 -51.83 28.37 -29.01
CA TYR B 262 -53.28 28.41 -28.86
C TYR B 262 -53.78 27.08 -28.32
N GLN B 263 -54.78 27.15 -27.46
CA GLN B 263 -55.37 25.98 -26.82
C GLN B 263 -56.82 25.86 -27.26
N PHE B 264 -57.08 24.91 -28.16
CA PHE B 264 -58.44 24.54 -28.54
C PHE B 264 -59.16 23.82 -27.40
N ASP B 265 -60.41 24.19 -27.16
CA ASP B 265 -61.28 23.55 -26.15
C ASP B 265 -61.18 22.01 -26.11
N PHE B 266 -61.14 21.36 -27.28
CA PHE B 266 -61.06 19.89 -27.35
C PHE B 266 -59.71 19.24 -26.94
N GLY B 267 -58.66 20.04 -26.72
CA GLY B 267 -57.42 19.52 -26.15
C GLY B 267 -56.13 19.77 -26.90
N LEU B 268 -56.22 20.06 -28.19
CA LEU B 268 -55.03 20.31 -29.02
C LEU B 268 -54.48 21.70 -28.77
N ARG B 269 -53.16 21.78 -28.63
CA ARG B 269 -52.47 23.04 -28.39
C ARG B 269 -51.31 23.20 -29.36
N PRO B 270 -51.54 23.81 -30.53
CA PRO B 270 -50.44 24.09 -31.46
C PRO B 270 -49.45 25.13 -30.93
N SER B 271 -48.23 25.06 -31.42
CA SER B 271 -47.13 25.87 -30.94
C SER B 271 -46.17 26.25 -32.05
N LEU B 272 -45.80 27.51 -32.09
CA LEU B 272 -44.84 28.04 -33.05
C LEU B 272 -43.85 28.91 -32.30
N ALA B 273 -42.56 28.67 -32.50
CA ALA B 273 -41.55 29.40 -31.74
C ALA B 273 -40.32 29.67 -32.56
N TYR B 274 -39.59 30.69 -32.15
CA TYR B 274 -38.32 31.09 -32.80
C TYR B 274 -37.29 31.40 -31.72
N LEU B 275 -36.12 30.83 -31.86
CA LEU B 275 -35.04 31.06 -30.92
C LEU B 275 -33.75 31.38 -31.65
N GLN B 276 -32.99 32.30 -31.07
CA GLN B 276 -31.76 32.75 -31.66
C GLN B 276 -30.76 33.23 -30.62
N SER B 277 -29.52 32.77 -30.75
CA SER B 277 -28.41 33.28 -29.94
C SER B 277 -27.31 33.72 -30.89
N LYS B 278 -27.04 35.03 -30.88
CA LYS B 278 -26.06 35.66 -31.78
C LYS B 278 -24.80 36.02 -31.03
N GLY B 279 -23.71 35.33 -31.35
CA GLY B 279 -22.42 35.62 -30.75
C GLY B 279 -21.67 36.74 -31.44
N LYS B 280 -21.17 37.69 -30.66
CA LYS B 280 -20.43 38.84 -31.19
C LYS B 280 -18.97 38.80 -30.78
N ASN B 281 -18.10 39.18 -31.72
CA ASN B 281 -16.64 39.27 -31.49
C ASN B 281 -16.12 38.16 -30.57
N LEU B 282 -16.31 36.93 -31.00
CA LEU B 282 -16.09 35.74 -30.18
C LEU B 282 -14.62 35.43 -29.90
N GLY B 283 -13.76 35.81 -30.81
CA GLY B 283 -12.34 35.56 -30.67
C GLY B 283 -11.96 34.36 -31.48
N ARG B 284 -10.65 34.09 -31.55
CA ARG B 284 -10.13 32.89 -32.17
C ARG B 284 -10.46 32.81 -33.66
N GLY B 285 -10.52 33.97 -34.29
CA GLY B 285 -10.83 34.09 -35.71
C GLY B 285 -12.29 33.93 -36.13
N TYR B 286 -13.20 33.87 -35.17
CA TYR B 286 -14.61 33.62 -35.47
C TYR B 286 -15.50 34.84 -35.67
N ASP B 287 -15.16 35.95 -35.03
CA ASP B 287 -15.93 37.21 -35.16
C ASP B 287 -17.41 37.06 -34.72
N ASP B 288 -18.38 37.29 -35.60
CA ASP B 288 -19.80 37.11 -35.26
C ASP B 288 -20.32 35.80 -35.82
N GLU B 289 -20.93 34.99 -34.98
CA GLU B 289 -21.52 33.72 -35.42
C GLU B 289 -22.80 33.46 -34.65
N ASP B 290 -23.73 32.77 -35.29
CA ASP B 290 -24.92 32.26 -34.61
C ASP B 290 -24.54 31.05 -33.74
N ILE B 291 -24.91 31.09 -32.48
CA ILE B 291 -24.65 29.99 -31.56
C ILE B 291 -25.83 29.02 -31.60
N LEU B 292 -26.97 29.60 -31.90
CA LEU B 292 -28.23 28.89 -31.92
C LEU B 292 -29.17 29.68 -32.84
N LYS B 293 -29.95 28.98 -33.63
CA LYS B 293 -30.93 29.58 -34.50
C LYS B 293 -31.86 28.49 -35.01
N TYR B 294 -33.09 28.49 -34.50
CA TYR B 294 -34.06 27.55 -35.00
C TYR B 294 -35.48 27.98 -34.84
N VAL B 295 -36.31 27.45 -35.71
CA VAL B 295 -37.75 27.61 -35.65
C VAL B 295 -38.32 26.33 -35.08
N ASP B 296 -39.34 26.46 -34.25
CA ASP B 296 -39.93 25.29 -33.61
C ASP B 296 -41.43 25.24 -33.88
N VAL B 297 -41.87 24.11 -34.41
CA VAL B 297 -43.28 23.84 -34.67
C VAL B 297 -43.68 22.58 -33.92
N GLY B 298 -44.78 22.66 -33.19
CA GLY B 298 -45.24 21.50 -32.44
C GLY B 298 -46.69 21.60 -32.03
N ALA B 299 -47.15 20.51 -31.43
CA ALA B 299 -48.53 20.37 -30.99
C ALA B 299 -48.54 19.39 -29.85
N THR B 300 -49.31 19.71 -28.82
CA THR B 300 -49.56 18.84 -27.69
C THR B 300 -51.04 18.55 -27.70
N TYR B 301 -51.41 17.28 -27.54
CA TYR B 301 -52.81 16.93 -27.31
C TYR B 301 -52.95 16.49 -25.87
N TYR B 302 -53.81 17.18 -25.14
CA TYR B 302 -54.05 16.91 -23.71
C TYR B 302 -55.29 16.06 -23.55
N PHE B 303 -55.12 14.77 -23.26
CA PHE B 303 -56.28 13.91 -23.02
C PHE B 303 -57.04 14.39 -21.76
N ASN B 304 -56.29 14.78 -20.74
CA ASN B 304 -56.80 15.36 -19.49
C ASN B 304 -55.58 15.89 -18.69
N LYS B 305 -55.72 16.11 -17.38
CA LYS B 305 -54.61 16.73 -16.61
C LYS B 305 -53.42 15.79 -16.41
N ASN B 306 -53.64 14.50 -16.62
CA ASN B 306 -52.66 13.47 -16.28
C ASN B 306 -52.04 12.78 -17.51
N MET B 307 -52.57 13.04 -18.70
CA MET B 307 -52.14 12.30 -19.90
C MET B 307 -52.10 13.23 -21.10
N SER B 308 -51.00 13.17 -21.82
CA SER B 308 -50.85 13.99 -23.01
C SER B 308 -49.87 13.37 -23.98
N THR B 309 -49.97 13.79 -25.23
CA THR B 309 -49.05 13.38 -26.28
C THR B 309 -48.68 14.56 -27.17
N TYR B 310 -47.46 14.53 -27.68
CA TYR B 310 -46.97 15.67 -28.46
C TYR B 310 -45.93 15.34 -29.52
N VAL B 311 -45.89 16.20 -30.51
CA VAL B 311 -44.82 16.20 -31.50
C VAL B 311 -44.20 17.61 -31.43
N ASP B 312 -42.87 17.66 -31.45
CA ASP B 312 -42.11 18.91 -31.49
C ASP B 312 -41.11 18.80 -32.63
N TYR B 313 -41.14 19.79 -33.53
CA TYR B 313 -40.26 19.79 -34.71
C TYR B 313 -39.33 21.00 -34.67
N LYS B 314 -38.06 20.74 -34.43
CA LYS B 314 -37.02 21.77 -34.42
C LYS B 314 -36.43 21.86 -35.79
N ILE B 315 -36.73 22.96 -36.46
CA ILE B 315 -36.19 23.26 -37.77
C ILE B 315 -34.92 24.07 -37.54
N ASN B 316 -33.79 23.38 -37.66
CA ASN B 316 -32.53 23.95 -37.25
C ASN B 316 -31.99 24.80 -38.37
N LEU B 317 -31.84 26.09 -38.13
CA LEU B 317 -31.45 27.02 -39.21
C LEU B 317 -29.95 27.30 -39.25
N LEU B 318 -29.17 26.71 -38.34
CA LEU B 318 -27.72 26.89 -38.37
C LEU B 318 -27.14 26.18 -39.58
N ASP B 319 -26.14 26.81 -40.17
CA ASP B 319 -25.40 26.22 -41.27
C ASP B 319 -24.24 25.45 -40.67
N ASP B 320 -23.97 24.30 -41.27
CA ASP B 320 -22.77 23.54 -40.96
C ASP B 320 -21.57 24.31 -41.55
N ASN B 321 -20.72 24.79 -40.67
CA ASN B 321 -19.52 25.56 -41.04
C ASN B 321 -18.39 25.29 -40.03
N ARG B 322 -17.27 25.97 -40.18
CA ARG B 322 -16.09 25.77 -39.35
C ARG B 322 -16.42 25.94 -37.87
N PHE B 323 -17.12 27.03 -37.58
CA PHE B 323 -17.46 27.37 -36.22
C PHE B 323 -18.31 26.31 -35.52
N THR B 324 -19.35 25.84 -36.19
CA THR B 324 -20.28 24.88 -35.54
C THR B 324 -19.61 23.52 -35.32
N ARG B 325 -18.72 23.16 -36.24
CA ARG B 325 -17.96 21.90 -36.13
C ARG B 325 -16.94 21.96 -35.01
N ASP B 326 -16.20 23.06 -34.97
CA ASP B 326 -15.27 23.31 -33.90
C ASP B 326 -15.95 23.37 -32.54
N ALA B 327 -17.08 24.06 -32.48
CA ALA B 327 -17.86 24.19 -31.25
C ALA B 327 -18.62 22.89 -30.88
N GLY B 328 -18.83 22.00 -31.84
CA GLY B 328 -19.62 20.79 -31.61
C GLY B 328 -21.11 21.07 -31.49
N ILE B 329 -21.58 22.14 -32.15
CA ILE B 329 -22.99 22.50 -32.10
C ILE B 329 -23.79 21.77 -33.17
N ASN B 330 -24.95 21.27 -32.76
CA ASN B 330 -25.87 20.55 -33.65
C ASN B 330 -26.49 21.52 -34.63
N THR B 331 -26.36 21.20 -35.90
CA THR B 331 -26.98 22.00 -36.95
C THR B 331 -28.12 21.24 -37.63
N ASP B 332 -28.40 20.02 -37.17
CA ASP B 332 -29.47 19.18 -37.74
C ASP B 332 -30.85 19.38 -37.06
N ASP B 333 -31.88 19.04 -37.81
CA ASP B 333 -33.26 19.07 -37.37
C ASP B 333 -33.49 17.91 -36.40
N ILE B 334 -34.44 18.09 -35.49
CA ILE B 334 -34.87 17.02 -34.58
C ILE B 334 -36.39 17.03 -34.49
N VAL B 335 -37.01 15.85 -34.55
CA VAL B 335 -38.44 15.68 -34.26
C VAL B 335 -38.51 14.86 -32.97
N ALA B 336 -39.34 15.31 -32.05
CA ALA B 336 -39.54 14.62 -30.80
C ALA B 336 -40.97 14.15 -30.76
N LEU B 337 -41.14 12.91 -30.36
CA LEU B 337 -42.46 12.30 -30.24
C LEU B 337 -42.59 11.73 -28.83
N GLY B 338 -43.62 12.20 -28.14
CA GLY B 338 -43.79 11.91 -26.72
C GLY B 338 -45.19 11.52 -26.31
N LEU B 339 -45.25 10.66 -25.29
CA LEU B 339 -46.47 10.22 -24.64
C LEU B 339 -46.16 10.31 -23.14
N VAL B 340 -46.97 11.06 -22.41
CA VAL B 340 -46.63 11.56 -21.07
C VAL B 340 -47.74 11.30 -20.04
N TYR B 341 -47.42 10.49 -19.04
CA TYR B 341 -48.28 10.30 -17.89
C TYR B 341 -47.70 11.11 -16.74
N GLN B 342 -48.53 11.94 -16.12
CA GLN B 342 -48.14 12.68 -14.92
C GLN B 342 -49.20 12.63 -13.85
N PHE B 343 -48.74 12.80 -12.63
CA PHE B 343 -49.57 12.83 -11.43
C PHE B 343 -49.09 13.97 -10.54
N ALA C 1 -48.64 0.01 -2.79
CA ALA C 1 -49.85 0.45 -2.05
C ALA C 1 -50.48 1.66 -2.72
N GLU C 2 -51.81 1.67 -2.78
CA GLU C 2 -52.55 2.77 -3.40
C GLU C 2 -52.55 3.95 -2.44
N ILE C 3 -51.84 5.00 -2.77
CA ILE C 3 -51.69 6.17 -1.88
C ILE C 3 -52.47 7.37 -2.38
N TYR C 4 -53.14 7.21 -3.50
CA TYR C 4 -53.91 8.28 -4.11
C TYR C 4 -54.95 7.69 -5.05
N ASN C 5 -56.18 8.13 -4.88
CA ASN C 5 -57.28 7.74 -5.75
C ASN C 5 -58.32 8.83 -5.65
N LYS C 6 -58.42 9.65 -6.69
CA LYS C 6 -59.17 10.90 -6.63
C LYS C 6 -59.44 11.47 -8.01
N ASP C 7 -60.65 11.97 -8.23
CA ASP C 7 -60.96 12.76 -9.43
C ASP C 7 -60.34 12.16 -10.71
N GLY C 8 -60.51 10.85 -10.91
CA GLY C 8 -60.08 10.17 -12.14
C GLY C 8 -58.63 9.67 -12.24
N ASN C 9 -57.81 9.95 -11.23
CA ASN C 9 -56.45 9.41 -11.22
C ASN C 9 -56.18 8.55 -10.00
N LYS C 10 -55.43 7.47 -10.19
CA LYS C 10 -54.94 6.70 -9.04
C LYS C 10 -53.45 6.37 -9.17
N LEU C 11 -52.83 6.20 -8.01
CA LEU C 11 -51.39 6.00 -7.94
C LEU C 11 -51.06 4.97 -6.89
N ASP C 12 -50.32 3.95 -7.31
CA ASP C 12 -49.82 2.92 -6.42
C ASP C 12 -48.31 3.13 -6.28
N LEU C 13 -47.88 3.45 -5.08
CA LEU C 13 -46.47 3.52 -4.76
C LEU C 13 -46.18 2.17 -4.14
N TYR C 14 -45.29 1.41 -4.76
CA TYR C 14 -45.02 0.05 -4.30
C TYR C 14 -43.51 -0.15 -4.14
N GLY C 15 -43.14 -1.20 -3.41
CA GLY C 15 -41.74 -1.41 -3.10
C GLY C 15 -41.48 -2.56 -2.17
N LYS C 16 -40.21 -2.93 -2.07
CA LYS C 16 -39.82 -3.96 -1.12
C LYS C 16 -38.38 -3.79 -0.72
N VAL C 17 -38.08 -4.32 0.45
CA VAL C 17 -36.72 -4.47 0.95
C VAL C 17 -36.50 -5.95 1.14
N GLU C 18 -35.46 -6.43 0.50
CA GLU C 18 -35.11 -7.82 0.53
C GLU C 18 -33.78 -7.88 1.27
N GLY C 19 -33.85 -8.31 2.53
CA GLY C 19 -32.67 -8.70 3.29
C GLY C 19 -32.25 -10.06 2.74
N LEU C 20 -31.12 -10.08 2.05
CA LEU C 20 -30.76 -11.21 1.23
C LEU C 20 -29.28 -11.53 1.40
N HIS C 21 -28.98 -12.81 1.65
CA HIS C 21 -27.60 -13.30 1.74
C HIS C 21 -27.39 -14.54 0.88
N TYR C 22 -26.28 -14.54 0.13
CA TYR C 22 -25.88 -15.66 -0.73
C TYR C 22 -24.77 -16.42 -0.05
N PHE C 23 -24.84 -17.75 -0.09
CA PHE C 23 -23.74 -18.60 0.40
C PHE C 23 -23.21 -19.43 -0.76
N SER C 24 -21.92 -19.34 -1.02
CA SER C 24 -21.31 -20.07 -2.14
C SER C 24 -19.83 -20.27 -1.96
N ASP C 25 -19.30 -21.35 -2.53
CA ASP C 25 -17.84 -21.57 -2.56
C ASP C 25 -17.22 -20.60 -3.58
N ASN C 26 -18.02 -20.14 -4.54
CA ASN C 26 -17.60 -19.07 -5.45
C ASN C 26 -17.69 -17.72 -4.73
N ASP C 27 -16.54 -17.12 -4.45
CA ASP C 27 -16.47 -15.92 -3.60
C ASP C 27 -17.21 -14.74 -4.22
N SER C 28 -17.29 -14.70 -5.54
CA SER C 28 -17.98 -13.63 -6.24
C SER C 28 -19.49 -13.77 -6.15
N LYS C 29 -19.95 -14.87 -5.57
CA LYS C 29 -21.38 -15.09 -5.39
C LYS C 29 -21.73 -15.21 -3.93
N ASP C 30 -20.77 -14.94 -3.05
CA ASP C 30 -20.91 -15.20 -1.63
C ASP C 30 -21.00 -13.91 -0.85
N GLY C 31 -22.05 -13.78 -0.05
CA GLY C 31 -22.20 -12.64 0.85
C GLY C 31 -23.50 -11.88 0.65
N ASP C 32 -23.49 -10.64 1.16
CA ASP C 32 -24.66 -9.79 1.26
C ASP C 32 -25.18 -9.35 -0.11
N LYS C 33 -26.47 -9.59 -0.31
CA LYS C 33 -27.12 -9.21 -1.53
C LYS C 33 -28.36 -8.36 -1.27
N THR C 34 -28.44 -7.77 -0.09
CA THR C 34 -29.58 -6.94 0.24
C THR C 34 -29.85 -5.87 -0.81
N TYR C 35 -31.10 -5.68 -1.14
CA TYR C 35 -31.52 -4.62 -2.04
C TYR C 35 -32.95 -4.17 -1.79
N MET C 36 -33.26 -3.06 -2.45
CA MET C 36 -34.53 -2.39 -2.35
C MET C 36 -35.11 -2.22 -3.76
N ARG C 37 -36.40 -2.35 -3.89
CA ARG C 37 -37.10 -1.97 -5.13
C ARG C 37 -38.25 -1.09 -4.80
N LEU C 38 -38.53 -0.19 -5.72
CA LEU C 38 -39.45 0.88 -5.51
C LEU C 38 -40.03 1.23 -6.86
N GLY C 39 -41.33 1.47 -6.88
CA GLY C 39 -41.95 1.96 -8.10
C GLY C 39 -43.27 2.67 -7.92
N PHE C 40 -43.75 3.20 -9.04
CA PHE C 40 -45.09 3.72 -9.10
C PHE C 40 -45.85 3.23 -10.30
N LYS C 41 -47.14 3.06 -10.10
CA LYS C 41 -48.02 2.61 -11.13
C LYS C 41 -49.23 3.53 -11.07
N GLY C 42 -49.48 4.19 -12.19
CA GLY C 42 -50.45 5.25 -12.28
C GLY C 42 -51.40 4.94 -13.40
N GLU C 43 -52.67 5.20 -13.14
CA GLU C 43 -53.75 4.94 -14.08
C GLU C 43 -54.71 6.10 -14.00
N THR C 44 -55.01 6.69 -15.15
CA THR C 44 -55.99 7.78 -15.25
C THR C 44 -57.13 7.42 -16.22
N GLN C 45 -58.39 7.65 -15.81
CA GLN C 45 -59.54 7.47 -16.71
C GLN C 45 -59.73 8.73 -17.56
N VAL C 46 -59.56 8.59 -18.88
CA VAL C 46 -59.75 9.73 -19.78
C VAL C 46 -61.21 9.81 -20.17
N THR C 47 -61.72 8.71 -20.72
CA THR C 47 -63.15 8.50 -20.98
C THR C 47 -63.53 7.15 -20.38
N ASP C 48 -64.78 6.73 -20.56
CA ASP C 48 -65.24 5.43 -20.04
C ASP C 48 -64.53 4.25 -20.64
N GLN C 49 -63.97 4.45 -21.83
CA GLN C 49 -63.27 3.37 -22.55
C GLN C 49 -61.76 3.56 -22.60
N LEU C 50 -61.28 4.79 -22.39
CA LEU C 50 -59.87 5.11 -22.58
C LEU C 50 -59.21 5.41 -21.25
N THR C 51 -58.21 4.60 -20.88
CA THR C 51 -57.38 4.92 -19.75
C THR C 51 -55.97 5.28 -20.23
N GLY C 52 -55.35 6.21 -19.50
CA GLY C 52 -53.95 6.53 -19.69
C GLY C 52 -53.21 5.95 -18.50
N TYR C 53 -51.97 5.56 -18.72
CA TYR C 53 -51.18 4.96 -17.64
C TYR C 53 -49.69 5.18 -17.81
N GLY C 54 -49.00 5.01 -16.69
CA GLY C 54 -47.57 5.09 -16.64
C GLY C 54 -47.02 4.28 -15.48
N GLN C 55 -45.81 3.80 -15.65
CA GLN C 55 -45.20 2.98 -14.65
C GLN C 55 -43.68 3.15 -14.73
N TRP C 56 -43.09 3.14 -13.54
CA TRP C 56 -41.68 3.39 -13.31
C TRP C 56 -41.30 2.46 -12.15
N GLU C 57 -40.18 1.76 -12.30
CA GLU C 57 -39.70 0.89 -11.25
C GLU C 57 -38.18 0.97 -11.26
N TYR C 58 -37.62 1.01 -10.05
CA TYR C 58 -36.25 1.35 -9.79
C TYR C 58 -35.73 0.31 -8.83
N GLN C 59 -34.47 -0.07 -8.99
CA GLN C 59 -33.79 -0.95 -8.02
C GLN C 59 -32.57 -0.24 -7.44
N ILE C 60 -32.39 -0.41 -6.15
CA ILE C 60 -31.34 0.27 -5.41
C ILE C 60 -30.69 -0.78 -4.53
N GLN C 61 -29.42 -1.00 -4.79
CA GLN C 61 -28.66 -1.98 -4.07
C GLN C 61 -28.51 -1.52 -2.63
N GLY C 62 -28.61 -2.44 -1.69
CA GLY C 62 -28.45 -2.12 -0.26
C GLY C 62 -27.27 -2.84 0.37
N ASN C 63 -26.40 -3.38 -0.48
CA ASN C 63 -25.26 -4.17 -0.02
C ASN C 63 -23.93 -3.47 -0.25
N GLU C 64 -23.99 -2.18 -0.52
CA GLU C 64 -22.81 -1.38 -0.87
C GLU C 64 -22.49 -0.35 0.18
N PRO C 65 -21.22 0.09 0.23
CA PRO C 65 -20.91 1.16 1.13
C PRO C 65 -21.47 2.47 0.53
N GLU C 66 -21.49 3.48 1.36
CA GLU C 66 -22.12 4.75 1.08
C GLU C 66 -21.31 5.63 0.12
N SER C 67 -20.06 5.28 -0.10
CA SER C 67 -19.21 6.04 -1.04
C SER C 67 -19.44 5.69 -2.50
N ASP C 68 -20.10 4.55 -2.73
CA ASP C 68 -20.27 3.97 -4.08
C ASP C 68 -21.49 3.07 -4.14
N ASN C 69 -22.68 3.67 -4.22
CA ASN C 69 -23.94 2.91 -4.24
C ASN C 69 -24.62 3.01 -5.62
N SER C 70 -25.03 1.85 -6.14
CA SER C 70 -25.58 1.70 -7.47
C SER C 70 -27.11 1.39 -7.50
N SER C 71 -27.75 1.95 -8.51
CA SER C 71 -29.18 1.85 -8.73
C SER C 71 -29.50 1.90 -10.22
N TRP C 72 -30.71 1.55 -10.57
CA TRP C 72 -31.08 1.53 -11.96
C TRP C 72 -32.59 1.42 -12.13
N THR C 73 -33.04 1.92 -13.27
CA THR C 73 -34.43 1.85 -13.70
C THR C 73 -34.66 0.54 -14.36
N ARG C 74 -35.65 -0.18 -13.88
CA ARG C 74 -36.07 -1.43 -14.49
C ARG C 74 -37.10 -1.21 -15.61
N VAL C 75 -38.16 -0.46 -15.31
CA VAL C 75 -39.17 -0.11 -16.31
C VAL C 75 -39.53 1.37 -16.19
N ALA C 76 -39.92 1.96 -17.30
CA ALA C 76 -40.32 3.36 -17.35
C ALA C 76 -41.03 3.60 -18.65
N PHE C 77 -42.36 3.57 -18.60
CA PHE C 77 -43.20 3.64 -19.78
C PHE C 77 -44.54 4.35 -19.53
N ALA C 78 -45.07 4.93 -20.61
CA ALA C 78 -46.37 5.59 -20.66
C ALA C 78 -47.18 4.88 -21.71
N GLY C 79 -48.49 4.81 -21.51
CA GLY C 79 -49.37 4.22 -22.50
C GLY C 79 -50.83 4.59 -22.40
N LEU C 80 -51.57 4.12 -23.40
CA LEU C 80 -53.01 4.29 -23.50
C LEU C 80 -53.64 2.92 -23.68
N LYS C 81 -54.84 2.75 -23.12
CA LYS C 81 -55.60 1.52 -23.25
C LYS C 81 -57.03 1.84 -23.62
N PHE C 82 -57.49 1.33 -24.76
CA PHE C 82 -58.89 1.50 -25.16
C PHE C 82 -59.64 0.17 -25.09
N GLN C 83 -60.86 0.20 -24.55
CA GLN C 83 -61.61 -1.01 -24.25
C GLN C 83 -61.95 -1.83 -25.52
N ASP C 84 -61.71 -3.13 -25.46
CA ASP C 84 -61.96 -4.07 -26.60
C ASP C 84 -61.18 -3.70 -27.87
N VAL C 85 -60.15 -2.89 -27.72
CA VAL C 85 -59.34 -2.49 -28.90
C VAL C 85 -57.87 -2.78 -28.66
N GLY C 86 -57.42 -2.52 -27.44
CA GLY C 86 -56.08 -2.88 -26.99
C GLY C 86 -55.36 -1.73 -26.33
N SER C 87 -54.08 -1.95 -26.03
CA SER C 87 -53.24 -0.93 -25.42
C SER C 87 -51.98 -0.68 -26.24
N PHE C 88 -51.41 0.49 -26.06
CA PHE C 88 -50.11 0.83 -26.60
C PHE C 88 -49.31 1.53 -25.51
N ASP C 89 -48.06 1.13 -25.37
CA ASP C 89 -47.14 1.84 -24.48
C ASP C 89 -45.72 1.85 -25.04
N TYR C 90 -45.01 2.89 -24.66
CA TYR C 90 -43.66 3.10 -25.10
C TYR C 90 -42.78 3.49 -23.92
N GLY C 91 -41.58 2.93 -23.92
CA GLY C 91 -40.54 3.26 -22.96
C GLY C 91 -39.62 2.08 -22.77
N ARG C 92 -39.05 2.03 -21.58
CA ARG C 92 -38.28 0.89 -21.16
C ARG C 92 -39.26 -0.09 -20.61
N ASN C 93 -39.19 -1.32 -21.06
CA ASN C 93 -40.22 -2.29 -20.73
C ASN C 93 -39.72 -3.69 -20.97
N TYR C 94 -40.64 -4.64 -20.90
CA TYR C 94 -40.36 -6.05 -21.13
C TYR C 94 -40.56 -6.43 -22.60
N GLY C 95 -39.55 -7.08 -23.17
CA GLY C 95 -39.68 -7.66 -24.49
C GLY C 95 -40.78 -8.68 -24.53
N VAL C 96 -41.44 -8.75 -25.66
CA VAL C 96 -42.62 -9.59 -25.86
C VAL C 96 -42.32 -11.09 -25.69
N VAL C 97 -41.08 -11.52 -25.98
CA VAL C 97 -40.64 -12.88 -25.64
C VAL C 97 -40.95 -13.25 -24.16
N TYR C 98 -40.72 -12.31 -23.25
CA TYR C 98 -41.00 -12.52 -21.84
C TYR C 98 -42.52 -12.76 -21.54
N ASP C 99 -43.41 -12.49 -22.49
CA ASP C 99 -44.84 -12.84 -22.31
C ASP C 99 -44.98 -14.34 -22.12
N VAL C 100 -44.03 -15.11 -22.62
CA VAL C 100 -44.04 -16.57 -22.41
C VAL C 100 -42.92 -17.06 -21.47
N THR C 101 -41.69 -16.57 -21.65
CA THR C 101 -40.60 -17.08 -20.82
C THR C 101 -40.87 -16.75 -19.36
N SER C 102 -41.63 -15.68 -19.11
CA SER C 102 -41.99 -15.30 -17.73
C SER C 102 -42.69 -16.37 -16.91
N TRP C 103 -43.36 -17.31 -17.58
CA TRP C 103 -44.10 -18.39 -16.91
C TRP C 103 -43.26 -19.31 -16.00
N THR C 104 -41.97 -19.41 -16.30
CA THR C 104 -41.02 -20.16 -15.48
C THR C 104 -40.14 -19.28 -14.58
N ASP C 105 -40.26 -17.96 -14.72
CA ASP C 105 -39.53 -17.00 -13.92
C ASP C 105 -40.24 -16.67 -12.59
N VAL C 106 -40.42 -17.71 -11.78
CA VAL C 106 -41.21 -17.61 -10.54
C VAL C 106 -40.49 -18.19 -9.32
N LEU C 107 -39.17 -18.36 -9.42
CA LEU C 107 -38.41 -18.95 -8.31
C LEU C 107 -38.18 -17.86 -7.24
N PRO C 108 -37.86 -18.27 -6.00
CA PRO C 108 -37.66 -17.26 -4.94
C PRO C 108 -36.56 -16.25 -5.23
N GLU C 109 -35.42 -16.70 -5.73
CA GLU C 109 -34.32 -15.79 -6.07
C GLU C 109 -33.66 -16.07 -7.41
N PHE C 110 -33.44 -17.34 -7.72
CA PHE C 110 -32.74 -17.72 -8.97
C PHE C 110 -33.72 -17.77 -10.13
N GLY C 111 -33.35 -18.44 -11.21
CA GLY C 111 -34.24 -18.62 -12.35
C GLY C 111 -34.20 -17.45 -13.30
N GLY C 112 -34.89 -17.58 -14.41
CA GLY C 112 -35.04 -16.49 -15.36
C GLY C 112 -33.75 -16.10 -16.02
N ASP C 113 -32.78 -17.00 -16.08
CA ASP C 113 -31.43 -16.61 -16.49
C ASP C 113 -30.86 -17.41 -17.65
N THR C 114 -31.73 -17.91 -18.52
CA THR C 114 -31.31 -18.34 -19.87
C THR C 114 -31.30 -17.14 -20.84
N TYR C 115 -31.47 -15.94 -20.28
CA TYR C 115 -31.44 -14.67 -21.01
C TYR C 115 -31.10 -13.60 -19.99
N ASP C 116 -30.95 -12.36 -20.46
CA ASP C 116 -30.52 -11.23 -19.64
C ASP C 116 -31.45 -10.05 -19.86
N SER C 117 -31.29 -9.07 -19.00
CA SER C 117 -31.71 -7.69 -19.29
C SER C 117 -30.90 -7.07 -20.43
N ASP C 118 -31.53 -6.18 -21.18
CA ASP C 118 -30.90 -5.46 -22.28
C ASP C 118 -30.25 -6.44 -23.26
N ASN C 119 -31.05 -7.46 -23.57
CA ASN C 119 -30.61 -8.63 -24.32
C ASN C 119 -31.60 -8.84 -25.44
N PHE C 120 -31.57 -7.91 -26.40
CA PHE C 120 -32.55 -7.85 -27.47
C PHE C 120 -33.97 -7.82 -26.87
N MET C 121 -34.90 -8.57 -27.41
CA MET C 121 -36.31 -8.42 -26.98
C MET C 121 -36.74 -9.52 -26.01
N GLN C 122 -35.75 -10.12 -25.34
CA GLN C 122 -35.96 -11.26 -24.44
C GLN C 122 -36.42 -10.88 -23.02
N GLN C 123 -35.99 -9.73 -22.54
CA GLN C 123 -36.45 -9.28 -21.21
C GLN C 123 -36.54 -7.74 -21.17
N ARG C 124 -36.14 -7.11 -20.09
CA ARG C 124 -36.26 -5.66 -19.99
C ARG C 124 -35.28 -5.04 -20.99
N GLY C 125 -35.66 -3.90 -21.52
CA GLY C 125 -34.85 -3.23 -22.53
C GLY C 125 -35.39 -1.87 -22.86
N ASN C 126 -34.58 -1.06 -23.53
CA ASN C 126 -34.95 0.33 -23.91
C ASN C 126 -35.70 0.43 -25.23
N GLY C 127 -36.67 1.32 -25.26
CA GLY C 127 -37.27 1.74 -26.51
C GLY C 127 -38.22 0.73 -27.14
N PHE C 128 -39.05 0.10 -26.32
CA PHE C 128 -40.08 -0.79 -26.80
C PHE C 128 -41.37 -0.02 -27.08
N ALA C 129 -41.87 -0.15 -28.31
CA ALA C 129 -43.21 0.25 -28.69
C ALA C 129 -44.02 -1.03 -28.75
N THR C 130 -44.98 -1.17 -27.83
CA THR C 130 -45.72 -2.41 -27.66
C THR C 130 -47.22 -2.19 -27.83
N TYR C 131 -47.80 -2.92 -28.76
CA TYR C 131 -49.24 -3.01 -28.92
C TYR C 131 -49.69 -4.31 -28.34
N ARG C 132 -50.80 -4.27 -27.59
CA ARG C 132 -51.35 -5.47 -26.97
C ARG C 132 -52.85 -5.50 -27.18
N ASN C 133 -53.36 -6.71 -27.43
CA ASN C 133 -54.79 -6.94 -27.56
C ASN C 133 -55.18 -8.11 -26.66
N THR C 134 -56.15 -7.87 -25.80
CA THR C 134 -56.53 -8.84 -24.79
C THR C 134 -57.94 -9.32 -25.06
N ASP C 135 -58.13 -10.63 -25.00
CA ASP C 135 -59.41 -11.29 -25.30
C ASP C 135 -59.85 -11.11 -26.75
N PHE C 136 -58.87 -10.94 -27.63
CA PHE C 136 -59.09 -10.69 -29.07
C PHE C 136 -60.28 -9.76 -29.34
N PHE C 137 -60.05 -8.46 -29.16
CA PHE C 137 -61.08 -7.43 -29.38
C PHE C 137 -62.37 -7.70 -28.58
N GLY C 138 -62.24 -8.40 -27.46
CA GLY C 138 -63.39 -8.81 -26.63
C GLY C 138 -64.17 -10.03 -27.11
N LEU C 139 -63.67 -10.70 -28.14
CA LEU C 139 -64.38 -11.81 -28.79
C LEU C 139 -64.00 -13.21 -28.32
N VAL C 140 -62.77 -13.41 -27.87
CA VAL C 140 -62.28 -14.74 -27.43
C VAL C 140 -61.61 -14.67 -26.06
N ASP C 141 -62.36 -15.04 -25.01
CA ASP C 141 -61.88 -14.89 -23.65
C ASP C 141 -60.58 -15.70 -23.46
N GLY C 142 -59.52 -15.04 -23.05
CA GLY C 142 -58.23 -15.71 -22.80
C GLY C 142 -57.24 -15.65 -23.94
N LEU C 143 -57.65 -15.15 -25.10
CA LEU C 143 -56.74 -15.03 -26.23
C LEU C 143 -56.13 -13.63 -26.23
N ASP C 144 -54.84 -13.57 -25.92
CA ASP C 144 -54.08 -12.33 -25.93
C ASP C 144 -52.97 -12.40 -26.96
N PHE C 145 -52.64 -11.25 -27.52
CA PHE C 145 -51.48 -11.18 -28.41
C PHE C 145 -50.87 -9.78 -28.40
N ALA C 146 -49.63 -9.73 -28.85
CA ALA C 146 -48.81 -8.53 -28.80
C ALA C 146 -47.92 -8.43 -30.04
N VAL C 147 -47.82 -7.21 -30.58
CA VAL C 147 -46.84 -6.88 -31.59
C VAL C 147 -45.95 -5.79 -30.99
N GLN C 148 -44.64 -5.96 -31.14
CA GLN C 148 -43.67 -5.09 -30.52
C GLN C 148 -42.56 -4.74 -31.47
N TYR C 149 -42.18 -3.46 -31.46
CA TYR C 149 -41.00 -2.94 -32.16
C TYR C 149 -40.03 -2.35 -31.11
N GLN C 150 -38.74 -2.62 -31.28
CA GLN C 150 -37.71 -2.06 -30.44
C GLN C 150 -36.76 -1.31 -31.31
N GLY C 151 -36.60 -0.03 -31.01
CA GLY C 151 -35.71 0.80 -31.79
C GLY C 151 -34.26 0.56 -31.44
N LYS C 152 -33.41 0.69 -32.44
CA LYS C 152 -31.96 0.68 -32.28
C LYS C 152 -31.48 1.42 -31.01
N ASN C 153 -30.72 0.71 -30.19
CA ASN C 153 -29.92 1.25 -29.09
C ASN C 153 -28.46 0.96 -29.34
N GLY C 154 -27.72 1.97 -29.70
CA GLY C 154 -26.43 1.74 -30.35
C GLY C 154 -25.29 2.12 -29.44
N SER C 155 -24.17 2.49 -30.04
CA SER C 155 -22.97 2.83 -29.29
C SER C 155 -23.01 4.27 -28.78
N ALA C 156 -22.15 4.56 -27.82
CA ALA C 156 -21.99 5.94 -27.30
C ALA C 156 -21.16 6.82 -28.20
N HIS C 157 -20.39 6.23 -29.10
CA HIS C 157 -19.44 6.97 -29.94
C HIS C 157 -19.33 6.42 -31.37
N GLY C 158 -19.11 7.32 -32.32
CA GLY C 158 -18.79 6.95 -33.70
C GLY C 158 -19.93 6.40 -34.55
N GLU C 159 -19.58 5.48 -35.44
CA GLU C 159 -20.57 4.82 -36.28
C GLU C 159 -21.54 4.04 -35.40
N GLY C 160 -22.81 4.08 -35.77
CA GLY C 160 -23.86 3.34 -35.06
C GLY C 160 -24.30 3.98 -33.76
N MET C 161 -23.96 5.26 -33.58
CA MET C 161 -24.30 5.99 -32.37
C MET C 161 -25.82 6.25 -32.28
N THR C 162 -26.37 6.08 -31.09
CA THR C 162 -27.69 6.66 -30.76
C THR C 162 -27.54 7.59 -29.58
N THR C 163 -28.54 8.44 -29.39
CA THR C 163 -28.52 9.43 -28.31
C THR C 163 -28.39 8.76 -26.94
N ASN C 164 -28.93 7.55 -26.83
CA ASN C 164 -28.79 6.74 -25.61
C ASN C 164 -27.80 5.59 -25.75
N GLY C 165 -26.74 5.81 -26.52
CA GLY C 165 -25.78 4.78 -26.84
C GLY C 165 -25.10 4.21 -25.61
N ARG C 166 -24.71 2.96 -25.67
CA ARG C 166 -24.00 2.34 -24.58
C ARG C 166 -22.86 1.52 -25.16
N ASP C 167 -21.72 1.58 -24.50
CA ASP C 167 -20.53 0.94 -25.05
C ASP C 167 -20.48 -0.55 -24.78
N ASP C 168 -21.26 -1.03 -23.82
CA ASP C 168 -21.33 -2.46 -23.61
C ASP C 168 -22.17 -3.07 -24.71
N VAL C 169 -21.45 -3.77 -25.56
CA VAL C 169 -21.92 -4.46 -26.76
C VAL C 169 -23.04 -5.46 -26.44
N PHE C 170 -22.98 -6.06 -25.26
CA PHE C 170 -24.03 -6.99 -24.81
C PHE C 170 -25.36 -6.29 -24.51
N GLU C 171 -25.33 -4.97 -24.39
CA GLU C 171 -26.52 -4.18 -24.12
C GLU C 171 -27.05 -3.37 -25.32
N GLN C 172 -26.46 -3.57 -26.49
CA GLN C 172 -26.85 -2.84 -27.72
C GLN C 172 -27.86 -3.67 -28.50
N ASN C 173 -28.53 -3.04 -29.44
CA ASN C 173 -29.37 -3.77 -30.38
C ASN C 173 -29.67 -2.87 -31.55
N GLY C 174 -29.97 -3.47 -32.69
CA GLY C 174 -30.55 -2.75 -33.81
C GLY C 174 -32.08 -2.79 -33.71
N ASP C 175 -32.73 -2.29 -34.75
CA ASP C 175 -34.18 -2.36 -34.88
C ASP C 175 -34.66 -3.82 -34.82
N GLY C 176 -35.72 -4.05 -34.07
CA GLY C 176 -36.21 -5.40 -33.87
C GLY C 176 -37.73 -5.42 -33.87
N VAL C 177 -38.26 -6.60 -34.12
CA VAL C 177 -39.70 -6.80 -34.20
C VAL C 177 -39.98 -8.11 -33.55
N GLY C 178 -41.11 -8.18 -32.87
CA GLY C 178 -41.51 -9.41 -32.21
C GLY C 178 -43.00 -9.49 -32.01
N GLY C 179 -43.45 -10.70 -31.72
CA GLY C 179 -44.86 -10.93 -31.45
C GLY C 179 -45.04 -12.04 -30.45
N SER C 180 -46.22 -12.08 -29.84
CA SER C 180 -46.54 -13.13 -28.88
C SER C 180 -48.01 -13.41 -28.93
N ILE C 181 -48.35 -14.67 -28.67
CA ILE C 181 -49.74 -15.13 -28.57
C ILE C 181 -49.84 -16.02 -27.36
N THR C 182 -50.91 -15.87 -26.59
CA THR C 182 -51.13 -16.70 -25.44
C THR C 182 -52.61 -16.99 -25.29
N TYR C 183 -52.90 -18.24 -24.91
CA TYR C 183 -54.28 -18.68 -24.68
C TYR C 183 -54.34 -19.35 -23.31
N ASN C 184 -55.23 -18.84 -22.49
CA ASN C 184 -55.44 -19.33 -21.14
C ASN C 184 -56.89 -19.73 -21.00
N TYR C 185 -57.12 -20.96 -20.54
CA TYR C 185 -58.47 -21.45 -20.28
C TYR C 185 -58.47 -22.35 -19.03
N GLU C 186 -59.31 -22.00 -18.06
CA GLU C 186 -59.50 -22.82 -16.84
C GLU C 186 -58.18 -23.26 -16.16
N GLY C 187 -57.21 -22.34 -16.11
CA GLY C 187 -55.94 -22.60 -15.44
C GLY C 187 -54.84 -23.14 -16.33
N PHE C 188 -55.22 -23.66 -17.49
CA PHE C 188 -54.26 -24.15 -18.49
C PHE C 188 -53.82 -22.99 -19.40
N GLY C 189 -52.53 -23.00 -19.75
CA GLY C 189 -51.94 -21.97 -20.62
C GLY C 189 -50.99 -22.54 -21.67
N ILE C 190 -51.20 -22.11 -22.92
CA ILE C 190 -50.32 -22.37 -24.05
C ILE C 190 -49.93 -21.01 -24.64
N GLY C 191 -48.71 -20.93 -25.17
CA GLY C 191 -48.20 -19.66 -25.69
C GLY C 191 -46.97 -19.78 -26.56
N ALA C 192 -46.77 -18.77 -27.40
CA ALA C 192 -45.68 -18.74 -28.35
C ALA C 192 -45.23 -17.29 -28.56
N ALA C 193 -43.95 -17.12 -28.82
CA ALA C 193 -43.36 -15.81 -29.06
C ALA C 193 -42.17 -15.93 -30.00
N VAL C 194 -42.03 -14.93 -30.85
CA VAL C 194 -40.95 -14.82 -31.80
C VAL C 194 -40.41 -13.39 -31.77
N SER C 195 -39.09 -13.26 -31.93
CA SER C 195 -38.49 -11.96 -32.09
C SER C 195 -37.33 -12.05 -33.05
N SER C 196 -37.04 -10.91 -33.65
CA SER C 196 -35.99 -10.78 -34.65
C SER C 196 -35.44 -9.36 -34.58
N SER C 197 -34.19 -9.25 -34.13
CA SER C 197 -33.54 -7.95 -34.01
C SER C 197 -32.30 -7.96 -34.86
N LYS C 198 -32.09 -6.84 -35.53
CA LYS C 198 -30.87 -6.60 -36.24
C LYS C 198 -29.75 -6.43 -35.20
N ARG C 199 -28.57 -6.93 -35.51
CA ARG C 199 -27.39 -6.78 -34.66
C ARG C 199 -26.61 -5.55 -35.10
N THR C 200 -25.95 -4.88 -34.16
CA THR C 200 -25.21 -3.65 -34.48
C THR C 200 -23.82 -3.94 -35.02
N TRP C 201 -23.18 -2.93 -35.59
CA TRP C 201 -21.86 -3.14 -36.17
C TRP C 201 -20.87 -3.54 -35.06
N ASP C 202 -20.92 -2.82 -33.94
CA ASP C 202 -20.06 -3.07 -32.78
C ASP C 202 -20.19 -4.51 -32.32
N GLN C 203 -21.42 -5.01 -32.29
CA GLN C 203 -21.71 -6.37 -31.83
C GLN C 203 -21.09 -7.42 -32.73
N ASN C 204 -21.00 -7.12 -34.02
CA ASN C 204 -20.45 -8.04 -35.01
C ASN C 204 -18.97 -7.82 -35.32
N ASN C 205 -18.37 -6.79 -34.74
CA ASN C 205 -17.01 -6.39 -35.11
C ASN C 205 -16.06 -6.05 -33.93
N THR C 206 -16.28 -6.68 -32.79
CA THR C 206 -15.35 -6.59 -31.64
C THR C 206 -14.76 -7.97 -31.29
N GLY C 207 -14.71 -8.86 -32.25
CA GLY C 207 -14.06 -10.17 -32.07
C GLY C 207 -14.73 -11.20 -31.17
N LEU C 208 -16.03 -11.08 -30.92
CA LEU C 208 -16.77 -12.04 -30.09
C LEU C 208 -17.36 -13.22 -30.90
N ILE C 209 -17.69 -14.30 -30.21
CA ILE C 209 -18.37 -15.41 -30.86
C ILE C 209 -19.85 -15.09 -31.00
N GLY C 210 -20.49 -15.79 -31.93
CA GLY C 210 -21.93 -15.65 -32.16
C GLY C 210 -22.34 -14.38 -32.85
N THR C 211 -21.61 -14.06 -33.90
CA THR C 211 -21.97 -12.95 -34.76
C THR C 211 -22.86 -13.39 -35.92
N GLY C 212 -23.45 -12.37 -36.53
CA GLY C 212 -24.35 -12.48 -37.69
C GLY C 212 -25.25 -11.26 -37.73
N ASP C 213 -26.05 -11.18 -38.78
CA ASP C 213 -26.91 -10.04 -39.10
C ASP C 213 -28.00 -9.79 -38.04
N ARG C 214 -28.50 -10.86 -37.46
CA ARG C 214 -29.73 -10.79 -36.69
C ARG C 214 -29.65 -11.71 -35.50
N ALA C 215 -30.28 -11.25 -34.43
CA ALA C 215 -30.48 -12.03 -33.23
C ALA C 215 -31.94 -12.46 -33.29
N GLU C 216 -32.20 -13.76 -33.15
CA GLU C 216 -33.53 -14.31 -33.35
C GLU C 216 -33.92 -15.27 -32.24
N THR C 217 -35.19 -15.25 -31.87
CA THR C 217 -35.70 -16.15 -30.84
C THR C 217 -37.08 -16.71 -31.17
N TYR C 218 -37.26 -17.98 -30.83
CA TYR C 218 -38.51 -18.69 -30.98
C TYR C 218 -38.76 -19.44 -29.67
N THR C 219 -39.95 -19.22 -29.10
CA THR C 219 -40.29 -19.71 -27.77
C THR C 219 -41.64 -20.37 -27.80
N GLY C 220 -41.73 -21.54 -27.19
CA GLY C 220 -43.00 -22.19 -26.91
C GLY C 220 -43.10 -22.41 -25.42
N GLY C 221 -44.31 -22.39 -24.89
CA GLY C 221 -44.54 -22.49 -23.45
C GLY C 221 -45.88 -23.03 -23.04
N LEU C 222 -45.91 -23.63 -21.86
CA LEU C 222 -47.11 -24.28 -21.32
C LEU C 222 -47.16 -24.03 -19.81
N LYS C 223 -48.37 -23.91 -19.25
CA LYS C 223 -48.52 -23.76 -17.81
C LYS C 223 -49.87 -24.21 -17.29
N TYR C 224 -49.84 -24.70 -16.05
CA TYR C 224 -51.04 -24.99 -15.31
C TYR C 224 -50.94 -24.17 -14.02
N ASP C 225 -51.99 -23.41 -13.74
CA ASP C 225 -52.03 -22.47 -12.61
C ASP C 225 -53.44 -22.44 -12.01
N ALA C 226 -53.73 -23.41 -11.15
CA ALA C 226 -55.00 -23.48 -10.42
C ALA C 226 -54.88 -24.45 -9.26
N ASN C 227 -55.92 -24.54 -8.43
CA ASN C 227 -55.95 -25.44 -7.27
C ASN C 227 -54.63 -25.48 -6.47
N ASN C 228 -54.06 -24.31 -6.21
CA ASN C 228 -52.78 -24.17 -5.46
C ASN C 228 -51.54 -24.77 -6.14
N ILE C 229 -51.74 -25.34 -7.32
CA ILE C 229 -50.64 -25.95 -8.08
C ILE C 229 -50.20 -25.03 -9.20
N TYR C 230 -48.88 -24.87 -9.34
CA TYR C 230 -48.29 -24.14 -10.46
C TYR C 230 -47.26 -24.99 -11.18
N LEU C 231 -47.56 -25.32 -12.43
CA LEU C 231 -46.65 -26.06 -13.31
C LEU C 231 -46.40 -25.20 -14.54
N ALA C 232 -45.15 -25.14 -14.99
CA ALA C 232 -44.84 -24.38 -16.20
C ALA C 232 -43.55 -24.85 -16.83
N ALA C 233 -43.49 -24.72 -18.15
CA ALA C 233 -42.33 -25.12 -18.93
C ALA C 233 -42.21 -24.19 -20.12
N GLN C 234 -40.98 -23.80 -20.45
CA GLN C 234 -40.73 -23.07 -21.69
C GLN C 234 -39.52 -23.60 -22.43
N TYR C 235 -39.65 -23.70 -23.75
CA TYR C 235 -38.54 -24.05 -24.63
C TYR C 235 -38.33 -22.91 -25.61
N THR C 236 -37.08 -22.45 -25.68
CA THR C 236 -36.68 -21.34 -26.56
C THR C 236 -35.44 -21.71 -27.38
N GLN C 237 -35.50 -21.42 -28.68
CA GLN C 237 -34.38 -21.65 -29.57
C GLN C 237 -33.91 -20.29 -30.02
N THR C 238 -32.63 -20.01 -29.82
CA THR C 238 -32.09 -18.69 -30.13
C THR C 238 -30.90 -18.76 -31.10
N TYR C 239 -30.75 -17.68 -31.87
CA TYR C 239 -29.61 -17.52 -32.78
C TYR C 239 -28.98 -16.14 -32.59
N ASN C 240 -27.69 -16.14 -32.30
CA ASN C 240 -26.92 -14.91 -32.05
C ASN C 240 -27.54 -14.02 -30.97
N ALA C 241 -28.18 -14.66 -29.99
CA ALA C 241 -29.08 -13.93 -29.07
C ALA C 241 -28.77 -14.19 -27.61
N THR C 242 -28.28 -15.39 -27.33
CA THR C 242 -28.07 -15.87 -25.97
C THR C 242 -26.61 -15.63 -25.61
N ARG C 243 -26.41 -14.91 -24.51
CA ARG C 243 -25.07 -14.57 -24.06
C ARG C 243 -24.37 -15.78 -23.44
N VAL C 244 -23.10 -15.92 -23.79
CA VAL C 244 -22.22 -17.00 -23.36
C VAL C 244 -21.08 -16.35 -22.55
N GLY C 245 -21.39 -16.00 -21.30
CA GLY C 245 -20.41 -15.36 -20.42
C GLY C 245 -19.82 -14.11 -21.06
N SER C 246 -18.50 -14.02 -21.01
CA SER C 246 -17.74 -12.90 -21.60
C SER C 246 -17.36 -13.14 -23.08
N LEU C 247 -17.67 -14.31 -23.61
CA LEU C 247 -17.18 -14.74 -24.91
C LEU C 247 -17.93 -14.14 -26.07
N GLY C 248 -19.20 -13.85 -25.87
CA GLY C 248 -20.05 -13.37 -26.95
C GLY C 248 -21.43 -13.99 -26.85
N TRP C 249 -21.97 -14.40 -27.99
CA TRP C 249 -23.29 -15.01 -27.99
C TRP C 249 -23.22 -16.41 -28.61
N ALA C 250 -24.31 -17.17 -28.51
CA ALA C 250 -24.34 -18.53 -29.09
C ALA C 250 -24.89 -18.51 -30.51
N ASN C 251 -24.14 -19.06 -31.45
CA ASN C 251 -24.63 -19.15 -32.83
C ASN C 251 -26.03 -19.74 -32.83
N LYS C 252 -26.19 -20.79 -32.04
CA LYS C 252 -27.49 -21.34 -31.75
C LYS C 252 -27.46 -21.80 -30.30
N ALA C 253 -28.56 -21.56 -29.60
CA ALA C 253 -28.72 -22.04 -28.24
C ALA C 253 -30.09 -22.66 -28.10
N GLN C 254 -30.14 -23.75 -27.36
CA GLN C 254 -31.42 -24.39 -27.03
C GLN C 254 -31.65 -24.27 -25.54
N ASN C 255 -32.69 -23.53 -25.18
CA ASN C 255 -32.95 -23.17 -23.78
C ASN C 255 -34.23 -23.82 -23.28
N PHE C 256 -34.17 -24.40 -22.09
CA PHE C 256 -35.32 -25.07 -21.49
C PHE C 256 -35.39 -24.78 -20.01
N GLU C 257 -36.59 -24.51 -19.54
CA GLU C 257 -36.88 -24.20 -18.14
C GLU C 257 -38.19 -24.90 -17.77
N ALA C 258 -38.21 -25.58 -16.64
CA ALA C 258 -39.41 -26.21 -16.13
C ALA C 258 -39.49 -25.95 -14.64
N VAL C 259 -40.72 -25.81 -14.13
CA VAL C 259 -41.00 -25.43 -12.75
C VAL C 259 -42.26 -26.11 -12.19
N ALA C 260 -42.15 -26.62 -10.95
CA ALA C 260 -43.31 -27.12 -10.20
C ALA C 260 -43.35 -26.48 -8.83
N GLN C 261 -44.54 -26.04 -8.45
CA GLN C 261 -44.74 -25.35 -7.19
C GLN C 261 -46.09 -25.70 -6.58
N TYR C 262 -46.14 -25.66 -5.26
CA TYR C 262 -47.37 -25.88 -4.53
C TYR C 262 -47.47 -24.87 -3.39
N GLN C 263 -48.68 -24.41 -3.14
CA GLN C 263 -48.96 -23.42 -2.09
C GLN C 263 -49.87 -24.07 -1.05
N PHE C 264 -49.29 -24.42 0.09
CA PHE C 264 -50.05 -24.86 1.26
C PHE C 264 -50.83 -23.70 1.88
N ASP C 265 -52.09 -23.97 2.23
CA ASP C 265 -52.98 -22.99 2.91
C ASP C 265 -52.28 -22.19 4.04
N PHE C 266 -51.46 -22.87 4.84
CA PHE C 266 -50.77 -22.19 5.96
C PHE C 266 -49.62 -21.23 5.58
N GLY C 267 -49.22 -21.20 4.32
CA GLY C 267 -48.26 -20.17 3.87
C GLY C 267 -47.01 -20.63 3.16
N LEU C 268 -46.61 -21.89 3.35
CA LEU C 268 -45.39 -22.44 2.75
C LEU C 268 -45.64 -22.78 1.29
N ARG C 269 -44.69 -22.39 0.45
CA ARG C 269 -44.75 -22.66 -0.97
C ARG C 269 -43.45 -23.28 -1.46
N PRO C 270 -43.36 -24.62 -1.46
CA PRO C 270 -42.18 -25.30 -2.02
C PRO C 270 -42.07 -25.13 -3.53
N SER C 271 -40.83 -25.23 -4.01
CA SER C 271 -40.51 -24.99 -5.41
C SER C 271 -39.40 -25.89 -5.90
N LEU C 272 -39.60 -26.47 -7.07
CA LEU C 272 -38.62 -27.32 -7.72
C LEU C 272 -38.52 -26.90 -9.17
N ALA C 273 -37.32 -26.67 -9.66
CA ALA C 273 -37.14 -26.18 -11.02
C ALA C 273 -35.89 -26.73 -11.68
N TYR C 274 -35.91 -26.73 -13.00
CA TYR C 274 -34.77 -27.16 -13.82
C TYR C 274 -34.57 -26.16 -14.97
N LEU C 275 -33.33 -25.73 -15.15
CA LEU C 275 -33.00 -24.82 -16.23
C LEU C 275 -31.78 -25.29 -16.98
N GLN C 276 -31.80 -25.08 -18.28
CA GLN C 276 -30.74 -25.51 -19.15
C GLN C 276 -30.60 -24.64 -20.39
N SER C 277 -29.37 -24.24 -20.69
CA SER C 277 -29.06 -23.55 -21.95
C SER C 277 -27.94 -24.31 -22.64
N LYS C 278 -28.26 -24.87 -23.79
CA LYS C 278 -27.33 -25.70 -24.57
C LYS C 278 -26.81 -24.95 -25.77
N GLY C 279 -25.52 -24.62 -25.76
CA GLY C 279 -24.87 -23.95 -26.88
C GLY C 279 -24.41 -24.89 -27.98
N LYS C 280 -24.76 -24.57 -29.22
CA LYS C 280 -24.40 -25.40 -30.38
C LYS C 280 -23.41 -24.68 -31.28
N ASN C 281 -22.44 -25.44 -31.79
CA ASN C 281 -21.43 -24.94 -32.74
C ASN C 281 -20.99 -23.50 -32.45
N LEU C 282 -20.44 -23.31 -31.26
CA LEU C 282 -20.17 -21.98 -30.69
C LEU C 282 -19.01 -21.23 -31.36
N GLY C 283 -18.06 -21.98 -31.88
CA GLY C 283 -16.91 -21.38 -32.52
C GLY C 283 -15.75 -21.40 -31.56
N ARG C 284 -14.58 -21.02 -32.07
CA ARG C 284 -13.39 -20.82 -31.26
C ARG C 284 -12.94 -22.12 -30.60
N GLY C 285 -13.18 -23.23 -31.29
CA GLY C 285 -12.81 -24.57 -30.79
C GLY C 285 -13.70 -25.18 -29.73
N TYR C 286 -14.85 -24.56 -29.45
CA TYR C 286 -15.73 -25.03 -28.36
C TYR C 286 -16.83 -26.01 -28.75
N ASP C 287 -17.29 -25.94 -29.99
CA ASP C 287 -18.35 -26.85 -30.49
C ASP C 287 -19.65 -26.76 -29.66
N ASP C 288 -20.11 -27.85 -29.05
CA ASP C 288 -21.33 -27.82 -28.21
C ASP C 288 -20.96 -27.79 -26.74
N GLU C 289 -21.51 -26.84 -26.00
CA GLU C 289 -21.28 -26.74 -24.57
C GLU C 289 -22.54 -26.27 -23.86
N ASP C 290 -22.71 -26.70 -22.62
CA ASP C 290 -23.76 -26.17 -21.75
C ASP C 290 -23.36 -24.77 -21.28
N ILE C 291 -24.26 -23.81 -21.47
CA ILE C 291 -24.02 -22.44 -21.02
C ILE C 291 -24.54 -22.29 -19.60
N LEU C 292 -25.55 -23.07 -19.31
CA LEU C 292 -26.25 -23.04 -18.06
C LEU C 292 -26.90 -24.43 -17.89
N LYS C 293 -26.88 -24.93 -16.65
CA LYS C 293 -27.52 -26.18 -16.32
C LYS C 293 -27.60 -26.30 -14.81
N TYR C 294 -28.80 -26.15 -14.26
CA TYR C 294 -28.96 -26.32 -12.84
C TYR C 294 -30.35 -26.71 -12.42
N VAL C 295 -30.39 -27.37 -11.28
CA VAL C 295 -31.63 -27.71 -10.62
C VAL C 295 -31.83 -26.75 -9.48
N ASP C 296 -33.06 -26.34 -9.24
CA ASP C 296 -33.34 -25.36 -8.20
C ASP C 296 -34.39 -25.89 -7.24
N VAL C 297 -34.04 -25.89 -5.96
CA VAL C 297 -34.94 -26.29 -4.88
C VAL C 297 -35.09 -25.13 -3.91
N GLY C 298 -36.32 -24.79 -3.57
CA GLY C 298 -36.55 -23.69 -2.64
C GLY C 298 -37.92 -23.71 -2.03
N ALA C 299 -38.12 -22.79 -1.10
CA ALA C 299 -39.37 -22.66 -0.36
C ALA C 299 -39.49 -21.23 0.08
N THR C 300 -40.69 -20.69 -0.05
CA THR C 300 -41.02 -19.36 0.43
C THR C 300 -42.09 -19.56 1.48
N TYR C 301 -41.94 -18.90 2.63
CA TYR C 301 -43.01 -18.86 3.62
C TYR C 301 -43.58 -17.46 3.62
N TYR C 302 -44.89 -17.37 3.37
CA TYR C 302 -45.60 -16.09 3.29
C TYR C 302 -46.31 -15.82 4.60
N PHE C 303 -45.78 -14.92 5.42
CA PHE C 303 -46.45 -14.57 6.68
C PHE C 303 -47.81 -13.92 6.39
N ASN C 304 -47.83 -13.06 5.36
CA ASN C 304 -49.05 -12.40 4.86
C ASN C 304 -48.67 -11.70 3.53
N LYS C 305 -49.46 -10.72 3.06
CA LYS C 305 -49.19 -10.09 1.76
C LYS C 305 -47.95 -9.20 1.75
N ASN C 306 -47.50 -8.82 2.93
CA ASN C 306 -46.44 -7.83 3.07
C ASN C 306 -45.10 -8.39 3.60
N MET C 307 -45.09 -9.64 4.03
CA MET C 307 -43.92 -10.21 4.70
C MET C 307 -43.71 -11.67 4.29
N SER C 308 -42.49 -12.00 3.93
CA SER C 308 -42.17 -13.36 3.55
C SER C 308 -40.71 -13.65 3.76
N THR C 309 -40.40 -14.94 3.86
CA THR C 309 -39.03 -15.41 3.96
C THR C 309 -38.82 -16.64 3.09
N TYR C 310 -37.60 -16.79 2.57
CA TYR C 310 -37.33 -17.90 1.66
C TYR C 310 -35.90 -18.38 1.65
N VAL C 311 -35.77 -19.64 1.25
CA VAL C 311 -34.48 -20.23 0.94
C VAL C 311 -34.58 -20.72 -0.51
N ASP C 312 -33.55 -20.46 -1.29
CA ASP C 312 -33.43 -20.93 -2.68
C ASP C 312 -32.08 -21.63 -2.81
N TYR C 313 -32.10 -22.87 -3.28
CA TYR C 313 -30.89 -23.67 -3.43
C TYR C 313 -30.65 -24.03 -4.91
N LYS C 314 -29.64 -23.41 -5.49
CA LYS C 314 -29.23 -23.68 -6.87
C LYS C 314 -28.19 -24.76 -6.87
N ILE C 315 -28.58 -25.91 -7.35
CA ILE C 315 -27.69 -27.05 -7.49
C ILE C 315 -27.10 -26.97 -8.90
N ASN C 316 -25.88 -26.49 -8.97
CA ASN C 316 -25.28 -26.13 -10.24
C ASN C 316 -24.70 -27.37 -10.88
N LEU C 317 -25.21 -27.76 -12.03
CA LEU C 317 -24.78 -29.02 -12.65
C LEU C 317 -23.68 -28.85 -13.70
N LEU C 318 -23.23 -27.62 -13.95
CA LEU C 318 -22.14 -27.40 -14.89
C LEU C 318 -20.84 -27.95 -14.33
N ASP C 319 -20.04 -28.51 -15.22
CA ASP C 319 -18.70 -28.97 -14.87
C ASP C 319 -17.75 -27.82 -15.09
N ASP C 320 -16.79 -27.70 -14.19
CA ASP C 320 -15.67 -26.78 -14.36
C ASP C 320 -14.77 -27.37 -15.46
N ASN C 321 -14.69 -26.66 -16.58
CA ASN C 321 -13.89 -27.05 -17.73
C ASN C 321 -13.33 -25.80 -18.44
N ARG C 322 -12.65 -26.00 -19.57
CA ARG C 322 -12.00 -24.91 -20.30
C ARG C 322 -13.00 -23.83 -20.68
N PHE C 323 -14.12 -24.27 -21.21
CA PHE C 323 -15.15 -23.36 -21.69
C PHE C 323 -15.71 -22.47 -20.58
N THR C 324 -16.05 -23.06 -19.44
CA THR C 324 -16.70 -22.27 -18.37
C THR C 324 -15.72 -21.27 -17.74
N ARG C 325 -14.45 -21.65 -17.69
CA ARG C 325 -13.41 -20.78 -17.16
C ARG C 325 -13.12 -19.62 -18.11
N ASP C 326 -12.99 -19.94 -19.38
CA ASP C 326 -12.84 -18.92 -20.42
C ASP C 326 -14.03 -17.97 -20.48
N ALA C 327 -15.22 -18.53 -20.40
CA ALA C 327 -16.47 -17.75 -20.41
C ALA C 327 -16.72 -16.99 -19.09
N GLY C 328 -16.08 -17.42 -18.02
CA GLY C 328 -16.32 -16.83 -16.69
C GLY C 328 -17.67 -17.23 -16.10
N ILE C 329 -18.17 -18.41 -16.46
CA ILE C 329 -19.45 -18.89 -15.99
C ILE C 329 -19.29 -19.63 -14.65
N ASN C 330 -20.20 -19.33 -13.73
CA ASN C 330 -20.22 -19.93 -12.40
C ASN C 330 -20.66 -21.37 -12.52
N THR C 331 -19.85 -22.26 -11.97
CA THR C 331 -20.19 -23.67 -11.93
C THR C 331 -20.50 -24.14 -10.50
N ASP C 332 -20.42 -23.24 -9.53
CA ASP C 332 -20.68 -23.56 -8.12
C ASP C 332 -22.16 -23.37 -7.70
N ASP C 333 -22.50 -24.08 -6.64
CA ASP C 333 -23.82 -24.02 -6.01
C ASP C 333 -23.96 -22.69 -5.27
N ILE C 334 -25.20 -22.22 -5.15
CA ILE C 334 -25.51 -21.04 -4.34
C ILE C 334 -26.77 -21.31 -3.52
N VAL C 335 -26.74 -20.92 -2.24
CA VAL C 335 -27.94 -20.89 -1.40
C VAL C 335 -28.24 -19.43 -1.12
N ALA C 336 -29.50 -19.05 -1.26
CA ALA C 336 -29.94 -17.68 -1.02
C ALA C 336 -30.90 -17.74 0.13
N LEU C 337 -30.71 -16.83 1.06
CA LEU C 337 -31.57 -16.72 2.24
C LEU C 337 -32.07 -15.29 2.32
N GLY C 338 -33.39 -15.16 2.32
CA GLY C 338 -34.04 -13.86 2.26
C GLY C 338 -35.18 -13.66 3.23
N LEU C 339 -35.31 -12.40 3.65
CA LEU C 339 -36.41 -11.92 4.50
C LEU C 339 -36.87 -10.61 3.82
N VAL C 340 -38.15 -10.55 3.49
CA VAL C 340 -38.69 -9.60 2.51
C VAL C 340 -39.92 -8.84 3.04
N TYR C 341 -39.79 -7.53 3.19
CA TYR C 341 -40.92 -6.67 3.49
C TYR C 341 -41.31 -5.96 2.19
N GLN C 342 -42.59 -6.03 1.85
CA GLN C 342 -43.13 -5.30 0.72
C GLN C 342 -44.43 -4.62 1.05
N PHE C 343 -44.70 -3.55 0.30
CA PHE C 343 -45.91 -2.76 0.40
C PHE C 343 -46.42 -2.48 -1.03
N ALA D 1 46.45 -0.06 -2.27
CA ALA D 1 47.84 -0.48 -2.61
C ALA D 1 47.84 -1.73 -3.47
N GLU D 2 48.72 -1.76 -4.47
CA GLU D 2 48.83 -2.89 -5.38
C GLU D 2 49.55 -4.02 -4.66
N ILE D 3 48.82 -5.08 -4.34
CA ILE D 3 49.39 -6.20 -3.56
C ILE D 3 49.61 -7.44 -4.41
N TYR D 4 49.27 -7.34 -5.69
CA TYR D 4 49.40 -8.44 -6.61
C TYR D 4 49.45 -7.91 -8.03
N ASN D 5 50.45 -8.36 -8.78
CA ASN D 5 50.59 -8.04 -10.18
C ASN D 5 51.41 -9.14 -10.81
N LYS D 6 50.76 -10.00 -11.58
CA LYS D 6 51.35 -11.27 -12.00
C LYS D 6 50.57 -11.90 -13.14
N ASP D 7 51.28 -12.45 -14.12
CA ASP D 7 50.64 -13.30 -15.15
C ASP D 7 49.29 -12.75 -15.62
N GLY D 8 49.24 -11.46 -15.95
CA GLY D 8 48.05 -10.81 -16.53
C GLY D 8 46.96 -10.30 -15.59
N ASN D 9 47.10 -10.51 -14.29
CA ASN D 9 46.14 -9.95 -13.34
C ASN D 9 46.81 -9.02 -12.34
N LYS D 10 46.12 -7.94 -11.98
CA LYS D 10 46.59 -7.11 -10.86
C LYS D 10 45.44 -6.76 -9.90
N LEU D 11 45.82 -6.53 -8.65
CA LEU D 11 44.86 -6.32 -7.60
C LEU D 11 45.36 -5.22 -6.67
N ASP D 12 44.51 -4.22 -6.49
CA ASP D 12 44.77 -3.15 -5.54
C ASP D 12 43.81 -3.32 -4.36
N LEU D 13 44.38 -3.59 -3.19
CA LEU D 13 43.61 -3.63 -1.96
C LEU D 13 43.82 -2.25 -1.38
N TYR D 14 42.73 -1.50 -1.21
CA TYR D 14 42.84 -0.12 -0.74
C TYR D 14 41.90 0.11 0.43
N GLY D 15 42.12 1.19 1.15
CA GLY D 15 41.36 1.44 2.36
C GLY D 15 41.82 2.63 3.15
N LYS D 16 41.00 3.03 4.11
CA LYS D 16 41.37 4.10 5.01
C LYS D 16 40.64 3.96 6.33
N VAL D 17 41.25 4.56 7.35
CA VAL D 17 40.64 4.75 8.65
C VAL D 17 40.61 6.24 8.88
N GLU D 18 39.40 6.70 9.16
CA GLU D 18 39.14 8.10 9.37
C GLU D 18 38.74 8.21 10.83
N GLY D 19 39.67 8.71 11.65
CA GLY D 19 39.37 9.14 13.00
C GLY D 19 38.65 10.47 12.87
N LEU D 20 37.37 10.48 13.19
CA LEU D 20 36.51 11.58 12.81
C LEU D 20 35.57 11.93 13.97
N HIS D 21 35.51 13.23 14.31
CA HIS D 21 34.60 13.75 15.32
C HIS D 21 33.81 14.94 14.82
N TYR D 22 32.50 14.92 15.08
CA TYR D 22 31.58 16.01 14.71
C TYR D 22 31.25 16.81 15.94
N PHE D 23 31.25 18.15 15.81
CA PHE D 23 30.80 19.03 16.88
C PHE D 23 29.59 19.81 16.42
N SER D 24 28.49 19.73 17.16
CA SER D 24 27.26 20.41 16.77
C SER D 24 26.34 20.63 17.94
N ASP D 25 25.53 21.68 17.87
CA ASP D 25 24.47 21.92 18.88
C ASP D 25 23.35 20.92 18.65
N ASN D 26 23.23 20.40 17.42
CA ASN D 26 22.31 19.30 17.13
C ASN D 26 22.92 17.98 17.64
N ASP D 27 22.32 17.40 18.66
CA ASP D 27 22.91 16.25 19.37
C ASP D 27 23.03 15.04 18.46
N SER D 28 22.15 14.94 17.48
CA SER D 28 22.15 13.82 16.54
C SER D 28 23.27 13.95 15.51
N LYS D 29 23.98 15.07 15.55
CA LYS D 29 25.11 15.28 14.66
C LYS D 29 26.40 15.47 15.43
N ASP D 30 26.35 15.25 16.74
CA ASP D 30 27.45 15.58 17.63
C ASP D 30 28.10 14.32 18.16
N GLY D 31 29.41 14.22 17.99
CA GLY D 31 30.18 13.12 18.56
C GLY D 31 30.97 12.32 17.54
N ASP D 32 31.35 11.12 17.94
CA ASP D 32 32.26 10.25 17.21
C ASP D 32 31.67 9.75 15.91
N LYS D 33 32.43 9.96 14.85
CA LYS D 33 32.04 9.51 13.53
C LYS D 33 33.10 8.65 12.88
N THR D 34 34.01 8.12 13.67
CA THR D 34 35.07 7.29 13.14
C THR D 34 34.53 6.16 12.25
N TYR D 35 35.20 5.94 11.13
CA TYR D 35 34.86 4.83 10.25
C TYR D 35 36.05 4.38 9.41
N MET D 36 35.83 3.25 8.78
CA MET D 36 36.81 2.56 7.97
C MET D 36 36.22 2.31 6.59
N ARG D 37 37.04 2.42 5.57
CA ARG D 37 36.65 1.98 4.23
C ARG D 37 37.70 1.08 3.67
N LEU D 38 37.26 0.14 2.87
CA LEU D 38 38.08 -0.93 2.40
C LEU D 38 37.55 -1.35 1.05
N GLY D 39 38.44 -1.60 0.12
CA GLY D 39 38.03 -2.16 -1.15
C GLY D 39 39.09 -2.88 -1.94
N PHE D 40 38.65 -3.46 -3.04
CA PHE D 40 39.56 -4.01 -4.01
C PHE D 40 39.22 -3.58 -5.42
N LYS D 41 40.27 -3.43 -6.21
CA LYS D 41 40.14 -3.03 -7.58
C LYS D 41 41.05 -3.95 -8.36
N GLY D 42 40.44 -4.68 -9.29
CA GLY D 42 41.09 -5.76 -10.00
C GLY D 42 40.95 -5.52 -11.47
N GLU D 43 42.04 -5.78 -12.18
CA GLU D 43 42.12 -5.57 -13.61
C GLU D 43 42.88 -6.74 -14.19
N THR D 44 42.29 -7.40 -15.19
CA THR D 44 42.93 -8.50 -15.91
C THR D 44 43.03 -8.21 -17.41
N GLN D 45 44.21 -8.43 -18.00
CA GLN D 45 44.37 -8.32 -19.46
C GLN D 45 43.93 -9.63 -20.14
N VAL D 46 42.89 -9.56 -20.94
CA VAL D 46 42.39 -10.73 -21.66
C VAL D 46 43.15 -10.87 -22.97
N THR D 47 43.08 -9.81 -23.77
CA THR D 47 43.89 -9.63 -24.99
C THR D 47 44.55 -8.25 -24.89
N ASP D 48 45.29 -7.87 -25.92
CA ASP D 48 45.97 -6.55 -25.95
C ASP D 48 45.00 -5.39 -25.92
N GLN D 49 43.78 -5.64 -26.34
CA GLN D 49 42.75 -4.59 -26.40
C GLN D 49 41.65 -4.75 -25.35
N LEU D 50 41.49 -5.96 -24.81
CA LEU D 50 40.38 -6.27 -23.92
C LEU D 50 40.86 -6.49 -22.50
N THR D 51 40.41 -5.65 -21.58
CA THR D 51 40.63 -5.90 -20.17
C THR D 51 39.31 -6.26 -19.48
N GLY D 52 39.42 -7.13 -18.50
CA GLY D 52 38.30 -7.45 -17.61
C GLY D 52 38.61 -6.79 -16.29
N TYR D 53 37.58 -6.41 -15.57
CA TYR D 53 37.77 -5.73 -14.28
C TYR D 53 36.62 -5.94 -13.33
N GLY D 54 36.92 -5.71 -12.07
CA GLY D 54 35.95 -5.76 -11.01
C GLY D 54 36.39 -4.89 -9.85
N GLN D 55 35.40 -4.40 -9.12
CA GLN D 55 35.66 -3.53 -8.01
C GLN D 55 34.55 -3.68 -6.98
N TRP D 56 34.97 -3.61 -5.73
CA TRP D 56 34.16 -3.83 -4.55
C TRP D 56 34.69 -2.84 -3.50
N GLU D 57 33.80 -2.13 -2.84
CA GLU D 57 34.17 -1.20 -1.81
C GLU D 57 33.10 -1.26 -0.74
N TYR D 58 33.56 -1.23 0.51
CA TYR D 58 32.80 -1.54 1.69
C TYR D 58 33.10 -0.45 2.69
N GLN D 59 32.09 -0.06 3.46
CA GLN D 59 32.29 0.87 4.59
C GLN D 59 31.86 0.21 5.89
N ILE D 60 32.64 0.44 6.93
CA ILE D 60 32.44 -0.18 8.20
C ILE D 60 32.59 0.92 9.25
N GLN D 61 31.51 1.13 9.96
CA GLN D 61 31.47 2.16 10.96
C GLN D 61 32.39 1.76 12.09
N GLY D 62 33.11 2.72 12.65
CA GLY D 62 34.02 2.47 13.78
C GLY D 62 33.61 3.24 15.03
N ASN D 63 32.39 3.74 15.04
CA ASN D 63 31.90 4.57 16.14
C ASN D 63 30.82 3.89 16.95
N GLU D 64 30.68 2.60 16.76
CA GLU D 64 29.63 1.80 17.39
C GLU D 64 30.16 0.81 18.39
N PRO D 65 29.33 0.39 19.35
CA PRO D 65 29.75 -0.64 20.22
C PRO D 65 29.77 -1.96 19.47
N GLU D 66 30.41 -2.94 20.08
CA GLU D 66 30.68 -4.24 19.47
C GLU D 66 29.46 -5.14 19.39
N SER D 67 28.40 -4.81 20.12
CA SER D 67 27.17 -5.61 20.08
C SER D 67 26.27 -5.30 18.90
N ASP D 68 26.54 -4.20 18.22
CA ASP D 68 25.68 -3.66 17.15
C ASP D 68 26.48 -2.76 16.20
N ASN D 69 27.28 -3.38 15.33
CA ASN D 69 28.13 -2.65 14.39
C ASN D 69 27.61 -2.82 12.94
N SER D 70 27.51 -1.70 12.24
CA SER D 70 26.95 -1.61 10.91
C SER D 70 28.01 -1.33 9.80
N SER D 71 27.75 -1.94 8.65
CA SER D 71 28.60 -1.88 7.49
C SER D 71 27.76 -2.00 6.21
N TRP D 72 28.36 -1.69 5.09
CA TRP D 72 27.63 -1.74 3.85
C TRP D 72 28.57 -1.65 2.65
N THR D 73 28.08 -2.22 1.56
CA THR D 73 28.76 -2.20 0.26
C THR D 73 28.42 -0.92 -0.42
N ARG D 74 29.45 -0.19 -0.81
CA ARG D 74 29.28 1.03 -1.59
C ARG D 74 29.20 0.73 -3.10
N VAL D 75 30.18 -0.01 -3.62
CA VAL D 75 30.18 -0.43 -5.01
C VAL D 75 30.54 -1.91 -5.13
N ALA D 76 30.05 -2.54 -6.17
CA ALA D 76 30.34 -3.95 -6.42
C ALA D 76 29.91 -4.26 -7.83
N PHE D 77 30.88 -4.25 -8.75
CA PHE D 77 30.63 -4.40 -10.17
C PHE D 77 31.76 -5.09 -10.92
N ALA D 78 31.38 -5.75 -12.02
CA ALA D 78 32.27 -6.42 -12.96
C ALA D 78 32.07 -5.78 -14.31
N GLY D 79 33.13 -5.73 -15.09
CA GLY D 79 33.03 -5.19 -16.44
C GLY D 79 34.14 -5.59 -17.40
N LEU D 80 33.94 -5.18 -18.64
CA LEU D 80 34.89 -5.39 -19.73
C LEU D 80 35.18 -4.03 -20.38
N LYS D 81 36.40 -3.85 -20.83
CA LYS D 81 36.81 -2.63 -21.51
C LYS D 81 37.58 -3.00 -22.78
N PHE D 82 37.09 -2.55 -23.92
CA PHE D 82 37.78 -2.76 -25.19
C PHE D 82 38.34 -1.44 -25.73
N GLN D 83 39.57 -1.48 -26.22
CA GLN D 83 40.30 -0.25 -26.60
C GLN D 83 39.61 0.50 -27.76
N ASP D 84 39.47 1.82 -27.61
CA ASP D 84 38.83 2.70 -28.61
C ASP D 84 37.38 2.29 -28.94
N VAL D 85 36.76 1.49 -28.08
CA VAL D 85 35.38 1.07 -28.31
C VAL D 85 34.50 1.38 -27.11
N GLY D 86 35.06 1.19 -25.92
CA GLY D 86 34.43 1.58 -24.68
C GLY D 86 34.41 0.48 -23.66
N SER D 87 33.70 0.73 -22.55
CA SER D 87 33.56 -0.25 -21.48
C SER D 87 32.10 -0.51 -21.14
N PHE D 88 31.85 -1.68 -20.55
CA PHE D 88 30.56 -2.01 -20.00
C PHE D 88 30.79 -2.66 -18.64
N ASP D 89 30.00 -2.24 -17.66
CA ASP D 89 30.00 -2.89 -16.36
C ASP D 89 28.61 -2.88 -15.74
N TYR D 90 28.41 -3.91 -14.92
CA TYR D 90 27.15 -4.11 -14.25
C TYR D 90 27.38 -4.43 -12.79
N GLY D 91 26.53 -3.85 -11.96
CA GLY D 91 26.49 -4.12 -10.52
C GLY D 91 25.96 -2.92 -9.78
N ARG D 92 26.41 -2.79 -8.54
CA ARG D 92 26.13 -1.64 -7.75
C ARG D 92 27.20 -0.64 -8.11
N ASN D 93 26.79 0.57 -8.42
CA ASN D 93 27.74 1.53 -8.97
C ASN D 93 27.18 2.92 -8.82
N TYR D 94 27.86 3.86 -9.47
CA TYR D 94 27.46 5.26 -9.51
C TYR D 94 26.55 5.57 -10.68
N GLY D 95 25.43 6.21 -10.40
CA GLY D 95 24.58 6.73 -11.45
C GLY D 95 25.31 7.74 -12.31
N VAL D 96 24.96 7.74 -13.58
CA VAL D 96 25.63 8.55 -14.59
C VAL D 96 25.50 10.06 -14.32
N VAL D 97 24.42 10.50 -13.67
CA VAL D 97 24.33 11.87 -13.16
C VAL D 97 25.59 12.30 -12.36
N TYR D 98 26.09 11.41 -11.53
CA TYR D 98 27.30 11.67 -10.73
C TYR D 98 28.57 11.90 -11.62
N ASP D 99 28.52 11.57 -12.92
CA ASP D 99 29.63 11.90 -13.81
C ASP D 99 29.86 13.41 -13.83
N VAL D 100 28.81 14.17 -13.56
CA VAL D 100 28.94 15.63 -13.46
C VAL D 100 28.82 16.18 -12.03
N THR D 101 27.83 15.72 -11.27
CA THR D 101 27.65 16.28 -9.92
C THR D 101 28.88 16.01 -9.09
N SER D 102 29.61 14.95 -9.40
CA SER D 102 30.85 14.62 -8.66
C SER D 102 31.90 15.72 -8.62
N TRP D 103 31.88 16.61 -9.62
CA TRP D 103 32.86 17.70 -9.71
C TRP D 103 32.89 18.68 -8.51
N THR D 104 31.76 18.79 -7.81
CA THR D 104 31.66 19.60 -6.60
C THR D 104 31.71 18.77 -5.31
N ASP D 105 31.71 17.45 -5.43
CA ASP D 105 31.80 16.52 -4.30
C ASP D 105 33.25 16.26 -3.87
N VAL D 106 33.93 17.34 -3.46
CA VAL D 106 35.36 17.27 -3.14
C VAL D 106 35.71 17.93 -1.81
N LEU D 107 34.71 18.11 -0.95
CA LEU D 107 34.95 18.77 0.34
C LEU D 107 35.56 17.74 1.31
N PRO D 108 36.22 18.21 2.39
CA PRO D 108 36.85 17.26 3.31
C PRO D 108 35.90 16.25 3.93
N GLU D 109 34.73 16.68 4.38
CA GLU D 109 33.73 15.78 4.95
C GLU D 109 32.32 16.00 4.46
N PHE D 110 31.90 17.26 4.35
CA PHE D 110 30.51 17.59 3.95
C PHE D 110 30.38 17.57 2.44
N GLY D 111 29.33 18.20 1.91
CA GLY D 111 29.15 18.31 0.48
C GLY D 111 28.47 17.10 -0.12
N GLY D 112 28.16 17.16 -1.40
CA GLY D 112 27.62 16.03 -2.12
C GLY D 112 26.25 15.61 -1.64
N ASP D 113 25.51 16.53 -1.03
CA ASP D 113 24.27 16.15 -0.36
C ASP D 113 23.04 16.91 -0.81
N THR D 114 23.02 17.35 -2.06
CA THR D 114 21.76 17.74 -2.72
C THR D 114 21.09 16.49 -3.35
N TYR D 115 21.63 15.32 -3.01
CA TYR D 115 21.12 14.03 -3.46
C TYR D 115 21.63 13.00 -2.46
N ASP D 116 21.21 11.75 -2.63
CA ASP D 116 21.50 10.67 -1.69
C ASP D 116 22.03 9.46 -2.46
N SER D 117 22.55 8.52 -1.70
CA SER D 117 22.67 7.13 -2.14
C SER D 117 21.29 6.46 -2.34
N ASP D 118 21.23 5.53 -3.26
CA ASP D 118 20.02 4.77 -3.55
C ASP D 118 18.84 5.72 -3.83
N ASN D 119 19.15 6.71 -4.65
CA ASN D 119 18.29 7.85 -4.92
C ASN D 119 18.19 7.98 -6.42
N PHE D 120 17.51 7.02 -7.04
CA PHE D 120 17.44 6.89 -8.48
C PHE D 120 18.87 6.87 -9.07
N MET D 121 19.12 7.59 -10.15
CA MET D 121 20.42 7.43 -10.83
C MET D 121 21.38 8.56 -10.50
N GLN D 122 21.15 9.21 -9.36
CA GLN D 122 21.91 10.38 -8.93
C GLN D 122 23.24 10.06 -8.24
N GLN D 123 23.32 8.94 -7.55
CA GLN D 123 24.59 8.53 -6.93
C GLN D 123 24.72 7.01 -6.89
N ARG D 124 25.22 6.44 -5.81
CA ARG D 124 25.41 4.99 -5.77
C ARG D 124 24.02 4.34 -5.75
N GLY D 125 23.93 3.17 -6.34
CA GLY D 125 22.66 2.47 -6.45
C GLY D 125 22.84 1.08 -7.00
N ASN D 126 21.80 0.25 -6.85
CA ASN D 126 21.83 -1.14 -7.34
C ASN D 126 21.42 -1.31 -8.79
N GLY D 127 22.10 -2.22 -9.46
CA GLY D 127 21.64 -2.70 -10.75
C GLY D 127 21.83 -1.74 -11.90
N PHE D 128 23.00 -1.09 -11.95
CA PHE D 128 23.36 -0.23 -13.06
C PHE D 128 24.08 -1.03 -14.15
N ALA D 129 23.55 -0.97 -15.36
CA ALA D 129 24.23 -1.41 -16.57
C ALA D 129 24.73 -0.15 -17.24
N THR D 130 26.06 0.01 -17.29
CA THR D 130 26.67 1.26 -17.74
C THR D 130 27.61 1.00 -18.93
N TYR D 131 27.32 1.68 -20.02
CA TYR D 131 28.23 1.73 -21.16
C TYR D 131 28.93 3.05 -21.15
N ARG D 132 30.23 3.03 -21.41
CA ARG D 132 31.05 4.25 -21.42
C ARG D 132 31.95 4.25 -22.64
N ASN D 133 32.11 5.42 -23.23
CA ASN D 133 33.02 5.65 -24.33
C ASN D 133 33.91 6.83 -24.02
N THR D 134 35.22 6.61 -24.09
CA THR D 134 36.18 7.62 -23.69
C THR D 134 36.98 8.06 -24.90
N ASP D 135 37.14 9.37 -25.03
CA ASP D 135 37.82 9.99 -26.18
C ASP D 135 37.10 9.75 -27.51
N PHE D 136 35.78 9.57 -27.43
CA PHE D 136 34.93 9.25 -28.59
C PHE D 136 35.59 8.28 -29.58
N PHE D 137 35.58 7.00 -29.24
CA PHE D 137 36.17 5.95 -30.09
C PHE D 137 37.64 6.24 -30.45
N GLY D 138 38.33 6.98 -29.59
CA GLY D 138 39.72 7.40 -29.84
C GLY D 138 39.92 8.58 -30.78
N LEU D 139 38.82 9.22 -31.18
CA LEU D 139 38.85 10.29 -32.18
C LEU D 139 38.89 11.72 -31.65
N VAL D 140 38.34 11.95 -30.45
CA VAL D 140 38.28 13.31 -29.86
C VAL D 140 38.78 13.30 -28.41
N ASP D 141 40.03 13.70 -28.22
CA ASP D 141 40.67 13.61 -26.90
C ASP D 141 39.87 14.45 -25.89
N GLY D 142 39.42 13.83 -24.82
CA GLY D 142 38.68 14.53 -23.77
C GLY D 142 37.17 14.43 -23.86
N LEU D 143 36.65 13.88 -24.95
CA LEU D 143 35.21 13.74 -25.10
C LEU D 143 34.79 12.35 -24.62
N ASP D 144 34.11 12.32 -23.48
CA ASP D 144 33.59 11.09 -22.91
C ASP D 144 32.07 11.14 -22.85
N PHE D 145 31.45 9.97 -22.95
CA PHE D 145 30.02 9.89 -22.77
C PHE D 145 29.62 8.51 -22.27
N ALA D 146 28.42 8.45 -21.70
CA ALA D 146 27.90 7.27 -21.02
C ALA D 146 26.40 7.13 -21.26
N VAL D 147 25.97 5.89 -21.49
CA VAL D 147 24.57 5.52 -21.49
C VAL D 147 24.41 4.49 -20.38
N GLN D 148 23.36 4.66 -19.57
CA GLN D 148 23.14 3.83 -18.42
C GLN D 148 21.69 3.45 -18.28
N TYR D 149 21.45 2.18 -17.94
CA TYR D 149 20.15 1.65 -17.57
C TYR D 149 20.22 1.13 -16.12
N GLN D 150 19.19 1.41 -15.34
CA GLN D 150 19.07 0.90 -13.97
C GLN D 150 17.81 0.14 -13.89
N GLY D 151 17.93 -1.13 -13.51
CA GLY D 151 16.78 -1.99 -13.41
C GLY D 151 16.00 -1.71 -12.13
N LYS D 152 14.69 -1.89 -12.22
CA LYS D 152 13.79 -1.84 -11.07
C LYS D 152 14.37 -2.52 -9.81
N ASN D 153 14.40 -1.75 -8.73
CA ASN D 153 14.63 -2.24 -7.37
C ASN D 153 13.42 -1.93 -6.51
N GLY D 154 12.66 -2.95 -6.20
CA GLY D 154 11.29 -2.74 -5.76
C GLY D 154 11.14 -3.05 -4.29
N SER D 155 9.93 -3.43 -3.90
CA SER D 155 9.62 -3.73 -2.50
C SER D 155 10.05 -5.14 -2.11
N ALA D 156 10.13 -5.37 -0.82
CA ALA D 156 10.42 -6.71 -0.26
C ALA D 156 9.22 -7.62 -0.28
N HIS D 157 8.02 -7.06 -0.40
CA HIS D 157 6.77 -7.85 -0.28
C HIS D 157 5.67 -7.35 -1.23
N GLY D 158 4.86 -8.30 -1.70
CA GLY D 158 3.65 -8.00 -2.46
C GLY D 158 3.83 -7.50 -3.89
N GLU D 159 2.94 -6.62 -4.31
CA GLU D 159 3.02 -6.01 -5.63
C GLU D 159 4.32 -5.21 -5.74
N GLY D 160 4.95 -5.29 -6.90
CA GLY D 160 6.17 -4.52 -7.17
C GLY D 160 7.42 -5.11 -6.53
N MET D 161 7.33 -6.37 -6.11
CA MET D 161 8.45 -7.06 -5.48
C MET D 161 9.59 -7.33 -6.47
N THR D 162 10.82 -7.11 -6.04
CA THR D 162 11.99 -7.68 -6.71
C THR D 162 12.75 -8.56 -5.74
N THR D 163 13.61 -9.42 -6.28
CA THR D 163 14.39 -10.35 -5.46
C THR D 163 15.24 -9.62 -4.44
N ASN D 164 15.67 -8.42 -4.79
CA ASN D 164 16.42 -7.55 -3.88
C ASN D 164 15.60 -6.39 -3.32
N GLY D 165 14.32 -6.63 -3.11
CA GLY D 165 13.38 -5.60 -2.69
C GLY D 165 13.78 -4.97 -1.37
N ARG D 166 13.42 -3.70 -1.19
CA ARG D 166 13.69 -3.03 0.06
C ARG D 166 12.45 -2.22 0.41
N ASP D 167 12.12 -2.23 1.69
CA ASP D 167 10.89 -1.61 2.12
C ASP D 167 11.01 -0.10 2.28
N ASP D 168 12.23 0.41 2.40
CA ASP D 168 12.40 1.84 2.44
C ASP D 168 12.20 2.39 1.02
N VAL D 169 11.07 3.06 0.92
CA VAL D 169 10.54 3.69 -0.29
C VAL D 169 11.52 4.68 -0.90
N PHE D 170 12.31 5.33 -0.06
CA PHE D 170 13.34 6.27 -0.53
C PHE D 170 14.51 5.57 -1.22
N GLU D 171 14.61 4.25 -1.07
CA GLU D 171 15.65 3.47 -1.70
C GLU D 171 15.19 2.59 -2.88
N GLN D 172 13.94 2.74 -3.29
CA GLN D 172 13.35 1.96 -4.40
C GLN D 172 13.49 2.74 -5.70
N ASN D 173 13.30 2.05 -6.81
CA ASN D 173 13.22 2.72 -8.09
C ASN D 173 12.61 1.76 -9.09
N GLY D 174 12.01 2.31 -10.12
CA GLY D 174 11.63 1.53 -11.30
C GLY D 174 12.78 1.55 -12.31
N ASP D 175 12.51 0.99 -13.48
CA ASP D 175 13.44 1.04 -14.60
C ASP D 175 13.78 2.49 -14.96
N GLY D 176 15.05 2.75 -15.20
CA GLY D 176 15.51 4.10 -15.47
C GLY D 176 16.58 4.09 -16.56
N VAL D 177 16.75 5.25 -17.16
CA VAL D 177 17.70 5.42 -18.25
C VAL D 177 18.34 6.76 -18.06
N GLY D 178 19.61 6.85 -18.39
CA GLY D 178 20.33 8.10 -18.26
C GLY D 178 21.53 8.16 -19.17
N GLY D 179 22.02 9.37 -19.34
CA GLY D 179 23.20 9.60 -20.16
C GLY D 179 24.01 10.75 -19.64
N SER D 180 25.28 10.80 -20.05
CA SER D 180 26.16 11.88 -19.66
C SER D 180 27.15 12.14 -20.76
N ILE D 181 27.57 13.40 -20.85
CA ILE D 181 28.59 13.85 -21.80
C ILE D 181 29.53 14.79 -21.03
N THR D 182 30.82 14.65 -21.25
CA THR D 182 31.80 15.52 -20.63
C THR D 182 32.92 15.79 -21.59
N TYR D 183 33.37 17.05 -21.59
CA TYR D 183 34.50 17.49 -22.41
C TYR D 183 35.51 18.20 -21.52
N ASN D 184 36.74 17.72 -21.55
CA ASN D 184 37.83 18.26 -20.77
C ASN D 184 38.94 18.64 -21.70
N TYR D 185 39.42 19.87 -21.59
CA TYR D 185 40.56 20.36 -22.38
C TYR D 185 41.41 21.30 -21.54
N GLU D 186 42.70 20.99 -21.43
CA GLU D 186 43.69 21.86 -20.74
C GLU D 186 43.22 22.35 -19.36
N GLY D 187 42.61 21.45 -18.59
CA GLY D 187 42.17 21.76 -17.23
C GLY D 187 40.75 22.29 -17.09
N PHE D 188 40.18 22.75 -18.21
CA PHE D 188 38.80 23.19 -18.25
C PHE D 188 37.87 22.01 -18.53
N GLY D 189 36.70 22.03 -17.88
CA GLY D 189 35.69 20.98 -18.02
C GLY D 189 34.26 21.51 -18.11
N ILE D 190 33.54 21.02 -19.12
CA ILE D 190 32.10 21.24 -19.30
C ILE D 190 31.44 19.87 -19.38
N GLY D 191 30.20 19.78 -18.88
CA GLY D 191 29.50 18.50 -18.83
C GLY D 191 28.00 18.62 -18.60
N ALA D 192 27.29 17.57 -19.01
CA ALA D 192 25.84 17.52 -18.91
C ALA D 192 25.41 16.07 -18.68
N ALA D 193 24.31 15.91 -17.94
CA ALA D 193 23.76 14.60 -17.63
C ALA D 193 22.25 14.70 -17.44
N VAL D 194 21.57 13.66 -17.91
CA VAL D 194 20.12 13.52 -17.81
C VAL D 194 19.79 12.11 -17.32
N SER D 195 18.77 11.99 -16.50
CA SER D 195 18.25 10.70 -16.11
C SER D 195 16.75 10.76 -15.97
N SER D 196 16.14 9.60 -16.15
CA SER D 196 14.69 9.44 -16.10
C SER D 196 14.39 8.03 -15.59
N SER D 197 13.82 7.96 -14.39
CA SER D 197 13.49 6.69 -13.78
C SER D 197 12.01 6.67 -13.51
N LYS D 198 11.41 5.52 -13.77
CA LYS D 198 10.05 5.26 -13.40
C LYS D 198 10.00 5.15 -11.87
N ARG D 199 8.93 5.65 -11.28
CA ARG D 199 8.73 5.57 -9.83
C ARG D 199 7.89 4.33 -9.52
N THR D 200 8.11 3.71 -8.37
CA THR D 200 7.39 2.47 -8.04
C THR D 200 6.02 2.76 -7.43
N TRP D 201 5.19 1.75 -7.34
CA TRP D 201 3.84 1.93 -6.80
C TRP D 201 3.92 2.39 -5.35
N ASP D 202 4.76 1.73 -4.57
CA ASP D 202 4.98 2.04 -3.15
C ASP D 202 5.37 3.51 -2.99
N GLN D 203 6.24 3.98 -3.86
CA GLN D 203 6.74 5.37 -3.80
C GLN D 203 5.64 6.39 -4.04
N ASN D 204 4.68 6.02 -4.87
CA ASN D 204 3.56 6.91 -5.21
C ASN D 204 2.31 6.69 -4.36
N ASN D 205 2.32 5.69 -3.48
CA ASN D 205 1.12 5.28 -2.76
C ASN D 205 1.29 5.02 -1.24
N THR D 206 2.25 5.69 -0.62
CA THR D 206 2.41 5.68 0.84
C THR D 206 2.21 7.07 1.46
N GLY D 207 1.46 7.92 0.78
CA GLY D 207 1.10 9.24 1.31
C GLY D 207 2.20 10.31 1.42
N LEU D 208 3.28 10.17 0.68
CA LEU D 208 4.37 11.18 0.68
C LEU D 208 4.20 12.30 -0.36
N ILE D 209 4.88 13.42 -0.15
CA ILE D 209 4.88 14.49 -1.14
C ILE D 209 5.83 14.14 -2.28
N GLY D 210 5.61 14.80 -3.40
CA GLY D 210 6.46 14.63 -4.59
C GLY D 210 6.28 13.30 -5.31
N THR D 211 5.03 12.95 -5.52
CA THR D 211 4.70 11.80 -6.32
C THR D 211 4.50 12.17 -7.79
N GLY D 212 4.49 11.11 -8.60
CA GLY D 212 4.31 11.16 -10.05
C GLY D 212 4.93 9.93 -10.67
N ASP D 213 4.75 9.80 -11.97
CA ASP D 213 5.17 8.63 -12.75
C ASP D 213 6.68 8.41 -12.77
N ARG D 214 7.43 9.50 -12.77
CA ARG D 214 8.83 9.45 -13.09
C ARG D 214 9.60 10.41 -12.24
N ALA D 215 10.82 10.00 -11.90
CA ALA D 215 11.80 10.83 -11.24
C ALA D 215 12.77 11.24 -12.34
N GLU D 216 13.02 12.53 -12.48
CA GLU D 216 13.81 13.06 -13.60
C GLU D 216 14.84 14.06 -13.14
N THR D 217 16.01 14.03 -13.79
CA THR D 217 17.09 14.99 -13.47
C THR D 217 17.81 15.50 -14.70
N TYR D 218 18.15 16.78 -14.64
CA TYR D 218 18.92 17.46 -15.67
C TYR D 218 20.01 18.28 -14.96
N THR D 219 21.26 18.07 -15.38
CA THR D 219 22.43 18.61 -14.72
C THR D 219 23.35 19.23 -15.72
N GLY D 220 23.83 20.44 -15.41
CA GLY D 220 24.91 21.08 -16.13
C GLY D 220 26.04 21.37 -15.17
N GLY D 221 27.28 21.35 -15.66
CA GLY D 221 28.44 21.49 -14.79
C GLY D 221 29.67 22.02 -15.48
N LEU D 222 30.51 22.68 -14.69
CA LEU D 222 31.74 23.33 -15.19
C LEU D 222 32.86 23.15 -14.15
N LYS D 223 34.10 23.03 -14.61
CA LYS D 223 35.24 22.94 -13.70
C LYS D 223 36.55 23.39 -14.31
N TYR D 224 37.39 23.94 -13.44
CA TYR D 224 38.75 24.25 -13.78
C TYR D 224 39.62 23.49 -12.75
N ASP D 225 40.58 22.72 -13.27
CA ASP D 225 41.43 21.85 -12.46
C ASP D 225 42.85 21.83 -13.04
N ALA D 226 43.64 22.83 -12.66
CA ALA D 226 45.06 22.92 -13.06
C ALA D 226 45.77 23.95 -12.19
N ASN D 227 47.08 24.06 -12.35
CA ASN D 227 47.90 25.03 -11.61
C ASN D 227 47.55 25.14 -10.12
N ASN D 228 47.36 23.99 -9.46
CA ASN D 228 47.00 23.91 -8.03
C ASN D 228 45.63 24.50 -7.66
N ILE D 229 44.91 25.00 -8.65
CA ILE D 229 43.58 25.59 -8.44
C ILE D 229 42.49 24.62 -8.88
N TYR D 230 41.48 24.46 -8.03
CA TYR D 230 40.28 23.68 -8.37
C TYR D 230 39.02 24.51 -8.19
N LEU D 231 38.33 24.77 -9.30
CA LEU D 231 37.05 25.48 -9.30
C LEU D 231 36.02 24.57 -9.95
N ALA D 232 34.82 24.51 -9.38
CA ALA D 232 33.76 23.69 -9.98
C ALA D 232 32.39 24.16 -9.53
N ALA D 233 31.42 23.99 -10.43
CA ALA D 233 30.04 24.37 -10.16
C ALA D 233 29.13 23.39 -10.88
N GLN D 234 28.04 22.99 -10.23
CA GLN D 234 26.99 22.21 -10.89
C GLN D 234 25.60 22.74 -10.57
N TYR D 235 24.76 22.78 -11.60
CA TYR D 235 23.34 23.11 -11.44
C TYR D 235 22.53 21.91 -11.93
N THR D 236 21.60 21.48 -11.10
CA THR D 236 20.72 20.33 -11.38
C THR D 236 19.24 20.69 -11.09
N GLN D 237 18.38 20.34 -12.04
CA GLN D 237 16.95 20.55 -11.88
C GLN D 237 16.33 19.17 -11.80
N THR D 238 15.57 18.92 -10.74
CA THR D 238 14.98 17.59 -10.51
C THR D 238 13.46 17.64 -10.36
N TYR D 239 12.82 16.54 -10.74
CA TYR D 239 11.39 16.36 -10.57
C TYR D 239 11.12 14.99 -9.92
N ASN D 240 10.41 15.02 -8.80
CA ASN D 240 10.07 13.81 -8.03
C ASN D 240 11.29 12.97 -7.66
N ALA D 241 12.42 13.63 -7.45
CA ALA D 241 13.72 12.95 -7.41
C ALA D 241 14.54 13.27 -6.18
N THR D 242 14.36 14.48 -5.68
CA THR D 242 15.16 15.03 -4.60
C THR D 242 14.41 14.82 -3.31
N ARG D 243 15.05 14.15 -2.36
CA ARG D 243 14.44 13.86 -1.07
C ARG D 243 14.37 15.12 -0.20
N VAL D 244 13.22 15.25 0.46
CA VAL D 244 12.88 16.36 1.33
C VAL D 244 12.67 15.77 2.73
N GLY D 245 13.78 15.47 3.40
CA GLY D 245 13.73 14.88 4.75
C GLY D 245 12.89 13.62 4.78
N SER D 246 12.00 13.54 5.74
CA SER D 246 11.06 12.42 5.91
C SER D 246 9.74 12.59 5.14
N LEU D 247 9.56 13.74 4.50
CA LEU D 247 8.27 14.12 3.92
C LEU D 247 8.00 13.44 2.59
N GLY D 248 9.04 13.15 1.84
CA GLY D 248 8.89 12.62 0.51
C GLY D 248 9.90 13.22 -0.42
N TRP D 249 9.48 13.56 -1.63
CA TRP D 249 10.38 14.16 -2.60
C TRP D 249 9.87 15.53 -3.04
N ALA D 250 10.70 16.27 -3.78
CA ALA D 250 10.29 17.60 -4.27
C ALA D 250 9.66 17.51 -5.66
N ASN D 251 8.45 18.02 -5.82
CA ASN D 251 7.81 18.04 -7.13
C ASN D 251 8.79 18.62 -8.15
N LYS D 252 9.44 19.70 -7.76
CA LYS D 252 10.55 20.25 -8.50
C LYS D 252 11.54 20.76 -7.49
N ALA D 253 12.83 20.54 -7.76
CA ALA D 253 13.90 21.07 -6.94
C ALA D 253 14.95 21.69 -7.84
N GLN D 254 15.50 22.81 -7.40
CA GLN D 254 16.61 23.44 -8.10
C GLN D 254 17.84 23.38 -7.22
N ASN D 255 18.84 22.65 -7.66
CA ASN D 255 20.02 22.34 -6.86
C ASN D 255 21.27 22.99 -7.44
N PHE D 256 22.06 23.62 -6.58
CA PHE D 256 23.28 24.31 -7.01
C PHE D 256 24.39 24.08 -5.99
N GLU D 257 25.57 23.81 -6.51
CA GLU D 257 26.78 23.58 -5.71
C GLU D 257 27.94 24.27 -6.41
N ALA D 258 28.73 25.01 -5.65
CA ALA D 258 29.94 25.64 -6.17
C ALA D 258 31.06 25.43 -5.16
N VAL D 259 32.28 25.30 -5.67
CA VAL D 259 33.48 24.98 -4.88
C VAL D 259 34.74 25.68 -5.41
N ALA D 260 35.54 26.24 -4.49
CA ALA D 260 36.87 26.75 -4.80
C ALA D 260 37.89 26.19 -3.84
N GLN D 261 39.01 25.75 -4.39
CA GLN D 261 40.07 25.11 -3.62
C GLN D 261 41.44 25.48 -4.16
N TYR D 262 42.40 25.50 -3.26
CA TYR D 262 43.79 25.75 -3.62
C TYR D 262 44.70 24.80 -2.85
N GLN D 263 45.75 24.34 -3.50
CA GLN D 263 46.71 23.41 -2.93
C GLN D 263 48.07 24.09 -2.85
N PHE D 264 48.46 24.50 -1.65
CA PHE D 264 49.81 24.99 -1.38
C PHE D 264 50.83 23.87 -1.46
N ASP D 265 51.97 24.14 -2.11
CA ASP D 265 53.11 23.20 -2.21
C ASP D 265 53.42 22.46 -0.89
N PHE D 266 53.39 23.17 0.23
CA PHE D 266 53.71 22.54 1.53
C PHE D 266 52.65 21.57 2.11
N GLY D 267 51.48 21.48 1.51
CA GLY D 267 50.51 20.44 1.91
C GLY D 267 49.11 20.88 2.28
N LEU D 268 48.94 22.14 2.65
CA LEU D 268 47.64 22.68 3.05
C LEU D 268 46.77 22.96 1.83
N ARG D 269 45.51 22.54 1.94
CA ARG D 269 44.55 22.73 0.87
C ARG D 269 43.26 23.36 1.42
N PRO D 270 43.17 24.70 1.42
CA PRO D 270 41.92 25.36 1.84
C PRO D 270 40.78 25.12 0.87
N SER D 271 39.56 25.22 1.39
CA SER D 271 38.35 24.92 0.65
C SER D 271 37.20 25.81 1.05
N LEU D 272 36.50 26.32 0.06
CA LEU D 272 35.32 27.17 0.26
C LEU D 272 34.24 26.68 -0.67
N ALA D 273 33.05 26.46 -0.14
CA ALA D 273 31.97 25.89 -0.96
C ALA D 273 30.61 26.43 -0.56
N TYR D 274 29.69 26.36 -1.52
CA TYR D 274 28.29 26.76 -1.30
C TYR D 274 27.36 25.73 -1.92
N LEU D 275 26.36 25.30 -1.16
CA LEU D 275 25.39 24.35 -1.63
C LEU D 275 23.98 24.79 -1.33
N GLN D 276 23.08 24.52 -2.25
CA GLN D 276 21.70 24.92 -2.12
C GLN D 276 20.75 23.99 -2.87
N SER D 277 19.67 23.60 -2.20
CA SER D 277 18.58 22.87 -2.83
C SER D 277 17.28 23.60 -2.54
N LYS D 278 16.67 24.12 -3.60
CA LYS D 278 15.45 24.93 -3.52
C LYS D 278 14.24 24.12 -3.97
N GLY D 279 13.36 23.81 -3.04
CA GLY D 279 12.12 23.11 -3.34
C GLY D 279 11.00 24.02 -3.82
N LYS D 280 10.36 23.64 -4.92
CA LYS D 280 9.27 24.41 -5.52
C LYS D 280 7.94 23.67 -5.41
N ASN D 281 6.89 24.42 -5.12
CA ASN D 281 5.51 23.90 -5.05
C ASN D 281 5.44 22.48 -4.48
N LEU D 282 5.91 22.35 -3.25
CA LEU D 282 6.15 21.06 -2.60
C LEU D 282 4.87 20.29 -2.20
N GLY D 283 3.81 21.03 -1.94
CA GLY D 283 2.56 20.42 -1.54
C GLY D 283 2.42 20.50 -0.05
N ARG D 284 1.24 20.11 0.43
CA ARG D 284 0.98 19.97 1.86
C ARG D 284 1.11 21.30 2.59
N GLY D 285 0.77 22.37 1.89
CA GLY D 285 0.83 23.74 2.45
C GLY D 285 2.20 24.40 2.53
N TYR D 286 3.22 23.77 1.94
CA TYR D 286 4.59 24.27 2.06
C TYR D 286 5.07 25.22 0.97
N ASP D 287 4.53 25.09 -0.23
CA ASP D 287 4.90 25.96 -1.38
C ASP D 287 6.41 25.88 -1.72
N ASP D 288 7.15 26.99 -1.66
CA ASP D 288 8.60 26.97 -1.93
C ASP D 288 9.38 27.02 -0.63
N GLU D 289 10.31 26.08 -0.47
CA GLU D 289 11.17 26.05 0.72
C GLU D 289 12.57 25.58 0.35
N ASP D 290 13.56 26.07 1.07
CA ASP D 290 14.93 25.56 0.97
C ASP D 290 15.00 24.19 1.63
N ILE D 291 15.51 23.21 0.91
CA ILE D 291 15.71 21.86 1.45
C ILE D 291 17.08 21.76 2.08
N LEU D 292 17.98 22.55 1.53
CA LEU D 292 19.37 22.56 1.91
C LEU D 292 19.91 23.94 1.53
N LYS D 293 20.77 24.50 2.38
CA LYS D 293 21.43 25.77 2.13
C LYS D 293 22.55 25.94 3.13
N TYR D 294 23.78 25.79 2.67
CA TYR D 294 24.90 26.04 3.55
C TYR D 294 26.18 26.43 2.85
N VAL D 295 27.00 27.15 3.59
CA VAL D 295 28.33 27.50 3.16
C VAL D 295 29.30 26.60 3.87
N ASP D 296 30.35 26.19 3.18
CA ASP D 296 31.31 25.26 3.74
C ASP D 296 32.72 25.82 3.66
N VAL D 297 33.38 25.88 4.81
CA VAL D 297 34.77 26.31 4.91
C VAL D 297 35.59 25.21 5.54
N GLY D 298 36.70 24.87 4.91
CA GLY D 298 37.55 23.81 5.46
C GLY D 298 38.96 23.84 4.91
N ALA D 299 39.77 22.95 5.45
CA ALA D 299 41.17 22.84 5.11
C ALA D 299 41.60 21.41 5.39
N THR D 300 42.38 20.86 4.47
CA THR D 300 42.98 19.55 4.63
C THR D 300 44.47 19.78 4.60
N TYR D 301 45.19 19.17 5.54
CA TYR D 301 46.66 19.17 5.49
C TYR D 301 47.09 17.75 5.14
N TYR D 302 47.84 17.65 4.04
CA TYR D 302 48.32 16.36 3.53
C TYR D 302 49.76 16.14 3.96
N PHE D 303 49.98 15.28 4.95
CA PHE D 303 51.35 14.98 5.37
C PHE D 303 52.12 14.29 4.22
N ASN D 304 51.43 13.39 3.52
CA ASN D 304 51.94 12.70 2.33
C ASN D 304 50.73 11.94 1.68
N LYS D 305 50.98 10.94 0.84
CA LYS D 305 49.87 10.26 0.14
C LYS D 305 49.01 9.38 1.04
N ASN D 306 49.54 9.06 2.21
CA ASN D 306 48.92 8.08 3.10
C ASN D 306 48.34 8.68 4.39
N MET D 307 48.61 9.96 4.65
CA MET D 307 48.25 10.57 5.94
C MET D 307 47.80 12.00 5.75
N SER D 308 46.66 12.33 6.35
CA SER D 308 46.14 13.69 6.25
C SER D 308 45.26 14.00 7.43
N THR D 309 45.08 15.29 7.65
CA THR D 309 44.17 15.79 8.68
C THR D 309 43.38 16.99 8.17
N TYR D 310 42.15 17.12 8.66
CA TYR D 310 41.28 18.18 8.17
C TYR D 310 40.25 18.69 9.15
N VAL D 311 39.85 19.93 8.91
CA VAL D 311 38.71 20.53 9.58
C VAL D 311 37.75 20.96 8.47
N ASP D 312 36.47 20.68 8.67
CA ASP D 312 35.39 21.09 7.76
C ASP D 312 34.33 21.80 8.59
N TYR D 313 33.97 23.01 8.19
CA TYR D 313 32.99 23.82 8.91
C TYR D 313 31.78 24.11 8.04
N LYS D 314 30.67 23.47 8.37
CA LYS D 314 29.39 23.67 7.66
C LYS D 314 28.64 24.77 8.37
N ILE D 315 28.54 25.91 7.70
CA ILE D 315 27.77 27.05 8.18
C ILE D 315 26.37 26.90 7.62
N ASN D 316 25.47 26.43 8.45
CA ASN D 316 24.15 26.02 7.99
C ASN D 316 23.26 27.23 7.91
N LEU D 317 22.79 27.55 6.71
CA LEU D 317 22.03 28.80 6.52
C LEU D 317 20.51 28.59 6.57
N LEU D 318 20.06 27.35 6.76
CA LEU D 318 18.61 27.10 6.88
C LEU D 318 18.10 27.69 8.18
N ASP D 319 16.89 28.22 8.10
CA ASP D 319 16.19 28.73 9.27
C ASP D 319 15.38 27.60 9.84
N ASP D 320 15.34 27.54 11.16
CA ASP D 320 14.46 26.63 11.87
C ASP D 320 13.03 27.18 11.72
N ASN D 321 12.20 26.42 11.01
CA ASN D 321 10.81 26.78 10.75
C ASN D 321 9.94 25.52 10.71
N ARG D 322 8.66 25.67 10.38
CA ARG D 322 7.69 24.56 10.37
C ARG D 322 8.15 23.45 9.45
N PHE D 323 8.56 23.85 8.26
CA PHE D 323 8.96 22.91 7.23
C PHE D 323 10.16 22.06 7.65
N THR D 324 11.19 22.68 8.19
CA THR D 324 12.43 21.93 8.52
C THR D 324 12.20 20.98 9.70
N ARG D 325 11.33 21.39 10.61
CA ARG D 325 10.97 20.56 11.77
C ARG D 325 10.13 19.36 11.35
N ASP D 326 9.14 19.62 10.53
CA ASP D 326 8.31 18.58 9.95
C ASP D 326 9.13 17.60 9.10
N ALA D 327 10.02 18.15 8.29
CA ALA D 327 10.90 17.34 7.44
C ALA D 327 12.03 16.63 8.22
N GLY D 328 12.33 17.11 9.42
CA GLY D 328 13.45 16.58 10.20
C GLY D 328 14.82 16.97 9.64
N ILE D 329 14.88 18.14 8.98
CA ILE D 329 16.12 18.62 8.40
C ILE D 329 16.94 19.40 9.41
N ASN D 330 18.24 19.11 9.44
CA ASN D 330 19.18 19.78 10.33
C ASN D 330 19.40 21.21 9.87
N THR D 331 19.20 22.14 10.78
CA THR D 331 19.43 23.54 10.51
C THR D 331 20.65 24.07 11.27
N ASP D 332 21.30 23.22 12.07
CA ASP D 332 22.48 23.61 12.85
C ASP D 332 23.82 23.42 12.11
N ASP D 333 24.80 24.17 12.59
CA ASP D 333 26.18 24.13 12.10
C ASP D 333 26.84 22.83 12.57
N ILE D 334 27.81 22.36 11.80
CA ILE D 334 28.61 21.21 12.20
C ILE D 334 30.08 21.50 11.87
N VAL D 335 30.97 21.17 12.80
CA VAL D 335 32.43 21.18 12.54
C VAL D 335 32.87 19.72 12.59
N ALA D 336 33.66 19.32 11.61
CA ALA D 336 34.18 17.96 11.55
C ALA D 336 35.67 18.06 11.67
N LEU D 337 36.22 17.19 12.49
CA LEU D 337 37.66 17.12 12.71
C LEU D 337 38.10 15.69 12.46
N GLY D 338 39.04 15.54 11.54
CA GLY D 338 39.48 14.23 11.10
C GLY D 338 40.98 14.05 10.97
N LEU D 339 41.39 12.81 11.22
CA LEU D 339 42.78 12.35 11.06
C LEU D 339 42.66 11.02 10.33
N VAL D 340 43.33 10.93 9.18
CA VAL D 340 43.03 9.92 8.15
C VAL D 340 44.29 9.17 7.66
N TYR D 341 44.33 7.87 7.92
CA TYR D 341 45.36 7.00 7.36
C TYR D 341 44.73 6.24 6.20
N GLN D 342 45.39 6.27 5.03
CA GLN D 342 44.98 5.48 3.89
C GLN D 342 46.14 4.80 3.22
N PHE D 343 45.82 3.71 2.55
CA PHE D 343 46.75 2.90 1.78
C PHE D 343 46.10 2.55 0.44
N ALA E 1 50.47 -10.39 8.53
CA ALA E 1 51.62 -10.49 7.58
C ALA E 1 51.81 -9.22 6.79
N GLU E 2 53.07 -8.82 6.60
CA GLU E 2 53.39 -7.61 5.85
C GLU E 2 53.21 -7.90 4.37
N ILE E 3 52.20 -7.32 3.76
CA ILE E 3 51.87 -7.60 2.34
C ILE E 3 52.21 -6.43 1.43
N TYR E 4 52.72 -5.36 2.03
CA TYR E 4 53.07 -4.17 1.29
C TYR E 4 54.10 -3.38 2.09
N ASN E 5 55.17 -3.01 1.41
CA ASN E 5 56.20 -2.16 1.98
C ASN E 5 56.88 -1.49 0.81
N LYS E 6 56.62 -0.22 0.61
CA LYS E 6 56.97 0.48 -0.62
C LYS E 6 56.89 1.99 -0.47
N ASP E 7 57.85 2.72 -1.02
CA ASP E 7 57.74 4.18 -1.14
C ASP E 7 57.15 4.85 0.13
N GLY E 8 57.68 4.48 1.29
CA GLY E 8 57.32 5.11 2.57
C GLY E 8 56.09 4.58 3.32
N ASN E 9 55.37 3.63 2.75
CA ASN E 9 54.22 3.04 3.43
C ASN E 9 54.37 1.55 3.61
N LYS E 10 53.93 1.04 4.75
CA LYS E 10 53.83 -0.42 4.92
C LYS E 10 52.48 -0.83 5.51
N LEU E 11 52.09 -2.05 5.19
CA LEU E 11 50.79 -2.57 5.56
C LEU E 11 50.90 -4.01 5.97
N ASP E 12 50.41 -4.30 7.17
CA ASP E 12 50.33 -5.66 7.68
C ASP E 12 48.85 -6.06 7.69
N LEU E 13 48.52 -7.05 6.88
CA LEU E 13 47.21 -7.65 6.89
C LEU E 13 47.37 -8.86 7.78
N TYR E 14 46.64 -8.91 8.88
CA TYR E 14 46.80 -9.99 9.85
C TYR E 14 45.45 -10.59 10.20
N GLY E 15 45.47 -11.78 10.77
CA GLY E 15 44.24 -12.49 11.03
C GLY E 15 44.42 -13.88 11.57
N LYS E 16 43.33 -14.46 12.04
CA LYS E 16 43.36 -15.84 12.50
C LYS E 16 41.99 -16.45 12.38
N VAL E 17 42.01 -17.78 12.30
CA VAL E 17 40.81 -18.61 12.41
C VAL E 17 41.04 -19.51 13.60
N GLU E 18 40.09 -19.45 14.50
CA GLU E 18 40.13 -20.20 15.72
C GLU E 18 38.98 -21.19 15.63
N GLY E 19 39.32 -22.44 15.34
CA GLY E 19 38.41 -23.55 15.48
C GLY E 19 38.31 -23.83 16.98
N LEU E 20 37.14 -23.54 17.54
CA LEU E 20 37.00 -23.46 18.97
C LEU E 20 35.70 -24.13 19.41
N HIS E 21 35.80 -25.00 20.42
CA HIS E 21 34.62 -25.65 21.02
C HIS E 21 34.65 -25.55 22.54
N TYR E 22 33.50 -25.18 23.11
CA TYR E 22 33.30 -25.07 24.56
C TYR E 22 32.55 -26.28 25.07
N PHE E 23 32.97 -26.83 26.19
CA PHE E 23 32.23 -27.91 26.86
C PHE E 23 31.81 -27.43 28.24
N SER E 24 30.51 -27.50 28.52
CA SER E 24 29.98 -27.02 29.81
C SER E 24 28.65 -27.65 30.15
N ASP E 25 28.36 -27.76 31.43
CA ASP E 25 27.03 -28.20 31.89
C ASP E 25 26.04 -27.07 31.68
N ASN E 26 26.53 -25.83 31.64
CA ASN E 26 25.71 -24.67 31.25
C ASN E 26 25.52 -24.68 29.73
N ASP E 27 24.30 -24.92 29.27
CA ASP E 27 24.03 -25.13 27.85
C ASP E 27 24.33 -23.89 27.02
N SER E 28 24.22 -22.72 27.64
CA SER E 28 24.48 -21.45 26.96
C SER E 28 25.97 -21.21 26.78
N LYS E 29 26.78 -22.09 27.34
CA LYS E 29 28.23 -21.98 27.20
C LYS E 29 28.80 -23.20 26.50
N ASP E 30 27.93 -24.06 26.00
CA ASP E 30 28.34 -25.37 25.50
C ASP E 30 28.17 -25.43 24.00
N GLY E 31 29.24 -25.78 23.29
CA GLY E 31 29.19 -25.96 21.86
C GLY E 31 30.18 -25.11 21.08
N ASP E 32 29.91 -24.97 19.78
CA ASP E 32 30.81 -24.37 18.82
C ASP E 32 31.01 -22.88 19.06
N LYS E 33 32.26 -22.49 19.13
CA LYS E 33 32.62 -21.11 19.31
C LYS E 33 33.60 -20.61 18.25
N THR E 34 33.67 -21.32 17.14
CA THR E 34 34.58 -20.94 16.08
C THR E 34 34.40 -19.48 15.66
N TYR E 35 35.51 -18.80 15.44
CA TYR E 35 35.50 -17.44 14.91
C TYR E 35 36.77 -17.08 14.17
N MET E 36 36.69 -15.95 13.53
CA MET E 36 37.73 -15.41 12.69
C MET E 36 38.03 -13.98 13.14
N ARG E 37 39.30 -13.60 13.09
CA ARG E 37 39.69 -12.20 13.27
C ARG E 37 40.59 -11.78 12.17
N LEU E 38 40.48 -10.52 11.83
CA LEU E 38 41.11 -9.98 10.65
C LEU E 38 41.39 -8.52 10.93
N GLY E 39 42.56 -8.06 10.54
CA GLY E 39 42.84 -6.64 10.62
C GLY E 39 43.93 -6.14 9.71
N PHE E 40 44.10 -4.82 9.75
CA PHE E 40 45.23 -4.20 9.10
C PHE E 40 45.92 -3.19 10.00
N LYS E 41 47.23 -3.11 9.82
CA LYS E 41 48.04 -2.21 10.58
C LYS E 41 48.96 -1.54 9.58
N GLY E 42 48.88 -0.23 9.54
CA GLY E 42 49.50 0.58 8.51
C GLY E 42 50.33 1.64 9.16
N GLU E 43 51.52 1.85 8.60
CA GLU E 43 52.48 2.81 9.11
C GLU E 43 53.12 3.50 7.92
N THR E 44 53.09 4.83 7.93
CA THR E 44 53.74 5.65 6.89
C THR E 44 54.80 6.59 7.47
N GLN E 45 56.00 6.62 6.88
CA GLN E 45 57.03 7.59 7.26
C GLN E 45 56.80 8.93 6.55
N VAL E 46 56.50 9.97 7.32
CA VAL E 46 56.27 11.30 6.74
C VAL E 46 57.60 12.02 6.62
N THR E 47 58.28 12.14 7.76
CA THR E 47 59.66 12.63 7.84
C THR E 47 60.45 11.61 8.65
N ASP E 48 61.73 11.89 8.90
CA ASP E 48 62.58 10.98 9.69
C ASP E 48 62.11 10.81 11.11
N GLN E 49 61.35 11.79 11.60
CA GLN E 49 60.86 11.77 12.96
C GLN E 49 59.34 11.53 13.07
N LEU E 50 58.61 11.78 12.01
CA LEU E 50 57.14 11.73 12.05
C LEU E 50 56.62 10.54 11.26
N THR E 51 55.92 9.64 11.94
CA THR E 51 55.17 8.60 11.25
C THR E 51 53.67 8.82 11.41
N GLY E 52 52.94 8.46 10.39
CA GLY E 52 51.49 8.40 10.44
C GLY E 52 51.10 6.93 10.48
N TYR E 53 49.98 6.63 11.12
CA TYR E 53 49.53 5.24 11.24
C TYR E 53 48.03 5.10 11.39
N GLY E 54 47.57 3.89 11.10
CA GLY E 54 46.18 3.52 11.26
C GLY E 54 46.06 2.02 11.47
N GLN E 55 45.00 1.64 12.18
CA GLN E 55 44.76 0.26 12.47
C GLN E 55 43.27 0.02 12.62
N TRP E 56 42.86 -1.14 12.14
CA TRP E 56 41.48 -1.60 12.04
C TRP E 56 41.52 -3.10 12.32
N GLU E 57 40.63 -3.58 13.17
CA GLU E 57 40.55 -5.00 13.48
C GLU E 57 39.07 -5.32 13.66
N TYR E 58 38.70 -6.48 13.11
CA TYR E 58 37.33 -6.90 12.92
C TYR E 58 37.26 -8.33 13.41
N GLN E 59 36.13 -8.69 14.03
CA GLN E 59 35.86 -10.09 14.40
C GLN E 59 34.59 -10.58 13.72
N ILE E 60 34.64 -11.80 13.25
CA ILE E 60 33.55 -12.39 12.50
C ILE E 60 33.33 -13.78 13.06
N GLN E 61 32.15 -13.97 13.59
CA GLN E 61 31.79 -15.22 14.20
C GLN E 61 31.71 -16.28 13.11
N GLY E 62 32.18 -17.48 13.40
CA GLY E 62 32.13 -18.59 12.45
C GLY E 62 31.29 -19.76 12.95
N ASN E 63 30.47 -19.49 13.98
CA ASN E 63 29.67 -20.53 14.62
C ASN E 63 28.19 -20.34 14.38
N GLU E 64 27.86 -19.51 13.41
CA GLU E 64 26.47 -19.15 13.11
C GLU E 64 26.02 -19.66 11.76
N PRO E 65 24.71 -19.82 11.57
CA PRO E 65 24.25 -20.17 10.27
C PRO E 65 24.35 -18.95 9.36
N GLU E 66 24.23 -19.21 8.07
CA GLU E 66 24.44 -18.24 7.02
C GLU E 66 23.31 -17.22 6.89
N SER E 67 22.17 -17.49 7.51
CA SER E 67 21.04 -16.55 7.46
C SER E 67 21.15 -15.41 8.45
N ASP E 68 22.05 -15.55 9.43
CA ASP E 68 22.17 -14.64 10.57
C ASP E 68 23.56 -14.67 11.18
N ASN E 69 24.53 -14.03 10.51
CA ASN E 69 25.93 -14.04 10.95
C ASN E 69 26.36 -12.65 11.45
N SER E 70 27.00 -12.62 12.61
CA SER E 70 27.40 -11.42 13.31
C SER E 70 28.93 -11.16 13.32
N SER E 71 29.26 -9.87 13.22
CA SER E 71 30.61 -9.38 13.16
C SER E 71 30.70 -8.00 13.81
N TRP E 72 31.90 -7.55 14.07
CA TRP E 72 32.07 -6.27 14.71
C TRP E 72 33.52 -5.80 14.64
N THR E 73 33.65 -4.49 14.70
CA THR E 73 34.93 -3.80 14.74
C THR E 73 35.41 -3.75 16.15
N ARG E 74 36.60 -4.26 16.36
CA ARG E 74 37.26 -4.20 17.65
C ARG E 74 38.03 -2.87 17.86
N VAL E 75 38.87 -2.52 16.90
CA VAL E 75 39.59 -1.25 16.91
C VAL E 75 39.55 -0.58 15.55
N ALA E 76 39.63 0.74 15.54
CA ALA E 76 39.64 1.50 14.31
C ALA E 76 40.08 2.90 14.64
N PHE E 77 41.36 3.17 14.41
CA PHE E 77 41.98 4.45 14.80
C PHE E 77 43.10 4.89 13.85
N ALA E 78 43.29 6.20 13.78
CA ALA E 78 44.35 6.88 13.02
C ALA E 78 45.18 7.67 14.01
N GLY E 79 46.47 7.78 13.73
CA GLY E 79 47.34 8.60 14.58
C GLY E 79 48.64 9.06 13.97
N LEU E 80 49.33 9.89 14.73
CA LEU E 80 50.64 10.42 14.38
C LEU E 80 51.61 10.13 15.53
N LYS E 81 52.86 9.88 15.19
CA LYS E 81 53.91 9.63 16.17
C LYS E 81 55.13 10.46 15.82
N PHE E 82 55.56 11.30 16.75
CA PHE E 82 56.79 12.08 16.57
C PHE E 82 57.88 11.57 17.53
N GLN E 83 59.09 11.42 17.02
CA GLN E 83 60.17 10.76 17.77
C GLN E 83 60.56 11.55 19.04
N ASP E 84 60.70 10.83 20.15
CA ASP E 84 61.06 11.43 21.45
C ASP E 84 60.05 12.50 21.92
N VAL E 85 58.86 12.52 21.35
CA VAL E 85 57.83 13.49 21.77
C VAL E 85 56.53 12.80 22.14
N GLY E 86 56.19 11.76 21.39
CA GLY E 86 55.08 10.88 21.69
C GLY E 86 54.16 10.68 20.51
N SER E 87 53.05 10.00 20.76
CA SER E 87 52.05 9.75 19.73
C SER E 87 50.67 10.23 20.15
N PHE E 88 49.82 10.47 19.17
CA PHE E 88 48.42 10.75 19.39
C PHE E 88 47.61 9.95 18.38
N ASP E 89 46.55 9.31 18.86
CA ASP E 89 45.60 8.64 17.97
C ASP E 89 44.17 8.77 18.50
N TYR E 90 43.26 8.75 17.55
CA TYR E 90 41.86 8.87 17.84
C TYR E 90 41.06 7.81 17.08
N GLY E 91 40.08 7.25 17.77
CA GLY E 91 39.12 6.32 17.19
C GLY E 91 38.59 5.38 18.24
N ARG E 92 38.20 4.19 17.78
CA ARG E 92 37.84 3.12 18.67
C ARG E 92 39.13 2.44 19.05
N ASN E 93 39.33 2.24 20.33
CA ASN E 93 40.61 1.77 20.79
C ASN E 93 40.49 1.20 22.18
N TYR E 94 41.64 0.93 22.80
CA TYR E 94 41.73 0.42 24.15
C TYR E 94 41.83 1.53 25.17
N GLY E 95 40.99 1.48 26.19
CA GLY E 95 41.11 2.37 27.32
C GLY E 95 42.45 2.20 28.01
N VAL E 96 42.95 3.30 28.51
CA VAL E 96 44.27 3.37 29.13
C VAL E 96 44.42 2.45 30.36
N VAL E 97 43.33 2.21 31.08
CA VAL E 97 43.33 1.17 32.14
C VAL E 97 43.90 -0.17 31.65
N TYR E 98 43.54 -0.58 30.43
CA TYR E 98 44.04 -1.82 29.83
C TYR E 98 45.60 -1.81 29.63
N ASP E 99 46.25 -0.64 29.70
CA ASP E 99 47.72 -0.61 29.65
C ASP E 99 48.30 -1.44 30.78
N VAL E 100 47.55 -1.59 31.87
CA VAL E 100 47.99 -2.43 32.98
C VAL E 100 47.18 -3.74 33.12
N THR E 101 45.86 -3.67 33.04
CA THR E 101 45.06 -4.88 33.25
C THR E 101 45.41 -5.91 32.19
N SER E 102 45.87 -5.44 31.03
CA SER E 102 46.28 -6.36 29.94
C SER E 102 47.35 -7.39 30.32
N TRP E 103 48.16 -7.07 31.33
CA TRP E 103 49.26 -7.96 31.78
C TRP E 103 48.83 -9.36 32.26
N THR E 104 47.58 -9.46 32.71
CA THR E 104 46.98 -10.75 33.12
C THR E 104 46.04 -11.33 32.06
N ASP E 105 45.76 -10.57 31.01
CA ASP E 105 44.91 -11.01 29.88
C ASP E 105 45.68 -11.83 28.84
N VAL E 106 46.25 -12.95 29.29
CA VAL E 106 47.14 -13.77 28.44
C VAL E 106 46.78 -15.25 28.46
N LEU E 107 45.55 -15.57 28.88
CA LEU E 107 45.14 -16.98 28.97
C LEU E 107 44.78 -17.47 27.56
N PRO E 108 44.76 -18.79 27.35
CA PRO E 108 44.42 -19.29 26.00
C PRO E 108 43.06 -18.85 25.48
N GLU E 109 42.03 -18.92 26.30
CA GLU E 109 40.69 -18.47 25.89
C GLU E 109 39.97 -17.62 26.91
N PHE E 110 40.05 -17.98 28.18
CA PHE E 110 39.33 -17.26 29.25
C PHE E 110 40.12 -16.05 29.70
N GLY E 111 39.80 -15.52 30.88
CA GLY E 111 40.55 -14.39 31.43
C GLY E 111 40.07 -13.06 30.92
N GLY E 112 40.61 -11.99 31.46
CA GLY E 112 40.32 -10.65 30.98
C GLY E 112 38.89 -10.24 31.19
N ASP E 113 38.22 -10.83 32.16
CA ASP E 113 36.76 -10.63 32.28
C ASP E 113 36.29 -10.15 33.64
N THR E 114 37.15 -9.41 34.35
CA THR E 114 36.71 -8.57 35.47
C THR E 114 36.23 -7.18 34.94
N TYR E 115 36.12 -7.08 33.62
CA TYR E 115 35.66 -5.88 32.92
C TYR E 115 35.16 -6.33 31.56
N ASP E 116 34.62 -5.40 30.78
CA ASP E 116 33.99 -5.68 29.50
C ASP E 116 34.52 -4.72 28.44
N SER E 117 34.20 -5.03 27.19
CA SER E 117 34.19 -4.05 26.12
C SER E 117 33.08 -2.98 26.32
N ASP E 118 33.34 -1.78 25.82
CA ASP E 118 32.38 -0.68 25.89
C ASP E 118 31.93 -0.45 27.33
N ASN E 119 32.93 -0.45 28.20
CA ASN E 119 32.75 -0.46 29.64
C ASN E 119 33.61 0.64 30.21
N PHE E 120 33.21 1.87 29.92
CA PHE E 120 34.00 3.07 30.24
C PHE E 120 35.42 2.91 29.67
N MET E 121 36.45 3.26 30.42
CA MET E 121 37.79 3.31 29.82
C MET E 121 38.62 2.08 30.18
N GLN E 122 37.94 0.99 30.53
CA GLN E 122 38.56 -0.24 31.00
C GLN E 122 39.08 -1.17 29.88
N GLN E 123 38.42 -1.15 28.73
CA GLN E 123 38.88 -1.95 27.60
C GLN E 123 38.54 -1.27 26.27
N ARG E 124 38.13 -2.01 25.26
CA ARG E 124 37.86 -1.39 23.97
C ARG E 124 36.63 -0.49 24.12
N GLY E 125 36.60 0.58 23.35
CA GLY E 125 35.53 1.55 23.44
C GLY E 125 35.63 2.59 22.36
N ASN E 126 34.54 3.34 22.16
CA ASN E 126 34.47 4.38 21.12
C ASN E 126 34.98 5.75 21.56
N GLY E 127 35.66 6.43 20.67
CA GLY E 127 35.96 7.83 20.84
C GLY E 127 37.05 8.13 21.84
N PHE E 128 38.12 7.35 21.80
CA PHE E 128 39.30 7.60 22.62
C PHE E 128 40.28 8.52 21.89
N ALA E 129 40.61 9.63 22.53
CA ALA E 129 41.73 10.48 22.14
C ALA E 129 42.86 10.15 23.11
N THR E 130 43.93 9.56 22.60
CA THR E 130 45.00 9.02 23.42
C THR E 130 46.35 9.61 23.06
N TYR E 131 46.98 10.22 24.04
CA TYR E 131 48.36 10.66 23.95
C TYR E 131 49.23 9.66 24.66
N ARG E 132 50.36 9.31 24.05
CA ARG E 132 51.31 8.35 24.62
C ARG E 132 52.72 8.86 24.50
N ASN E 133 53.51 8.64 25.53
CA ASN E 133 54.93 8.99 25.55
C ASN E 133 55.72 7.79 25.99
N THR E 134 56.70 7.41 25.17
CA THR E 134 57.47 6.19 25.42
C THR E 134 58.91 6.57 25.70
N ASP E 135 59.46 5.95 26.74
CA ASP E 135 60.83 6.23 27.22
C ASP E 135 61.00 7.66 27.74
N PHE E 136 59.89 8.24 28.23
CA PHE E 136 59.85 9.63 28.72
C PHE E 136 60.68 10.60 27.87
N PHE E 137 60.12 11.00 26.72
CA PHE E 137 60.79 11.94 25.82
C PHE E 137 62.20 11.47 25.42
N GLY E 138 62.41 10.14 25.43
CA GLY E 138 63.73 9.55 25.14
C GLY E 138 64.76 9.59 26.27
N LEU E 139 64.33 10.01 27.45
CA LEU E 139 65.23 10.22 28.58
C LEU E 139 65.34 9.06 29.59
N VAL E 140 64.26 8.27 29.72
CA VAL E 140 64.24 7.16 30.71
C VAL E 140 63.76 5.86 30.05
N ASP E 141 64.71 5.00 29.70
CA ASP E 141 64.38 3.78 28.96
C ASP E 141 63.41 2.92 29.78
N GLY E 142 62.26 2.61 29.21
CA GLY E 142 61.27 1.77 29.89
C GLY E 142 60.15 2.52 30.59
N LEU E 143 60.26 3.84 30.68
CA LEU E 143 59.21 4.62 31.31
C LEU E 143 58.24 5.12 30.25
N ASP E 144 57.03 4.56 30.27
CA ASP E 144 55.97 4.95 29.37
C ASP E 144 54.79 5.51 30.14
N PHE E 145 54.07 6.43 29.51
CA PHE E 145 52.85 6.94 30.12
C PHE E 145 51.87 7.43 29.05
N ALA E 146 50.61 7.53 29.46
CA ALA E 146 49.49 7.86 28.59
C ALA E 146 48.48 8.76 29.29
N VAL E 147 47.99 9.75 28.57
CA VAL E 147 46.83 10.55 28.97
C VAL E 147 45.76 10.31 27.91
N GLN E 148 44.53 10.05 28.37
CA GLN E 148 43.45 9.69 27.49
C GLN E 148 42.16 10.39 27.88
N TYR E 149 41.45 10.88 26.87
CA TYR E 149 40.08 11.40 26.99
C TYR E 149 39.14 10.54 26.14
N GLN E 150 37.97 10.23 26.69
CA GLN E 150 36.92 9.52 25.96
C GLN E 150 35.72 10.38 25.95
N GLY E 151 35.25 10.68 24.75
CA GLY E 151 34.08 11.52 24.60
C GLY E 151 32.80 10.75 24.88
N LYS E 152 31.83 11.46 25.42
CA LYS E 152 30.48 10.95 25.61
C LYS E 152 29.97 10.09 24.44
N ASN E 153 29.55 8.88 24.75
CA ASN E 153 28.77 8.00 23.87
C ASN E 153 27.42 7.72 24.51
N GLY E 154 26.39 8.32 23.97
CA GLY E 154 25.15 8.47 24.73
C GLY E 154 24.07 7.60 24.16
N SER E 155 22.82 8.01 24.35
CA SER E 155 21.68 7.24 23.88
C SER E 155 21.39 7.48 22.41
N ALA E 156 20.61 6.61 21.82
CA ALA E 156 20.14 6.74 20.43
C ALA E 156 19.00 7.73 20.29
N HIS E 157 18.31 8.04 21.39
CA HIS E 157 17.11 8.88 21.35
C HIS E 157 16.98 9.81 22.56
N GLY E 158 16.42 10.99 22.32
CA GLY E 158 16.05 11.93 23.38
C GLY E 158 17.18 12.67 24.07
N GLU E 159 16.99 12.92 25.36
CA GLU E 159 18.01 13.57 26.17
C GLU E 159 19.26 12.69 26.20
N GLY E 160 20.43 13.34 26.14
CA GLY E 160 21.70 12.63 26.22
C GLY E 160 22.11 11.91 24.94
N MET E 161 21.46 12.26 23.84
CA MET E 161 21.73 11.65 22.55
C MET E 161 23.12 12.06 22.01
N THR E 162 23.84 11.10 21.45
CA THR E 162 24.98 11.40 20.56
C THR E 162 24.72 10.79 19.20
N THR E 163 25.47 11.27 18.21
CA THR E 163 25.33 10.82 16.83
C THR E 163 25.55 9.31 16.72
N ASN E 164 26.40 8.76 17.60
CA ASN E 164 26.62 7.33 17.68
C ASN E 164 25.97 6.67 18.90
N GLY E 165 24.81 7.18 19.27
CA GLY E 165 24.13 6.73 20.49
C GLY E 165 23.80 5.26 20.46
N ARG E 166 23.75 4.65 21.62
CA ARG E 166 23.38 3.25 21.72
C ARG E 166 22.44 3.10 22.89
N ASP E 167 21.41 2.28 22.72
CA ASP E 167 20.40 2.16 23.74
C ASP E 167 20.80 1.23 24.88
N ASP E 168 21.78 0.37 24.65
CA ASP E 168 22.26 -0.47 25.72
C ASP E 168 23.10 0.40 26.66
N VAL E 169 22.50 0.62 27.82
CA VAL E 169 22.99 1.43 28.92
C VAL E 169 24.38 0.96 29.41
N PHE E 170 24.63 -0.33 29.31
CA PHE E 170 25.94 -0.88 29.68
C PHE E 170 27.05 -0.50 28.70
N GLU E 171 26.66 0.00 27.53
CA GLU E 171 27.63 0.44 26.51
C GLU E 171 27.76 1.96 26.34
N GLN E 172 27.10 2.73 27.22
CA GLN E 172 27.12 4.19 27.17
C GLN E 172 28.23 4.72 28.08
N ASN E 173 28.57 5.97 27.91
CA ASN E 173 29.46 6.65 28.85
C ASN E 173 29.35 8.13 28.64
N GLY E 174 29.67 8.89 29.66
CA GLY E 174 29.89 10.32 29.52
C GLY E 174 31.36 10.60 29.24
N ASP E 175 31.71 11.87 29.22
CA ASP E 175 33.09 12.31 29.10
C ASP E 175 33.95 11.69 30.21
N GLY E 176 35.12 11.21 29.84
CA GLY E 176 36.00 10.54 30.78
C GLY E 176 37.45 10.91 30.53
N VAL E 177 38.27 10.72 31.56
CA VAL E 177 39.67 11.05 31.51
C VAL E 177 40.40 9.97 32.23
N GLY E 178 41.58 9.65 31.75
CA GLY E 178 42.39 8.62 32.38
C GLY E 178 43.86 8.77 32.08
N GLY E 179 44.66 8.08 32.87
CA GLY E 179 46.10 8.07 32.67
C GLY E 179 46.70 6.76 33.07
N SER E 180 47.91 6.51 32.58
CA SER E 180 48.62 5.28 32.91
C SER E 180 50.10 5.53 32.90
N ILE E 181 50.81 4.82 33.76
CA ILE E 181 52.28 4.87 33.87
C ILE E 181 52.78 3.45 33.98
N THR E 182 53.85 3.13 33.27
CA THR E 182 54.44 1.80 33.34
C THR E 182 55.94 1.91 33.24
N TYR E 183 56.61 1.10 34.04
CA TYR E 183 58.08 1.03 34.06
C TYR E 183 58.49 -0.43 33.91
N ASN E 184 59.31 -0.68 32.90
CA ASN E 184 59.80 -2.01 32.60
C ASN E 184 61.32 -1.95 32.61
N TYR E 185 61.93 -2.85 33.36
CA TYR E 185 63.40 -2.98 33.40
C TYR E 185 63.78 -4.45 33.52
N GLU E 186 64.61 -4.92 32.59
CA GLU E 186 65.16 -6.30 32.63
C GLU E 186 64.11 -7.39 32.90
N GLY E 187 62.94 -7.26 32.28
CA GLY E 187 61.88 -8.26 32.40
C GLY E 187 60.88 -8.02 33.52
N PHE E 188 61.24 -7.16 34.47
CA PHE E 188 60.35 -6.75 35.54
C PHE E 188 59.49 -5.57 35.10
N GLY E 189 58.23 -5.57 35.53
CA GLY E 189 57.27 -4.52 35.21
C GLY E 189 56.39 -4.11 36.39
N ILE E 190 56.32 -2.79 36.61
CA ILE E 190 55.41 -2.15 37.56
C ILE E 190 54.58 -1.13 36.78
N GLY E 191 53.35 -0.94 37.20
CA GLY E 191 52.43 -0.05 36.49
C GLY E 191 51.19 0.36 37.27
N ALA E 192 50.61 1.47 36.86
CA ALA E 192 49.44 2.04 37.51
C ALA E 192 48.58 2.76 36.48
N ALA E 193 47.28 2.77 36.72
CA ALA E 193 46.33 3.44 35.85
C ALA E 193 45.12 3.89 36.64
N VAL E 194 44.60 5.05 36.26
CA VAL E 194 43.41 5.65 36.84
C VAL E 194 42.50 6.13 35.71
N SER E 195 41.19 6.01 35.92
CA SER E 195 40.22 6.58 35.00
C SER E 195 39.03 7.07 35.78
N SER E 196 38.35 8.03 35.18
CA SER E 196 37.20 8.68 35.75
C SER E 196 36.28 9.14 34.61
N SER E 197 35.12 8.50 34.51
CA SER E 197 34.15 8.81 33.48
C SER E 197 32.86 9.24 34.14
N LYS E 198 32.26 10.27 33.56
CA LYS E 198 30.94 10.69 33.94
C LYS E 198 29.96 9.62 33.47
N ARG E 199 28.92 9.38 34.27
CA ARG E 199 27.88 8.42 33.92
C ARG E 199 26.73 9.15 33.24
N THR E 200 26.02 8.50 32.33
CA THR E 200 24.93 9.16 31.60
C THR E 200 23.63 9.13 32.38
N TRP E 201 22.66 9.93 31.95
CA TRP E 201 21.38 10.00 32.66
C TRP E 201 20.69 8.62 32.61
N ASP E 202 20.68 8.01 31.44
CA ASP E 202 20.06 6.69 31.21
C ASP E 202 20.66 5.67 32.16
N GLN E 203 21.97 5.72 32.34
CA GLN E 203 22.69 4.78 33.19
C GLN E 203 22.29 4.91 34.64
N ASN E 204 21.98 6.12 35.07
CA ASN E 204 21.60 6.40 36.46
C ASN E 204 20.08 6.41 36.71
N ASN E 205 19.29 6.24 35.67
CA ASN E 205 17.84 6.42 35.80
C ASN E 205 16.96 5.34 35.14
N THR E 206 17.48 4.11 35.03
CA THR E 206 16.68 2.97 34.56
C THR E 206 16.58 1.89 35.66
N GLY E 207 16.72 2.29 36.92
CA GLY E 207 16.50 1.39 38.06
C GLY E 207 17.53 0.28 38.30
N LEU E 208 18.75 0.43 37.78
CA LEU E 208 19.82 -0.54 38.01
C LEU E 208 20.63 -0.24 39.28
N ILE E 209 21.32 -1.25 39.77
CA ILE E 209 22.21 -1.05 40.90
C ILE E 209 23.52 -0.41 40.44
N GLY E 210 24.20 0.22 41.38
CA GLY E 210 25.49 0.84 41.12
C GLY E 210 25.44 2.12 40.32
N THR E 211 24.53 2.99 40.72
CA THR E 211 24.44 4.30 40.17
C THR E 211 25.26 5.33 40.96
N GLY E 212 25.46 6.47 40.30
CA GLY E 212 26.20 7.63 40.83
C GLY E 212 26.72 8.45 39.65
N ASP E 213 27.33 9.56 39.97
CA ASP E 213 27.78 10.58 39.00
C ASP E 213 28.87 10.07 38.07
N ARG E 214 29.73 9.20 38.58
CA ARG E 214 30.97 8.89 37.91
C ARG E 214 31.30 7.43 38.09
N ALA E 215 31.91 6.88 37.05
CA ALA E 215 32.47 5.54 37.07
C ALA E 215 33.97 5.76 37.21
N GLU E 216 34.59 5.10 38.17
CA GLU E 216 35.99 5.36 38.50
C GLU E 216 36.77 4.07 38.68
N THR E 217 38.03 4.09 38.25
CA THR E 217 38.91 2.90 38.40
C THR E 217 40.32 3.28 38.79
N TYR E 218 40.89 2.46 39.66
CA TYR E 218 42.26 2.56 40.12
C TYR E 218 42.87 1.16 40.04
N THR E 219 44.00 1.06 39.34
CA THR E 219 44.64 -0.21 39.02
C THR E 219 46.11 -0.15 39.33
N GLY E 220 46.59 -1.20 40.00
CA GLY E 220 48.02 -1.42 40.19
C GLY E 220 48.36 -2.77 39.61
N GLY E 221 49.59 -2.92 39.11
CA GLY E 221 50.00 -4.13 38.43
C GLY E 221 51.49 -4.40 38.44
N LEU E 222 51.83 -5.68 38.35
CA LEU E 222 53.23 -6.14 38.40
C LEU E 222 53.39 -7.31 37.42
N LYS E 223 54.57 -7.44 36.82
CA LYS E 223 54.86 -8.56 35.93
C LYS E 223 56.33 -8.88 35.82
N TYR E 224 56.60 -10.16 35.62
CA TYR E 224 57.91 -10.64 35.29
C TYR E 224 57.75 -11.41 33.98
N ASP E 225 58.56 -11.05 32.98
CA ASP E 225 58.48 -11.59 31.63
C ASP E 225 59.89 -11.76 31.04
N ALA E 226 60.54 -12.87 31.38
CA ALA E 226 61.87 -13.21 30.85
C ALA E 226 62.16 -14.67 31.14
N ASN E 227 63.29 -15.17 30.61
CA ASN E 227 63.73 -16.56 30.83
C ASN E 227 62.59 -17.59 30.71
N ASN E 228 61.76 -17.45 29.69
CA ASN E 228 60.62 -18.36 29.44
C ASN E 228 59.51 -18.33 30.51
N ILE E 229 59.69 -17.52 31.54
CA ILE E 229 58.73 -17.40 32.62
C ILE E 229 57.89 -16.13 32.47
N TYR E 230 56.59 -16.26 32.63
CA TYR E 230 55.68 -15.11 32.68
C TYR E 230 54.83 -15.12 33.94
N LEU E 231 55.04 -14.12 34.78
CA LEU E 231 54.28 -13.92 36.01
C LEU E 231 53.64 -12.53 35.93
N ALA E 232 52.38 -12.43 36.31
CA ALA E 232 51.72 -11.13 36.33
C ALA E 232 50.55 -11.11 37.29
N ALA E 233 50.29 -9.94 37.87
CA ALA E 233 49.19 -9.74 38.81
C ALA E 233 48.67 -8.33 38.63
N GLN E 234 47.35 -8.17 38.66
CA GLN E 234 46.75 -6.84 38.73
C GLN E 234 45.65 -6.74 39.76
N TYR E 235 45.64 -5.63 40.48
CA TYR E 235 44.57 -5.31 41.41
C TYR E 235 43.93 -4.00 40.96
N THR E 236 42.60 -4.03 40.84
CA THR E 236 41.80 -2.87 40.41
C THR E 236 40.62 -2.65 41.38
N GLN E 237 40.44 -1.40 41.79
CA GLN E 237 39.32 -1.02 42.64
C GLN E 237 38.44 -0.13 41.80
N THR E 238 37.16 -0.49 41.69
CA THR E 238 36.24 0.25 40.82
C THR E 238 35.01 0.75 41.58
N TYR E 239 34.47 1.86 41.09
CA TYR E 239 33.23 2.43 41.62
C TYR E 239 32.28 2.72 40.47
N ASN E 240 31.08 2.16 40.54
CA ASN E 240 30.05 2.34 39.52
C ASN E 240 30.52 1.97 38.12
N ALA E 241 31.42 1.01 38.03
CA ALA E 241 32.19 0.78 36.79
C ALA E 241 32.14 -0.66 36.33
N THR E 242 32.04 -1.58 37.28
CA THR E 242 32.14 -3.01 37.04
C THR E 242 30.75 -3.56 36.90
N ARG E 243 30.48 -4.22 35.77
CA ARG E 243 29.17 -4.77 35.49
C ARG E 243 28.92 -6.03 36.32
N VAL E 244 27.70 -6.12 36.84
CA VAL E 244 27.21 -7.20 37.68
C VAL E 244 26.06 -7.86 36.93
N GLY E 245 26.41 -8.68 35.94
CA GLY E 245 25.41 -9.39 35.13
C GLY E 245 24.42 -8.42 34.51
N SER E 246 23.14 -8.73 34.65
CA SER E 246 22.04 -7.90 34.15
C SER E 246 21.55 -6.85 35.17
N LEU E 247 22.12 -6.87 36.37
CA LEU E 247 21.61 -6.08 37.49
C LEU E 247 22.02 -4.63 37.46
N GLY E 248 23.17 -4.35 36.87
CA GLY E 248 23.71 -2.99 36.87
C GLY E 248 25.20 -3.03 37.08
N TRP E 249 25.69 -2.11 37.91
CA TRP E 249 27.12 -2.07 38.20
C TRP E 249 27.37 -2.21 39.69
N ALA E 250 28.63 -2.37 40.10
CA ALA E 250 28.95 -2.51 41.53
C ALA E 250 29.29 -1.14 42.13
N ASN E 251 28.61 -0.78 43.22
CA ASN E 251 28.91 0.48 43.91
C ASN E 251 30.42 0.55 44.15
N LYS E 252 30.96 -0.56 44.61
CA LYS E 252 32.39 -0.73 44.70
C LYS E 252 32.67 -2.18 44.36
N ALA E 253 33.73 -2.39 43.60
CA ALA E 253 34.19 -3.73 43.28
C ALA E 253 35.69 -3.80 43.50
N GLN E 254 36.13 -4.93 44.03
CA GLN E 254 37.56 -5.19 44.19
C GLN E 254 37.93 -6.34 43.28
N ASN E 255 38.76 -6.05 42.28
CA ASN E 255 39.09 -7.01 41.23
C ASN E 255 40.57 -7.42 41.30
N PHE E 256 40.81 -8.72 41.21
CA PHE E 256 42.17 -9.24 41.28
C PHE E 256 42.35 -10.37 40.28
N GLU E 257 43.48 -10.34 39.60
CA GLU E 257 43.84 -11.34 38.59
C GLU E 257 45.34 -11.64 38.78
N ALA E 258 45.68 -12.92 38.80
CA ALA E 258 47.07 -13.36 38.87
C ALA E 258 47.26 -14.50 37.89
N VAL E 259 48.46 -14.56 37.29
CA VAL E 259 48.79 -15.51 36.23
C VAL E 259 50.25 -15.99 36.29
N ALA E 260 50.45 -17.30 36.12
CA ALA E 260 51.79 -17.88 35.99
C ALA E 260 51.84 -18.77 34.76
N GLN E 261 52.90 -18.60 33.97
CA GLN E 261 53.06 -19.34 32.72
C GLN E 261 54.51 -19.69 32.49
N TYR E 262 54.72 -20.79 31.80
CA TYR E 262 56.04 -21.23 31.40
C TYR E 262 56.02 -21.74 29.97
N GLN E 263 57.08 -21.45 29.23
CA GLN E 263 57.22 -21.84 27.84
C GLN E 263 58.39 -22.80 27.70
N PHE E 264 58.07 -24.08 27.53
CA PHE E 264 59.06 -25.10 27.20
C PHE E 264 59.60 -24.92 25.78
N ASP E 265 60.91 -25.04 25.61
CA ASP E 265 61.58 -24.98 24.29
C ASP E 265 60.84 -25.73 23.18
N PHE E 266 60.33 -26.93 23.46
CA PHE E 266 59.63 -27.73 22.45
C PHE E 266 58.22 -27.24 22.02
N GLY E 267 57.67 -26.24 22.69
CA GLY E 267 56.43 -25.60 22.22
C GLY E 267 55.26 -25.50 23.18
N LEU E 268 55.25 -26.35 24.20
CA LEU E 268 54.16 -26.37 25.19
C LEU E 268 54.30 -25.23 26.17
N ARG E 269 53.19 -24.57 26.43
CA ARG E 269 53.14 -23.45 27.36
C ARG E 269 52.01 -23.62 28.36
N PRO E 270 52.28 -24.26 29.51
CA PRO E 270 51.27 -24.37 30.57
C PRO E 270 50.92 -23.03 31.20
N SER E 271 49.71 -22.96 31.74
CA SER E 271 49.15 -21.72 32.29
C SER E 271 48.28 -21.99 33.49
N LEU E 272 48.49 -21.21 34.53
CA LEU E 272 47.70 -21.26 35.75
C LEU E 272 47.30 -19.84 36.11
N ALA E 273 46.03 -19.62 36.37
CA ALA E 273 45.54 -18.27 36.66
C ALA E 273 44.43 -18.26 37.68
N TYR E 274 44.28 -17.12 38.34
CA TYR E 274 43.21 -16.90 39.31
C TYR E 274 42.60 -15.52 39.08
N LEU E 275 41.28 -15.48 39.02
CA LEU E 275 40.57 -14.22 38.83
C LEU E 275 39.44 -14.09 39.83
N GLN E 276 39.24 -12.87 40.29
CA GLN E 276 38.22 -12.58 41.28
C GLN E 276 37.70 -11.17 41.17
N SER E 277 36.38 -11.02 41.20
CA SER E 277 35.74 -9.72 41.32
C SER E 277 34.79 -9.76 42.49
N LYS E 278 35.08 -8.95 43.49
CA LYS E 278 34.33 -8.90 44.76
C LYS E 278 33.47 -7.65 44.82
N GLY E 279 32.16 -7.84 44.75
CA GLY E 279 31.22 -6.73 44.88
C GLY E 279 30.90 -6.35 46.32
N LYS E 280 30.98 -5.06 46.62
CA LYS E 280 30.71 -4.55 47.95
C LYS E 280 29.45 -3.70 47.99
N ASN E 281 28.67 -3.86 49.06
CA ASN E 281 27.44 -3.07 49.31
C ASN E 281 26.67 -2.77 48.03
N LEU E 282 26.26 -3.84 47.35
CA LEU E 282 25.71 -3.78 45.98
C LEU E 282 24.32 -3.15 45.90
N GLY E 283 23.53 -3.31 46.95
CA GLY E 283 22.17 -2.79 46.94
C GLY E 283 21.22 -3.91 46.64
N ARG E 284 19.93 -3.60 46.75
CA ARG E 284 18.86 -4.52 46.37
C ARG E 284 18.86 -5.79 47.22
N GLY E 285 19.28 -5.63 48.46
CA GLY E 285 19.35 -6.76 49.42
C GLY E 285 20.53 -7.71 49.29
N TYR E 286 21.49 -7.38 48.43
CA TYR E 286 22.61 -8.29 48.15
C TYR E 286 23.87 -8.13 48.98
N ASP E 287 24.12 -6.92 49.47
CA ASP E 287 25.32 -6.65 50.30
C ASP E 287 26.66 -6.98 49.59
N ASP E 288 27.47 -7.89 50.11
CA ASP E 288 28.74 -8.28 49.43
C ASP E 288 28.57 -9.61 48.73
N GLU E 289 28.91 -9.66 47.45
CA GLU E 289 28.85 -10.90 46.68
C GLU E 289 30.02 -10.96 45.71
N ASP E 290 30.46 -12.17 45.41
CA ASP E 290 31.42 -12.41 44.35
C ASP E 290 30.72 -12.27 43.00
N ILE E 291 31.28 -11.44 42.13
CA ILE E 291 30.73 -11.25 40.78
C ILE E 291 31.38 -12.26 39.84
N LEU E 292 32.59 -12.62 40.20
CA LEU E 292 33.42 -13.50 39.41
C LEU E 292 34.44 -14.12 40.38
N LYS E 293 34.72 -15.40 40.20
CA LYS E 293 35.71 -16.11 41.00
C LYS E 293 36.00 -17.43 40.31
N TYR E 294 37.18 -17.53 39.70
CA TYR E 294 37.57 -18.80 39.12
C TYR E 294 39.05 -18.99 39.00
N VAL E 295 39.42 -20.26 38.98
CA VAL E 295 40.78 -20.67 38.73
C VAL E 295 40.84 -21.16 37.31
N ASP E 296 41.94 -20.88 36.63
CA ASP E 296 42.08 -21.25 35.24
C ASP E 296 43.35 -22.07 35.02
N VAL E 297 43.17 -23.24 34.45
CA VAL E 297 44.28 -24.13 34.09
C VAL E 297 44.23 -24.40 32.60
N GLY E 298 45.36 -24.24 31.93
CA GLY E 298 45.40 -24.48 30.50
C GLY E 298 46.79 -24.69 29.97
N ALA E 299 46.85 -25.02 28.69
CA ALA E 299 48.09 -25.28 27.99
C ALA E 299 47.87 -24.95 26.52
N THR E 300 48.86 -24.30 25.93
CA THR E 300 48.88 -24.01 24.50
C THR E 300 50.08 -24.74 23.95
N TYR E 301 49.90 -25.45 22.84
CA TYR E 301 51.04 -26.02 22.12
C TYR E 301 51.21 -25.23 20.83
N TYR E 302 52.40 -24.65 20.67
CA TYR E 302 52.73 -23.82 19.51
C TYR E 302 53.50 -24.64 18.50
N PHE E 303 52.87 -25.04 17.41
CA PHE E 303 53.57 -25.78 16.36
C PHE E 303 54.65 -24.88 15.73
N ASN E 304 54.32 -23.61 15.53
CA ASN E 304 55.23 -22.56 15.04
C ASN E 304 54.51 -21.20 15.19
N LYS E 305 54.92 -20.16 14.47
CA LYS E 305 54.31 -18.82 14.66
C LYS E 305 52.90 -18.70 14.11
N ASN E 306 52.52 -19.65 13.26
CA ASN E 306 51.26 -19.57 12.52
C ASN E 306 50.21 -20.61 12.96
N MET E 307 50.59 -21.56 13.79
CA MET E 307 49.72 -22.69 14.12
C MET E 307 49.86 -23.08 15.59
N SER E 308 48.74 -23.22 16.26
CA SER E 308 48.77 -23.61 17.66
C SER E 308 47.46 -24.28 18.04
N THR E 309 47.53 -25.04 19.13
CA THR E 309 46.37 -25.68 19.71
C THR E 309 46.40 -25.57 21.23
N TYR E 310 45.20 -25.50 21.83
CA TYR E 310 45.12 -25.30 23.27
C TYR E 310 43.89 -25.86 23.94
N VAL E 311 44.05 -26.13 25.22
CA VAL E 311 42.94 -26.45 26.11
C VAL E 311 42.99 -25.42 27.24
N ASP E 312 41.84 -24.88 27.60
CA ASP E 312 41.68 -23.94 28.70
C ASP E 312 40.55 -24.48 29.60
N TYR E 313 40.85 -24.63 30.89
CA TYR E 313 39.89 -25.17 31.85
C TYR E 313 39.58 -24.14 32.93
N LYS E 314 38.37 -23.60 32.86
CA LYS E 314 37.87 -22.63 33.85
C LYS E 314 37.17 -23.38 34.94
N ILE E 315 37.79 -23.40 36.11
CA ILE E 315 37.23 -24.01 37.30
C ILE E 315 36.47 -22.92 38.03
N ASN E 316 35.17 -22.93 37.86
CA ASN E 316 34.33 -21.83 38.29
C ASN E 316 34.03 -22.00 39.77
N LEU E 317 34.47 -21.05 40.57
CA LEU E 317 34.34 -21.20 42.03
C LEU E 317 33.11 -20.50 42.61
N LEU E 318 32.31 -19.84 41.76
CA LEU E 318 31.08 -19.20 42.24
C LEU E 318 30.08 -20.25 42.64
N ASP E 319 29.35 -19.95 43.70
CA ASP E 319 28.25 -20.82 44.14
C ASP E 319 27.00 -20.35 43.45
N ASP E 320 26.18 -21.31 43.05
CA ASP E 320 24.85 -21.04 42.55
C ASP E 320 23.99 -20.60 43.74
N ASN E 321 23.57 -19.34 43.71
CA ASN E 321 22.74 -18.75 44.77
C ASN E 321 21.78 -17.71 44.16
N ARG E 322 21.04 -17.00 45.01
CA ARG E 322 20.03 -16.04 44.56
C ARG E 322 20.65 -14.97 43.67
N PHE E 323 21.76 -14.45 44.13
CA PHE E 323 22.45 -13.36 43.45
C PHE E 323 22.88 -13.75 42.04
N THR E 324 23.51 -14.91 41.88
CA THR E 324 24.06 -15.29 40.57
C THR E 324 22.93 -15.59 39.57
N ARG E 325 21.83 -16.14 40.08
CA ARG E 325 20.67 -16.44 39.25
C ARG E 325 19.95 -15.17 38.81
N ASP E 326 19.75 -14.27 39.75
CA ASP E 326 19.20 -12.96 39.46
C ASP E 326 20.06 -12.17 38.47
N ALA E 327 21.35 -12.19 38.70
CA ALA E 327 22.32 -11.50 37.83
C ALA E 327 22.53 -12.20 36.47
N GLY E 328 22.17 -13.48 36.40
CA GLY E 328 22.42 -14.26 35.18
C GLY E 328 23.90 -14.63 34.99
N ILE E 329 24.64 -14.73 36.09
CA ILE E 329 26.06 -15.05 36.03
C ILE E 329 26.28 -16.56 36.02
N ASN E 330 27.17 -17.01 35.13
CA ASN E 330 27.52 -18.41 34.99
C ASN E 330 28.33 -18.85 36.18
N THR E 331 27.87 -19.93 36.80
CA THR E 331 28.59 -20.52 37.93
C THR E 331 29.19 -21.89 37.56
N ASP E 332 28.99 -22.32 36.31
CA ASP E 332 29.52 -23.62 35.84
C ASP E 332 30.93 -23.53 35.23
N ASP E 333 31.59 -24.68 35.25
CA ASP E 333 32.92 -24.86 34.65
C ASP E 333 32.79 -24.85 33.13
N ILE E 334 33.86 -24.44 32.45
CA ILE E 334 33.93 -24.51 30.99
C ILE E 334 35.32 -25.04 30.60
N VAL E 335 35.36 -25.95 29.64
CA VAL E 335 36.61 -26.37 28.99
C VAL E 335 36.53 -25.86 27.55
N ALA E 336 37.61 -25.24 27.08
CA ALA E 336 37.68 -24.74 25.73
C ALA E 336 38.77 -25.51 25.03
N LEU E 337 38.46 -25.93 23.81
CA LEU E 337 39.40 -26.67 22.98
C LEU E 337 39.50 -25.95 21.64
N GLY E 338 40.72 -25.57 21.29
CA GLY E 338 40.97 -24.75 20.14
C GLY E 338 42.13 -25.19 19.26
N LEU E 339 41.97 -24.91 17.97
CA LEU E 339 42.99 -25.14 16.95
C LEU E 339 42.99 -23.84 16.12
N VAL E 340 44.16 -23.22 16.02
CA VAL E 340 44.29 -21.80 15.62
C VAL E 340 45.33 -21.61 14.49
N TYR E 341 44.87 -21.17 13.33
CA TYR E 341 45.74 -20.74 12.25
C TYR E 341 45.76 -19.22 12.26
N GLN E 342 46.96 -18.64 12.27
CA GLN E 342 47.12 -17.19 12.13
C GLN E 342 48.23 -16.84 11.16
N PHE E 343 48.10 -15.65 10.61
CA PHE E 343 49.05 -15.06 9.68
C PHE E 343 49.26 -13.59 10.09
N ALA F 1 44.30 -15.18 -5.01
CA ALA F 1 45.71 -14.89 -5.42
C ALA F 1 46.66 -14.98 -4.24
N GLU F 2 47.83 -15.54 -4.48
CA GLU F 2 48.86 -15.68 -3.44
C GLU F 2 49.51 -14.33 -3.21
N ILE F 3 49.25 -13.72 -2.05
CA ILE F 3 49.75 -12.37 -1.77
C ILE F 3 50.87 -12.38 -0.73
N TYR F 4 51.20 -13.57 -0.25
CA TYR F 4 52.21 -13.72 0.77
C TYR F 4 52.74 -15.15 0.72
N ASN F 5 54.06 -15.25 0.68
CA ASN F 5 54.74 -16.53 0.73
C ASN F 5 56.13 -16.24 1.26
N LYS F 6 56.38 -16.61 2.50
CA LYS F 6 57.56 -16.14 3.24
C LYS F 6 57.79 -16.96 4.49
N ASP F 7 59.05 -17.30 4.77
CA ASP F 7 59.43 -17.88 6.07
C ASP F 7 58.43 -18.92 6.58
N GLY F 8 58.04 -19.85 5.71
CA GLY F 8 57.19 -21.02 6.07
C GLY F 8 55.67 -20.82 6.04
N ASN F 9 55.20 -19.61 5.76
CA ASN F 9 53.76 -19.38 5.64
C ASN F 9 53.38 -18.83 4.29
N LYS F 10 52.24 -19.26 3.77
CA LYS F 10 51.67 -18.65 2.57
C LYS F 10 50.18 -18.34 2.72
N LEU F 11 49.74 -17.34 2.00
CA LEU F 11 48.40 -16.84 2.11
C LEU F 11 47.85 -16.50 0.73
N ASP F 12 46.70 -17.07 0.43
CA ASP F 12 45.97 -16.76 -0.79
C ASP F 12 44.73 -15.96 -0.39
N LEU F 13 44.68 -14.72 -0.84
CA LEU F 13 43.51 -13.89 -0.68
C LEU F 13 42.79 -14.05 -2.01
N TYR F 14 41.58 -14.56 -1.96
CA TYR F 14 40.83 -14.85 -3.19
C TYR F 14 39.44 -14.24 -3.11
N GLY F 15 38.79 -14.12 -4.25
CA GLY F 15 37.51 -13.45 -4.30
C GLY F 15 36.95 -13.27 -5.68
N LYS F 16 35.69 -12.87 -5.74
CA LYS F 16 35.06 -12.55 -7.00
C LYS F 16 33.93 -11.58 -6.81
N VAL F 17 33.63 -10.88 -7.89
CA VAL F 17 32.45 -10.04 -8.01
C VAL F 17 31.65 -10.59 -9.16
N GLU F 18 30.42 -10.92 -8.87
CA GLU F 18 29.51 -11.51 -9.81
C GLU F 18 28.43 -10.45 -10.04
N GLY F 19 28.52 -9.76 -11.17
CA GLY F 19 27.44 -8.94 -11.67
C GLY F 19 26.38 -9.89 -12.21
N LEU F 20 25.26 -9.97 -11.54
CA LEU F 20 24.31 -11.04 -11.76
C LEU F 20 22.88 -10.50 -11.76
N HIS F 21 22.10 -10.88 -12.77
CA HIS F 21 20.68 -10.53 -12.86
C HIS F 21 19.82 -11.75 -13.15
N TYR F 22 18.71 -11.88 -12.41
CA TYR F 22 17.74 -12.97 -12.58
C TYR F 22 16.53 -12.42 -13.30
N PHE F 23 16.01 -13.19 -14.26
CA PHE F 23 14.75 -12.85 -14.92
C PHE F 23 13.73 -13.96 -14.65
N SER F 24 12.58 -13.60 -14.10
CA SER F 24 11.55 -14.59 -13.77
C SER F 24 10.17 -13.97 -13.68
N ASP F 25 9.15 -14.74 -13.96
CA ASP F 25 7.76 -14.31 -13.76
C ASP F 25 7.46 -14.32 -12.27
N ASN F 26 8.21 -15.11 -11.50
CA ASN F 26 8.15 -15.07 -10.03
C ASN F 26 8.93 -13.84 -9.53
N ASP F 27 8.23 -12.87 -8.98
CA ASP F 27 8.82 -11.57 -8.65
C ASP F 27 9.88 -11.69 -7.57
N SER F 28 9.75 -12.70 -6.72
CA SER F 28 10.71 -12.94 -5.65
C SER F 28 12.01 -13.54 -6.17
N LYS F 29 12.04 -13.86 -7.45
CA LYS F 29 13.24 -14.40 -8.07
C LYS F 29 13.74 -13.50 -9.18
N ASP F 30 13.15 -12.33 -9.31
CA ASP F 30 13.37 -11.45 -10.46
C ASP F 30 14.15 -10.21 -10.05
N GLY F 31 15.25 -9.95 -10.72
CA GLY F 31 16.01 -8.73 -10.52
C GLY F 31 17.47 -8.97 -10.15
N ASP F 32 18.07 -7.92 -9.59
CA ASP F 32 19.50 -7.86 -9.32
C ASP F 32 19.93 -8.84 -8.25
N LYS F 33 20.94 -9.63 -8.59
CA LYS F 33 21.49 -10.60 -7.67
C LYS F 33 22.99 -10.43 -7.50
N THR F 34 23.51 -9.28 -7.84
CA THR F 34 24.94 -9.02 -7.73
C THR F 34 25.45 -9.35 -6.33
N TYR F 35 26.60 -9.98 -6.27
CA TYR F 35 27.27 -10.25 -5.01
C TYR F 35 28.77 -10.42 -5.16
N MET F 36 29.41 -10.44 -4.00
CA MET F 36 30.84 -10.51 -3.88
C MET F 36 31.18 -11.68 -2.96
N ARG F 37 32.25 -12.38 -3.27
CA ARG F 37 32.81 -13.38 -2.36
C ARG F 37 34.26 -13.13 -2.18
N LEU F 38 34.73 -13.44 -0.99
CA LEU F 38 36.03 -13.08 -0.55
C LEU F 38 36.47 -14.13 0.44
N GLY F 39 37.72 -14.54 0.33
CA GLY F 39 38.27 -15.43 1.34
C GLY F 39 39.77 -15.44 1.46
N PHE F 40 40.23 -16.18 2.45
CA PHE F 40 41.64 -16.46 2.57
C PHE F 40 41.91 -17.94 2.83
N LYS F 41 43.03 -18.38 2.30
CA LYS F 41 43.44 -19.74 2.43
C LYS F 41 44.91 -19.69 2.79
N GLY F 42 45.23 -20.26 3.93
CA GLY F 42 46.52 -20.11 4.57
C GLY F 42 47.06 -21.47 4.88
N GLU F 43 48.35 -21.64 4.60
CA GLU F 43 49.05 -22.90 4.78
C GLU F 43 50.41 -22.59 5.36
N THR F 44 50.74 -23.25 6.46
CA THR F 44 52.06 -23.13 7.10
C THR F 44 52.78 -24.47 7.20
N GLN F 45 54.05 -24.53 6.79
CA GLN F 45 54.87 -25.74 6.95
C GLN F 45 55.47 -25.79 8.37
N VAL F 46 55.06 -26.78 9.15
CA VAL F 46 55.57 -26.92 10.51
C VAL F 46 56.85 -27.74 10.48
N THR F 47 56.73 -28.94 9.92
CA THR F 47 57.86 -29.82 9.60
C THR F 47 57.70 -30.25 8.13
N ASP F 48 58.59 -31.10 7.66
CA ASP F 48 58.53 -31.60 6.26
C ASP F 48 57.28 -32.39 5.98
N GLN F 49 56.69 -32.94 7.03
CA GLN F 49 55.50 -33.78 6.90
C GLN F 49 54.21 -33.11 7.43
N LEU F 50 54.37 -32.12 8.29
CA LEU F 50 53.22 -31.53 8.98
C LEU F 50 52.97 -30.11 8.49
N THR F 51 51.80 -29.88 7.92
CA THR F 51 51.38 -28.53 7.61
C THR F 51 50.18 -28.14 8.51
N GLY F 52 50.14 -26.88 8.85
CA GLY F 52 48.98 -26.29 9.51
C GLY F 52 48.27 -25.43 8.49
N TYR F 53 46.96 -25.32 8.61
CA TYR F 53 46.18 -24.54 7.66
C TYR F 53 44.91 -23.95 8.26
N GLY F 54 44.41 -22.94 7.56
CA GLY F 54 43.16 -22.30 7.90
C GLY F 54 42.52 -21.68 6.68
N GLN F 55 41.22 -21.60 6.69
CA GLN F 55 40.48 -21.05 5.60
C GLN F 55 39.19 -20.41 6.10
N TRP F 56 38.86 -19.31 5.46
CA TRP F 56 37.76 -18.44 5.80
C TRP F 56 37.20 -17.92 4.47
N GLU F 57 35.90 -17.96 4.30
CA GLU F 57 35.28 -17.46 3.09
C GLU F 57 33.96 -16.81 3.51
N TYR F 58 33.69 -15.67 2.90
CA TYR F 58 32.65 -14.75 3.29
C TYR F 58 31.92 -14.38 2.01
N GLN F 59 30.61 -14.20 2.12
CA GLN F 59 29.81 -13.67 1.01
C GLN F 59 29.14 -12.38 1.42
N ILE F 60 29.12 -11.43 0.50
CA ILE F 60 28.59 -10.11 0.77
C ILE F 60 27.72 -9.77 -0.42
N GLN F 61 26.46 -9.56 -0.12
CA GLN F 61 25.49 -9.23 -1.13
C GLN F 61 25.81 -7.84 -1.68
N GLY F 62 25.68 -7.67 -2.98
CA GLY F 62 25.91 -6.38 -3.64
C GLY F 62 24.67 -5.83 -4.30
N ASN F 63 23.51 -6.39 -3.94
CA ASN F 63 22.24 -6.02 -4.57
C ASN F 63 21.33 -5.29 -3.61
N GLU F 64 21.87 -4.83 -2.49
CA GLU F 64 21.11 -4.20 -1.42
C GLU F 64 21.45 -2.74 -1.26
N PRO F 65 20.53 -1.96 -0.70
CA PRO F 65 20.88 -0.60 -0.41
C PRO F 65 21.82 -0.58 0.78
N GLU F 66 22.42 0.58 0.98
CA GLU F 66 23.46 0.79 1.96
C GLU F 66 22.95 0.86 3.40
N SER F 67 21.65 1.02 3.57
CA SER F 67 21.06 1.07 4.92
C SER F 67 20.85 -0.30 5.54
N ASP F 68 20.91 -1.34 4.71
CA ASP F 68 20.56 -2.72 5.11
C ASP F 68 21.25 -3.75 4.23
N ASN F 69 22.54 -3.98 4.45
CA ASN F 69 23.33 -4.90 3.62
C ASN F 69 23.72 -6.15 4.43
N SER F 70 23.51 -7.32 3.82
CA SER F 70 23.71 -8.62 4.43
C SER F 70 24.92 -9.40 3.88
N SER F 71 25.57 -10.12 4.79
CA SER F 71 26.76 -10.89 4.54
C SER F 71 26.80 -12.10 5.47
N TRP F 72 27.68 -13.03 5.16
CA TRP F 72 27.76 -14.22 5.96
C TRP F 72 29.04 -14.99 5.66
N THR F 73 29.45 -15.76 6.65
CA THR F 73 30.58 -16.66 6.57
C THR F 73 30.12 -17.95 6.00
N ARG F 74 30.77 -18.36 4.92
CA ARG F 74 30.51 -19.66 4.31
C ARG F 74 31.33 -20.79 4.98
N VAL F 75 32.63 -20.58 5.08
CA VAL F 75 33.51 -21.53 5.77
C VAL F 75 34.48 -20.81 6.69
N ALA F 76 34.90 -21.48 7.73
CA ALA F 76 35.84 -20.91 8.70
C ALA F 76 36.36 -22.05 9.54
N PHE F 77 37.54 -22.55 9.19
CA PHE F 77 38.12 -23.72 9.83
C PHE F 77 39.65 -23.69 9.87
N ALA F 78 40.19 -24.38 10.89
CA ALA F 78 41.61 -24.57 11.11
C ALA F 78 41.88 -26.04 11.09
N GLY F 79 43.06 -26.43 10.62
CA GLY F 79 43.44 -27.84 10.63
C GLY F 79 44.92 -28.14 10.52
N LEU F 80 45.21 -29.43 10.65
CA LEU F 80 46.55 -29.97 10.53
C LEU F 80 46.53 -31.09 9.50
N LYS F 81 47.62 -31.22 8.76
CA LYS F 81 47.76 -32.27 7.75
C LYS F 81 49.11 -32.93 7.92
N PHE F 82 49.11 -34.23 8.16
CA PHE F 82 50.36 -35.00 8.23
C PHE F 82 50.49 -35.93 7.02
N GLN F 83 51.66 -35.97 6.42
CA GLN F 83 51.86 -36.67 5.13
C GLN F 83 51.61 -38.19 5.25
N ASP F 84 50.86 -38.73 4.30
CA ASP F 84 50.52 -40.17 4.27
C ASP F 84 49.77 -40.65 5.53
N VAL F 85 49.21 -39.72 6.29
CA VAL F 85 48.46 -40.07 7.50
C VAL F 85 47.06 -39.48 7.49
N GLY F 86 46.97 -38.25 6.99
CA GLY F 86 45.70 -37.58 6.72
C GLY F 86 45.65 -36.20 7.33
N SER F 87 44.47 -35.59 7.26
CA SER F 87 44.26 -34.26 7.83
C SER F 87 43.09 -34.26 8.80
N PHE F 88 43.10 -33.29 9.69
CA PHE F 88 41.98 -33.01 10.57
C PHE F 88 41.76 -31.51 10.59
N ASP F 89 40.49 -31.13 10.48
CA ASP F 89 40.12 -29.72 10.64
C ASP F 89 38.76 -29.60 11.32
N TYR F 90 38.63 -28.48 12.02
CA TYR F 90 37.42 -28.16 12.75
C TYR F 90 36.99 -26.73 12.47
N GLY F 91 35.69 -26.57 12.31
CA GLY F 91 35.05 -25.27 12.18
C GLY F 91 33.76 -25.38 11.40
N ARG F 92 33.43 -24.29 10.73
CA ARG F 92 32.32 -24.28 9.80
C ARG F 92 32.89 -24.78 8.50
N ASN F 93 32.22 -25.74 7.90
CA ASN F 93 32.80 -26.41 6.75
C ASN F 93 31.71 -27.13 5.98
N TYR F 94 32.14 -27.95 5.03
CA TYR F 94 31.26 -28.76 4.21
C TYR F 94 31.03 -30.14 4.82
N GLY F 95 29.77 -30.52 4.93
CA GLY F 95 29.43 -31.88 5.32
C GLY F 95 29.99 -32.88 4.32
N VAL F 96 30.36 -34.02 4.84
CA VAL F 96 31.04 -35.07 4.08
C VAL F 96 30.16 -35.62 2.93
N VAL F 97 28.84 -35.59 3.10
CA VAL F 97 27.93 -35.90 1.99
C VAL F 97 28.28 -35.09 0.70
N TYR F 98 28.61 -33.83 0.87
CA TYR F 98 29.02 -32.97 -0.26
C TYR F 98 30.31 -33.47 -0.98
N ASP F 99 31.08 -34.38 -0.38
CA ASP F 99 32.22 -34.98 -1.07
C ASP F 99 31.76 -35.68 -2.34
N VAL F 100 30.50 -36.11 -2.36
CA VAL F 100 29.94 -36.74 -3.56
C VAL F 100 28.89 -35.85 -4.27
N THR F 101 27.96 -35.26 -3.52
CA THR F 101 26.90 -34.49 -4.17
C THR F 101 27.51 -33.32 -4.92
N SER F 102 28.68 -32.86 -4.47
CA SER F 102 29.39 -31.76 -5.16
C SER F 102 29.69 -32.00 -6.64
N TRP F 103 29.79 -33.25 -7.04
CA TRP F 103 30.11 -33.61 -8.45
C TRP F 103 29.10 -33.11 -9.50
N THR F 104 27.86 -32.89 -9.08
CA THR F 104 26.82 -32.31 -9.94
C THR F 104 26.57 -30.81 -9.67
N ASP F 105 27.21 -30.27 -8.64
CA ASP F 105 27.10 -28.85 -8.28
C ASP F 105 28.09 -27.97 -9.08
N VAL F 106 27.95 -28.00 -10.39
CA VAL F 106 28.90 -27.34 -11.30
C VAL F 106 28.20 -26.47 -12.35
N LEU F 107 26.94 -26.11 -12.10
CA LEU F 107 26.19 -25.30 -13.07
C LEU F 107 26.63 -23.85 -12.92
N PRO F 108 26.37 -23.01 -13.95
CA PRO F 108 26.81 -21.61 -13.85
C PRO F 108 26.22 -20.86 -12.66
N GLU F 109 24.93 -21.01 -12.40
CA GLU F 109 24.29 -20.36 -11.25
C GLU F 109 23.36 -21.25 -10.44
N PHE F 110 22.57 -22.06 -11.11
CA PHE F 110 21.58 -22.93 -10.42
C PHE F 110 22.24 -24.21 -9.94
N GLY F 111 21.44 -25.22 -9.66
CA GLY F 111 21.97 -26.53 -9.26
C GLY F 111 22.26 -26.59 -7.77
N GLY F 112 22.64 -27.75 -7.30
CA GLY F 112 23.08 -27.93 -5.94
C GLY F 112 21.99 -27.69 -4.93
N ASP F 113 20.73 -27.84 -5.33
CA ASP F 113 19.63 -27.43 -4.48
C ASP F 113 18.59 -28.52 -4.20
N THR F 114 19.01 -29.77 -4.21
CA THR F 114 18.24 -30.85 -3.57
C THR F 114 18.58 -30.93 -2.06
N TYR F 115 19.32 -29.94 -1.59
CA TYR F 115 19.71 -29.80 -0.19
C TYR F 115 20.02 -28.33 0.05
N ASP F 116 20.32 -27.98 1.28
CA ASP F 116 20.54 -26.59 1.69
C ASP F 116 21.84 -26.48 2.49
N SER F 117 22.25 -25.25 2.71
CA SER F 117 23.15 -24.90 3.80
C SER F 117 22.50 -25.12 5.17
N ASP F 118 23.31 -25.43 6.16
CA ASP F 118 22.86 -25.63 7.54
C ASP F 118 21.72 -26.66 7.58
N ASN F 119 21.96 -27.74 6.86
CA ASN F 119 20.96 -28.76 6.58
C ASN F 119 21.55 -30.10 6.91
N PHE F 120 21.77 -30.31 8.21
CA PHE F 120 22.50 -31.47 8.70
C PHE F 120 23.87 -31.55 8.02
N MET F 121 24.31 -32.72 7.60
CA MET F 121 25.69 -32.85 7.11
C MET F 121 25.78 -32.86 5.59
N GLN F 122 24.75 -32.31 4.95
CA GLN F 122 24.61 -32.32 3.49
C GLN F 122 25.40 -31.23 2.76
N GLN F 123 25.59 -30.09 3.40
CA GLN F 123 26.41 -29.02 2.79
C GLN F 123 27.13 -28.21 3.88
N ARG F 124 27.23 -26.89 3.72
CA ARG F 124 27.95 -26.10 4.70
C ARG F 124 27.18 -26.14 6.02
N GLY F 125 27.91 -26.08 7.11
CA GLY F 125 27.31 -26.17 8.43
C GLY F 125 28.31 -25.91 9.52
N ASN F 126 27.81 -25.67 10.74
CA ASN F 126 28.66 -25.36 11.91
C ASN F 126 29.16 -26.59 12.65
N GLY F 127 30.39 -26.50 13.11
CA GLY F 127 30.90 -27.47 14.08
C GLY F 127 31.22 -28.84 13.52
N PHE F 128 31.83 -28.88 12.35
CA PHE F 128 32.30 -30.11 11.75
C PHE F 128 33.73 -30.42 12.20
N ALA F 129 33.91 -31.60 12.78
CA ALA F 129 35.22 -32.18 13.00
C ALA F 129 35.40 -33.22 11.91
N THR F 130 36.36 -32.98 11.01
CA THR F 130 36.52 -33.80 9.81
C THR F 130 37.93 -34.38 9.73
N TYR F 131 37.98 -35.69 9.65
CA TYR F 131 39.21 -36.41 9.35
C TYR F 131 39.17 -36.82 7.89
N ARG F 132 40.29 -36.65 7.20
CA ARG F 132 40.40 -37.02 5.78
C ARG F 132 41.69 -37.76 5.53
N ASN F 133 41.61 -38.77 4.67
CA ASN F 133 42.76 -39.55 4.25
C ASN F 133 42.76 -39.63 2.73
N THR F 134 43.86 -39.23 2.13
CA THR F 134 43.97 -39.16 0.69
C THR F 134 44.98 -40.16 0.20
N ASP F 135 44.61 -40.90 -0.84
CA ASP F 135 45.44 -41.98 -1.41
C ASP F 135 45.67 -43.14 -0.44
N PHE F 136 44.71 -43.33 0.47
CA PHE F 136 44.78 -44.37 1.52
C PHE F 136 46.18 -44.53 2.12
N PHE F 137 46.54 -43.61 3.01
CA PHE F 137 47.85 -43.65 3.68
C PHE F 137 49.02 -43.70 2.68
N GLY F 138 48.80 -43.16 1.49
CA GLY F 138 49.80 -43.20 0.40
C GLY F 138 49.92 -44.52 -0.37
N LEU F 139 49.02 -45.44 -0.10
CA LEU F 139 49.08 -46.80 -0.66
C LEU F 139 48.25 -47.05 -1.91
N VAL F 140 47.13 -46.34 -2.07
CA VAL F 140 46.23 -46.53 -3.22
C VAL F 140 45.88 -45.21 -3.90
N ASP F 141 46.56 -44.92 -5.00
CA ASP F 141 46.40 -43.62 -5.67
C ASP F 141 44.94 -43.43 -6.09
N GLY F 142 44.32 -42.36 -5.64
CA GLY F 142 42.93 -42.04 -6.00
C GLY F 142 41.89 -42.47 -4.99
N LEU F 143 42.29 -43.22 -3.98
CA LEU F 143 41.34 -43.66 -2.95
C LEU F 143 41.37 -42.68 -1.78
N ASP F 144 40.30 -41.90 -1.66
CA ASP F 144 40.14 -40.95 -0.58
C ASP F 144 38.95 -41.32 0.30
N PHE F 145 39.04 -40.99 1.57
CA PHE F 145 37.90 -41.18 2.45
C PHE F 145 37.93 -40.19 3.60
N ALA F 146 36.77 -40.02 4.23
CA ALA F 146 36.53 -39.04 5.27
C ALA F 146 35.59 -39.58 6.34
N VAL F 147 35.92 -39.32 7.59
CA VAL F 147 35.04 -39.54 8.73
C VAL F 147 34.79 -38.18 9.35
N GLN F 148 33.52 -37.89 9.65
CA GLN F 148 33.11 -36.58 10.11
C GLN F 148 32.10 -36.70 11.24
N TYR F 149 32.31 -35.86 12.27
CA TYR F 149 31.35 -35.65 13.36
C TYR F 149 30.91 -34.19 13.34
N GLN F 150 29.61 -33.96 13.55
CA GLN F 150 29.06 -32.61 13.66
C GLN F 150 28.38 -32.52 14.99
N GLY F 151 28.83 -31.55 15.78
CA GLY F 151 28.26 -31.36 17.10
C GLY F 151 26.91 -30.67 17.03
N LYS F 152 26.05 -31.03 17.96
CA LYS F 152 24.77 -30.36 18.18
C LYS F 152 24.86 -28.82 18.02
N ASN F 153 24.01 -28.28 17.15
CA ASN F 153 23.71 -26.85 17.04
C ASN F 153 22.23 -26.64 17.32
N GLY F 154 21.93 -26.09 18.46
CA GLY F 154 20.58 -26.22 19.01
C GLY F 154 19.86 -24.91 18.97
N SER F 155 18.91 -24.75 19.90
CA SER F 155 18.10 -23.53 19.94
C SER F 155 18.82 -22.40 20.66
N ALA F 156 18.33 -21.19 20.48
CA ALA F 156 18.84 -20.00 21.19
C ALA F 156 18.33 -19.90 22.62
N HIS F 157 17.25 -20.61 22.92
CA HIS F 157 16.59 -20.48 24.23
C HIS F 157 16.02 -21.81 24.75
N GLY F 158 16.05 -21.98 26.07
CA GLY F 158 15.39 -23.09 26.76
C GLY F 158 16.04 -24.46 26.62
N GLU F 159 15.21 -25.48 26.57
CA GLU F 159 15.68 -26.86 26.39
C GLU F 159 16.38 -26.97 25.03
N GLY F 160 17.47 -27.72 25.02
CA GLY F 160 18.22 -27.96 23.78
C GLY F 160 19.08 -26.80 23.32
N MET F 161 19.34 -25.87 24.22
CA MET F 161 20.15 -24.69 23.91
C MET F 161 21.62 -25.05 23.71
N THR F 162 22.23 -24.45 22.69
CA THR F 162 23.71 -24.40 22.60
C THR F 162 24.14 -22.94 22.57
N THR F 163 25.42 -22.73 22.84
CA THR F 163 25.99 -21.38 22.89
C THR F 163 25.81 -20.67 21.56
N ASN F 164 25.80 -21.43 20.47
CA ASN F 164 25.53 -20.89 19.13
C ASN F 164 24.14 -21.23 18.61
N GLY F 165 23.17 -21.29 19.50
CA GLY F 165 21.82 -21.72 19.17
C GLY F 165 21.18 -20.82 18.12
N ARG F 166 20.29 -21.40 17.34
CA ARG F 166 19.57 -20.62 16.35
C ARG F 166 18.12 -21.06 16.39
N ASP F 167 17.24 -20.08 16.26
CA ASP F 167 15.82 -20.38 16.43
C ASP F 167 15.19 -20.97 15.17
N ASP F 168 15.83 -20.79 14.02
CA ASP F 168 15.33 -21.40 12.82
C ASP F 168 15.65 -22.90 12.88
N VAL F 169 14.57 -23.63 13.07
CA VAL F 169 14.52 -25.08 13.21
C VAL F 169 15.15 -25.80 12.01
N PHE F 170 15.04 -25.21 10.84
CA PHE F 170 15.66 -25.77 9.63
C PHE F 170 17.19 -25.66 9.62
N GLU F 171 17.73 -24.86 10.53
CA GLU F 171 19.19 -24.70 10.67
C GLU F 171 19.80 -25.38 11.91
N GLN F 172 19.00 -26.14 12.64
CA GLN F 172 19.45 -26.83 13.86
C GLN F 172 19.88 -28.24 13.52
N ASN F 173 20.59 -28.87 14.44
CA ASN F 173 20.89 -30.28 14.30
C ASN F 173 21.35 -30.81 15.63
N GLY F 174 21.18 -32.09 15.85
CA GLY F 174 21.83 -32.79 16.95
C GLY F 174 23.19 -33.31 16.50
N ASP F 175 23.82 -34.08 17.39
CA ASP F 175 25.06 -34.78 17.07
C ASP F 175 24.89 -35.68 15.84
N GLY F 176 25.84 -35.65 14.95
CA GLY F 176 25.78 -36.41 13.72
C GLY F 176 27.12 -37.01 13.36
N VAL F 177 27.07 -38.04 12.54
CA VAL F 177 28.26 -38.75 12.10
C VAL F 177 28.08 -39.07 10.66
N GLY F 178 29.16 -39.03 9.91
CA GLY F 178 29.11 -39.34 8.51
C GLY F 178 30.44 -39.80 7.97
N GLY F 179 30.38 -40.41 6.80
CA GLY F 179 31.58 -40.86 6.12
C GLY F 179 31.45 -40.78 4.63
N SER F 180 32.58 -40.77 3.94
CA SER F 180 32.59 -40.72 2.49
C SER F 180 33.78 -41.47 1.97
N ILE F 181 33.60 -42.08 0.80
CA ILE F 181 34.66 -42.82 0.09
C ILE F 181 34.57 -42.42 -1.37
N THR F 182 35.71 -42.17 -1.99
CA THR F 182 35.74 -41.82 -3.41
C THR F 182 36.97 -42.44 -4.03
N TYR F 183 36.78 -42.95 -5.25
CA TYR F 183 37.84 -43.54 -6.05
C TYR F 183 37.84 -42.89 -7.42
N ASN F 184 38.99 -42.34 -7.79
CA ASN F 184 39.17 -41.67 -9.07
C ASN F 184 40.32 -42.34 -9.78
N TYR F 185 40.08 -42.74 -11.03
CA TYR F 185 41.12 -43.32 -11.88
C TYR F 185 40.93 -42.87 -13.32
N GLU F 186 41.97 -42.28 -13.90
CA GLU F 186 41.99 -41.88 -15.33
C GLU F 186 40.73 -41.11 -15.77
N GLY F 187 40.27 -40.20 -14.93
CA GLY F 187 39.12 -39.35 -15.25
C GLY F 187 37.76 -39.90 -14.81
N PHE F 188 37.70 -41.19 -14.53
CA PHE F 188 36.50 -41.82 -14.01
C PHE F 188 36.45 -41.71 -12.48
N GLY F 189 35.24 -41.49 -11.96
CA GLY F 189 35.01 -41.34 -10.52
C GLY F 189 33.76 -42.07 -10.04
N ILE F 190 33.93 -42.86 -8.97
CA ILE F 190 32.86 -43.52 -8.23
C ILE F 190 32.99 -43.08 -6.77
N GLY F 191 31.85 -42.97 -6.09
CA GLY F 191 31.84 -42.47 -4.72
C GLY F 191 30.56 -42.74 -3.96
N ALA F 192 30.68 -42.75 -2.64
CA ALA F 192 29.56 -43.03 -1.75
C ALA F 192 29.73 -42.22 -0.46
N ALA F 193 28.61 -41.83 0.12
CA ALA F 193 28.60 -41.09 1.37
C ALA F 193 27.33 -41.43 2.16
N VAL F 194 27.49 -41.49 3.47
CA VAL F 194 26.41 -41.72 4.41
C VAL F 194 26.52 -40.69 5.54
N SER F 195 25.39 -40.23 6.03
CA SER F 195 25.35 -39.42 7.24
C SER F 195 24.13 -39.76 8.05
N SER F 196 24.25 -39.49 9.34
CA SER F 196 23.21 -39.77 10.31
C SER F 196 23.32 -38.75 11.43
N SER F 197 22.32 -37.88 11.52
CA SER F 197 22.30 -36.84 12.55
C SER F 197 21.05 -37.02 13.38
N LYS F 198 21.22 -36.85 14.67
CA LYS F 198 20.12 -36.80 15.60
C LYS F 198 19.36 -35.49 15.32
N ARG F 199 18.04 -35.56 15.44
CA ARG F 199 17.19 -34.39 15.26
C ARG F 199 16.92 -33.75 16.63
N THR F 200 16.74 -32.44 16.68
CA THR F 200 16.55 -31.75 17.96
C THR F 200 15.10 -31.78 18.39
N TRP F 201 14.85 -31.44 19.65
CA TRP F 201 13.47 -31.46 20.17
C TRP F 201 12.60 -30.47 19.40
N ASP F 202 13.12 -29.26 19.21
CA ASP F 202 12.43 -28.19 18.48
C ASP F 202 12.02 -28.66 17.09
N GLN F 203 12.92 -29.37 16.43
CA GLN F 203 12.69 -29.86 15.07
C GLN F 203 11.55 -30.87 15.02
N ASN F 204 11.41 -31.66 16.07
CA ASN F 204 10.37 -32.69 16.15
C ASN F 204 9.09 -32.26 16.85
N ASN F 205 9.06 -31.04 17.38
CA ASN F 205 7.95 -30.61 18.24
C ASN F 205 7.38 -29.22 17.95
N THR F 206 7.49 -28.75 16.71
CA THR F 206 6.85 -27.50 16.27
C THR F 206 5.82 -27.76 15.17
N GLY F 207 5.27 -28.98 15.13
CA GLY F 207 4.19 -29.32 14.19
C GLY F 207 4.51 -29.40 12.71
N LEU F 208 5.77 -29.61 12.35
CA LEU F 208 6.17 -29.76 10.93
C LEU F 208 6.09 -31.21 10.44
N ILE F 209 6.05 -31.38 9.13
CA ILE F 209 6.10 -32.71 8.55
C ILE F 209 7.54 -33.21 8.54
N GLY F 210 7.67 -34.53 8.46
CA GLY F 210 8.99 -35.16 8.40
C GLY F 210 9.77 -35.16 9.68
N THR F 211 9.09 -35.52 10.75
CA THR F 211 9.73 -35.69 12.03
C THR F 211 10.18 -37.16 12.25
N GLY F 212 11.04 -37.29 13.26
CA GLY F 212 11.61 -38.56 13.69
C GLY F 212 12.92 -38.28 14.42
N ASP F 213 13.51 -39.34 14.96
CA ASP F 213 14.70 -39.30 15.80
C ASP F 213 15.94 -38.78 15.06
N ARG F 214 16.04 -39.10 13.79
CA ARG F 214 17.28 -38.95 13.07
C ARG F 214 17.01 -38.50 11.65
N ALA F 215 17.93 -37.68 11.16
CA ALA F 215 17.97 -37.28 9.77
C ALA F 215 19.10 -38.11 9.16
N GLU F 216 18.81 -38.79 8.05
CA GLU F 216 19.74 -39.75 7.47
C GLU F 216 19.87 -39.57 5.97
N THR F 217 21.08 -39.76 5.47
CA THR F 217 21.31 -39.68 4.02
C THR F 217 22.27 -40.76 3.51
N TYR F 218 21.94 -41.25 2.33
CA TYR F 218 22.75 -42.21 1.60
C TYR F 218 22.86 -41.73 0.16
N THR F 219 24.11 -41.63 -0.31
CA THR F 219 24.43 -41.02 -1.60
C THR F 219 25.36 -41.91 -2.37
N GLY F 220 25.03 -42.12 -3.63
CA GLY F 220 25.93 -42.75 -4.59
C GLY F 220 26.17 -41.78 -5.72
N GLY F 221 27.35 -41.85 -6.33
CA GLY F 221 27.73 -40.89 -7.36
C GLY F 221 28.77 -41.40 -8.33
N LEU F 222 28.72 -40.85 -9.53
CA LEU F 222 29.61 -41.25 -10.63
C LEU F 222 30.00 -40.00 -11.43
N LYS F 223 31.21 -39.99 -11.98
CA LYS F 223 31.65 -38.88 -12.82
C LYS F 223 32.74 -39.26 -13.80
N TYR F 224 32.69 -38.59 -14.95
CA TYR F 224 33.74 -38.67 -15.93
C TYR F 224 34.20 -37.23 -16.15
N ASP F 225 35.50 -37.02 -16.03
CA ASP F 225 36.11 -35.68 -16.09
C ASP F 225 37.48 -35.77 -16.80
N ALA F 226 37.44 -35.76 -18.13
CA ALA F 226 38.65 -35.75 -18.96
C ALA F 226 38.29 -35.38 -20.39
N ASN F 227 39.31 -35.21 -21.23
CA ASN F 227 39.13 -34.85 -22.66
C ASN F 227 38.07 -33.77 -22.90
N ASN F 228 38.10 -32.72 -22.08
CA ASN F 228 37.14 -31.59 -22.17
C ASN F 228 35.68 -31.93 -21.87
N ILE F 229 35.42 -33.19 -21.55
CA ILE F 229 34.07 -33.66 -21.25
C ILE F 229 33.90 -33.83 -19.74
N TYR F 230 32.79 -33.32 -19.22
CA TYR F 230 32.40 -33.53 -17.81
C TYR F 230 31.01 -34.13 -17.71
N LEU F 231 30.94 -35.36 -17.22
CA LEU F 231 29.68 -36.05 -16.96
C LEU F 231 29.63 -36.40 -15.48
N ALA F 232 28.50 -36.20 -14.85
CA ALA F 232 28.35 -36.57 -13.44
C ALA F 232 26.90 -36.80 -13.09
N ALA F 233 26.69 -37.71 -12.15
CA ALA F 233 25.36 -38.05 -11.67
C ALA F 233 25.47 -38.39 -10.19
N GLN F 234 24.50 -37.94 -9.40
CA GLN F 234 24.38 -38.39 -8.03
C GLN F 234 22.94 -38.77 -7.66
N TYR F 235 22.81 -39.86 -6.94
CA TYR F 235 21.53 -40.29 -6.38
C TYR F 235 21.68 -40.33 -4.86
N THR F 236 20.74 -39.66 -4.19
CA THR F 236 20.72 -39.58 -2.73
C THR F 236 19.32 -39.93 -2.20
N GLN F 237 19.28 -40.78 -1.18
CA GLN F 237 18.04 -41.14 -0.52
C GLN F 237 18.11 -40.57 0.86
N THR F 238 17.12 -39.78 1.25
CA THR F 238 17.13 -39.10 2.55
C THR F 238 15.89 -39.41 3.38
N TYR F 239 16.08 -39.36 4.69
CA TYR F 239 14.99 -39.53 5.65
C TYR F 239 15.03 -38.41 6.68
N ASN F 240 13.92 -37.69 6.80
CA ASN F 240 13.80 -36.57 7.73
C ASN F 240 14.89 -35.51 7.55
N ALA F 241 15.35 -35.34 6.31
CA ALA F 241 16.60 -34.61 6.05
C ALA F 241 16.44 -33.52 5.01
N THR F 242 15.55 -33.77 4.07
CA THR F 242 15.37 -32.92 2.89
C THR F 242 14.23 -31.96 3.17
N ARG F 243 14.52 -30.67 3.06
CA ARG F 243 13.52 -29.63 3.34
C ARG F 243 12.50 -29.54 2.22
N VAL F 244 11.25 -29.39 2.64
CA VAL F 244 10.07 -29.30 1.77
C VAL F 244 9.46 -27.92 2.00
N GLY F 245 10.08 -26.91 1.41
CA GLY F 245 9.61 -25.52 1.55
C GLY F 245 9.51 -25.13 3.00
N SER F 246 8.37 -24.53 3.37
CA SER F 246 8.06 -24.12 4.74
C SER F 246 7.39 -25.21 5.59
N LEU F 247 7.10 -26.35 4.97
CA LEU F 247 6.25 -27.38 5.58
C LEU F 247 7.00 -28.23 6.59
N GLY F 248 8.29 -28.41 6.38
CA GLY F 248 9.08 -29.30 7.21
C GLY F 248 10.06 -30.06 6.38
N TRP F 249 10.21 -31.35 6.67
CA TRP F 249 11.14 -32.18 5.91
C TRP F 249 10.40 -33.36 5.29
N ALA F 250 11.07 -34.11 4.41
CA ALA F 250 10.44 -35.27 3.77
C ALA F 250 10.71 -36.55 4.57
N ASN F 251 9.65 -37.27 4.93
CA ASN F 251 9.83 -38.55 5.63
C ASN F 251 10.84 -39.39 4.87
N LYS F 252 10.68 -39.41 3.56
CA LYS F 252 11.65 -39.98 2.67
C LYS F 252 11.67 -39.12 1.43
N ALA F 253 12.87 -38.88 0.92
CA ALA F 253 13.03 -38.17 -0.33
C ALA F 253 14.02 -38.93 -1.21
N GLN F 254 13.73 -38.96 -2.49
CA GLN F 254 14.65 -39.54 -3.47
C GLN F 254 15.15 -38.43 -4.37
N ASN F 255 16.45 -38.16 -4.30
CA ASN F 255 17.06 -37.02 -4.98
C ASN F 255 18.00 -37.49 -6.07
N PHE F 256 17.90 -36.88 -7.25
CA PHE F 256 18.73 -37.24 -8.38
C PHE F 256 19.16 -35.99 -9.13
N GLU F 257 20.42 -35.95 -9.50
CA GLU F 257 21.02 -34.86 -10.25
C GLU F 257 21.95 -35.47 -11.30
N ALA F 258 21.85 -34.98 -12.53
CA ALA F 258 22.74 -35.41 -13.59
C ALA F 258 23.15 -34.19 -14.38
N VAL F 259 24.38 -34.21 -14.88
CA VAL F 259 25.03 -33.07 -15.56
C VAL F 259 25.93 -33.52 -16.71
N ALA F 260 25.80 -32.83 -17.84
CA ALA F 260 26.72 -33.00 -18.97
C ALA F 260 27.26 -31.65 -19.41
N GLN F 261 28.57 -31.59 -19.60
CA GLN F 261 29.24 -30.35 -19.97
C GLN F 261 30.38 -30.63 -20.94
N TYR F 262 30.63 -29.63 -21.78
CA TYR F 262 31.74 -29.69 -22.72
C TYR F 262 32.44 -28.34 -22.75
N GLN F 263 33.76 -28.39 -22.86
CA GLN F 263 34.61 -27.19 -22.88
C GLN F 263 35.31 -27.10 -24.23
N PHE F 264 34.82 -26.21 -25.08
CA PHE F 264 35.50 -25.87 -26.33
C PHE F 264 36.80 -25.11 -26.07
N ASP F 265 37.86 -25.49 -26.78
CA ASP F 265 39.17 -24.80 -26.71
C ASP F 265 39.09 -23.27 -26.67
N PHE F 266 38.22 -22.68 -27.48
CA PHE F 266 38.08 -21.21 -27.53
C PHE F 266 37.41 -20.53 -26.31
N GLY F 267 36.85 -21.30 -25.38
CA GLY F 267 36.38 -20.74 -24.12
C GLY F 267 34.94 -21.01 -23.70
N LEU F 268 34.09 -21.36 -24.66
CA LEU F 268 32.68 -21.62 -24.38
C LEU F 268 32.50 -23.00 -23.77
N ARG F 269 31.68 -23.04 -22.72
CA ARG F 269 31.39 -24.29 -22.02
C ARG F 269 29.89 -24.48 -21.86
N PRO F 270 29.23 -25.15 -22.81
CA PRO F 270 27.80 -25.45 -22.67
C PRO F 270 27.52 -26.46 -21.55
N SER F 271 26.32 -26.39 -21.01
CA SER F 271 25.92 -27.18 -19.86
C SER F 271 24.45 -27.59 -19.95
N LEU F 272 24.21 -28.85 -19.67
CA LEU F 272 22.87 -29.40 -19.63
C LEU F 272 22.73 -30.24 -18.36
N ALA F 273 21.67 -29.99 -17.60
CA ALA F 273 21.53 -30.68 -16.33
C ALA F 273 20.09 -30.98 -16.00
N TYR F 274 19.90 -31.98 -15.15
CA TYR F 274 18.56 -32.39 -14.69
C TYR F 274 18.62 -32.64 -13.18
N LEU F 275 17.68 -32.07 -12.47
CA LEU F 275 17.60 -32.24 -11.03
C LEU F 275 16.19 -32.58 -10.61
N GLN F 276 16.10 -33.47 -9.63
CA GLN F 276 14.83 -33.92 -9.13
C GLN F 276 14.88 -34.34 -7.67
N SER F 277 13.91 -33.88 -6.89
CA SER F 277 13.72 -34.34 -5.52
C SER F 277 12.29 -34.82 -5.39
N LYS F 278 12.15 -36.13 -5.14
CA LYS F 278 10.84 -36.80 -5.05
C LYS F 278 10.50 -37.11 -3.60
N GLY F 279 9.49 -36.42 -3.07
CA GLY F 279 9.01 -36.68 -1.73
C GLY F 279 8.02 -37.83 -1.64
N LYS F 280 8.26 -38.74 -0.69
CA LYS F 280 7.41 -39.90 -0.48
C LYS F 280 6.67 -39.84 0.85
N ASN F 281 5.41 -40.26 0.83
CA ASN F 281 4.56 -40.33 2.03
C ASN F 281 4.81 -39.17 3.00
N LEU F 282 4.59 -37.96 2.51
CA LEU F 282 5.00 -36.73 3.19
C LEU F 282 4.15 -36.40 4.43
N GLY F 283 2.90 -36.82 4.41
CA GLY F 283 2.01 -36.55 5.52
C GLY F 283 1.12 -35.37 5.16
N ARG F 284 0.16 -35.11 6.04
CA ARG F 284 -0.70 -33.93 5.94
C ARG F 284 -1.53 -33.93 4.66
N GLY F 285 -1.90 -35.14 4.22
CA GLY F 285 -2.70 -35.33 3.00
C GLY F 285 -1.98 -35.20 1.67
N TYR F 286 -0.66 -35.11 1.69
CA TYR F 286 0.11 -34.88 0.45
C TYR F 286 0.62 -36.11 -0.27
N ASP F 287 0.87 -37.20 0.47
CA ASP F 287 1.38 -38.46 -0.11
C ASP F 287 2.72 -38.29 -0.87
N ASP F 288 2.78 -38.58 -2.17
CA ASP F 288 4.01 -38.39 -2.94
C ASP F 288 3.93 -37.12 -3.78
N GLU F 289 4.93 -36.26 -3.66
CA GLU F 289 5.00 -35.03 -4.44
C GLU F 289 6.45 -34.73 -4.81
N ASP F 290 6.62 -34.08 -5.96
CA ASP F 290 7.91 -33.54 -6.36
C ASP F 290 8.23 -32.30 -5.53
N ILE F 291 9.38 -32.27 -4.91
CA ILE F 291 9.82 -31.11 -4.12
C ILE F 291 10.59 -30.16 -5.03
N LEU F 292 11.20 -30.75 -6.03
CA LEU F 292 12.05 -30.06 -6.97
C LEU F 292 12.07 -30.90 -8.24
N LYS F 293 12.04 -30.24 -9.39
CA LYS F 293 12.12 -30.90 -10.67
C LYS F 293 12.39 -29.86 -11.74
N TYR F 294 13.61 -29.83 -12.25
CA TYR F 294 13.91 -28.92 -13.34
C TYR F 294 15.04 -29.36 -14.23
N VAL F 295 14.97 -28.87 -15.45
CA VAL F 295 16.03 -29.05 -16.42
C VAL F 295 16.80 -27.74 -16.48
N ASP F 296 18.10 -27.84 -16.64
CA ASP F 296 18.95 -26.65 -16.64
C ASP F 296 19.80 -26.62 -17.89
N VAL F 297 19.71 -25.52 -18.63
CA VAL F 297 20.50 -25.29 -19.83
C VAL F 297 21.28 -23.99 -19.65
N GLY F 298 22.58 -24.04 -19.91
CA GLY F 298 23.40 -22.85 -19.75
C GLY F 298 24.72 -22.95 -20.50
N ALA F 299 25.43 -21.84 -20.47
CA ALA F 299 26.72 -21.70 -21.13
C ALA F 299 27.52 -20.67 -20.38
N THR F 300 28.80 -20.96 -20.18
CA THR F 300 29.75 -20.03 -19.60
C THR F 300 30.78 -19.77 -20.67
N TYR F 301 31.12 -18.50 -20.87
CA TYR F 301 32.25 -18.16 -21.73
C TYR F 301 33.37 -17.65 -20.83
N TYR F 302 34.52 -18.31 -20.92
CA TYR F 302 35.70 -18.00 -20.10
C TYR F 302 36.66 -17.15 -20.90
N PHE F 303 36.72 -15.85 -20.64
CA PHE F 303 37.68 -14.99 -21.34
C PHE F 303 39.12 -15.42 -20.97
N ASN F 304 39.33 -15.75 -19.70
CA ASN F 304 40.60 -16.28 -19.17
C ASN F 304 40.35 -16.76 -17.72
N LYS F 305 41.38 -16.92 -16.89
CA LYS F 305 41.18 -17.46 -15.52
C LYS F 305 40.46 -16.50 -14.58
N ASN F 306 40.44 -15.23 -14.96
CA ASN F 306 39.96 -14.16 -14.06
C ASN F 306 38.63 -13.53 -14.50
N MET F 307 38.16 -13.86 -15.70
CA MET F 307 36.98 -13.19 -16.26
C MET F 307 36.11 -14.16 -17.03
N SER F 308 34.82 -14.13 -16.76
CA SER F 308 33.88 -15.00 -17.44
C SER F 308 32.50 -14.41 -17.45
N THR F 309 31.68 -14.89 -18.39
CA THR F 309 30.29 -14.51 -18.47
C THR F 309 29.41 -15.72 -18.78
N TYR F 310 28.19 -15.71 -18.28
CA TYR F 310 27.32 -16.87 -18.42
C TYR F 310 25.83 -16.57 -18.45
N VAL F 311 25.11 -17.48 -19.08
CA VAL F 311 23.66 -17.52 -19.01
C VAL F 311 23.30 -18.91 -18.47
N ASP F 312 22.36 -18.94 -17.54
CA ASP F 312 21.83 -20.19 -16.97
C ASP F 312 20.30 -20.13 -17.07
N TYR F 313 19.71 -21.15 -17.68
CA TYR F 313 18.26 -21.22 -17.87
C TYR F 313 17.66 -22.41 -17.14
N LYS F 314 16.93 -22.12 -16.06
CA LYS F 314 16.25 -23.14 -15.27
C LYS F 314 14.85 -23.29 -15.82
N ILE F 315 14.61 -24.44 -16.45
CA ILE F 315 13.31 -24.79 -16.97
C ILE F 315 12.61 -25.57 -15.88
N ASN F 316 11.72 -24.89 -15.18
CA ASN F 316 11.13 -25.43 -13.97
C ASN F 316 9.98 -26.33 -14.33
N LEU F 317 10.09 -27.61 -14.00
CA LEU F 317 9.07 -28.58 -14.44
C LEU F 317 7.99 -28.85 -13.40
N LEU F 318 8.08 -28.20 -12.23
CA LEU F 318 7.04 -28.38 -11.21
C LEU F 318 5.76 -27.73 -11.68
N ASP F 319 4.64 -28.38 -11.36
CA ASP F 319 3.33 -27.84 -11.62
C ASP F 319 2.91 -27.03 -10.42
N ASP F 320 2.26 -25.92 -10.67
CA ASP F 320 1.63 -25.13 -9.62
C ASP F 320 0.38 -25.92 -9.17
N ASN F 321 0.43 -26.36 -7.92
CA ASN F 321 -0.65 -27.15 -7.30
C ASN F 321 -0.74 -26.81 -5.80
N ARG F 322 -1.61 -27.50 -5.08
CA ARG F 322 -1.86 -27.24 -3.66
C ARG F 322 -0.58 -27.35 -2.85
N PHE F 323 0.15 -28.41 -3.10
CA PHE F 323 1.38 -28.70 -2.37
C PHE F 323 2.43 -27.61 -2.53
N THR F 324 2.67 -27.17 -3.76
CA THR F 324 3.77 -26.20 -4.00
C THR F 324 3.41 -24.82 -3.43
N ARG F 325 2.12 -24.50 -3.45
CA ARG F 325 1.63 -23.23 -2.90
C ARG F 325 1.71 -23.23 -1.38
N ASP F 326 1.25 -24.32 -0.78
CA ASP F 326 1.36 -24.52 0.66
C ASP F 326 2.82 -24.52 1.13
N ALA F 327 3.67 -25.21 0.39
CA ALA F 327 5.10 -25.27 0.69
C ALA F 327 5.85 -23.97 0.37
N GLY F 328 5.29 -23.12 -0.49
CA GLY F 328 5.97 -21.91 -0.94
C GLY F 328 7.11 -22.20 -1.92
N ILE F 329 7.00 -23.29 -2.67
CA ILE F 329 8.04 -23.67 -3.63
C ILE F 329 7.82 -22.99 -4.98
N ASN F 330 8.92 -22.47 -5.53
CA ASN F 330 8.92 -21.80 -6.83
C ASN F 330 8.69 -22.82 -7.92
N THR F 331 7.68 -22.56 -8.74
CA THR F 331 7.38 -23.42 -9.87
C THR F 331 7.69 -22.70 -11.19
N ASP F 332 8.18 -21.45 -11.13
CA ASP F 332 8.51 -20.67 -12.33
C ASP F 332 9.97 -20.83 -12.81
N ASP F 333 10.13 -20.53 -14.10
CA ASP F 333 11.43 -20.56 -14.76
C ASP F 333 12.25 -19.36 -14.30
N ILE F 334 13.58 -19.50 -14.35
CA ILE F 334 14.49 -18.38 -14.06
C ILE F 334 15.62 -18.41 -15.08
N VAL F 335 15.98 -17.24 -15.62
CA VAL F 335 17.19 -17.06 -16.44
C VAL F 335 18.14 -16.19 -15.62
N ALA F 336 19.39 -16.59 -15.55
CA ALA F 336 20.41 -15.85 -14.84
C ALA F 336 21.43 -15.39 -15.84
N LEU F 337 21.81 -14.14 -15.73
CA LEU F 337 22.80 -13.53 -16.61
C LEU F 337 23.89 -12.90 -15.74
N GLY F 338 25.11 -13.34 -15.96
CA GLY F 338 26.24 -12.98 -15.11
C GLY F 338 27.50 -12.60 -15.83
N LEU F 339 28.25 -11.70 -15.20
CA LEU F 339 29.57 -11.24 -15.64
C LEU F 339 30.42 -11.25 -14.36
N VAL F 340 31.54 -11.98 -14.40
CA VAL F 340 32.27 -12.41 -13.20
C VAL F 340 33.76 -12.12 -13.27
N TYR F 341 34.24 -11.25 -12.38
CA TYR F 341 35.66 -11.01 -12.20
C TYR F 341 36.10 -11.75 -10.95
N GLN F 342 37.15 -12.56 -11.07
CA GLN F 342 37.75 -13.22 -9.92
C GLN F 342 39.25 -13.14 -9.94
N PHE F 343 39.80 -13.25 -8.74
CA PHE F 343 41.24 -13.22 -8.49
C PHE F 343 41.57 -14.34 -7.48
#